data_2Q3H
# 
_entry.id   2Q3H 
# 
_audit_conform.dict_name       mmcif_pdbx.dic 
_audit_conform.dict_version    5.398 
_audit_conform.dict_location   http://mmcif.pdb.org/dictionaries/ascii/mmcif_pdbx.dic 
# 
loop_
_database_2.database_id 
_database_2.database_code 
_database_2.pdbx_database_accession 
_database_2.pdbx_DOI 
PDB   2Q3H         pdb_00002q3h 10.2210/pdb2q3h/pdb 
RCSB  RCSB043101   ?            ?                   
WWPDB D_1000043101 ?            ?                   
# 
loop_
_pdbx_audit_revision_history.ordinal 
_pdbx_audit_revision_history.data_content_type 
_pdbx_audit_revision_history.major_revision 
_pdbx_audit_revision_history.minor_revision 
_pdbx_audit_revision_history.revision_date 
1 'Structure model' 1 0 2007-06-19 
2 'Structure model' 1 1 2008-05-01 
3 'Structure model' 1 2 2011-07-13 
4 'Structure model' 1 3 2024-04-03 
5 'Structure model' 1 4 2024-11-13 
# 
_pdbx_audit_revision_details.ordinal             1 
_pdbx_audit_revision_details.revision_ordinal    1 
_pdbx_audit_revision_details.data_content_type   'Structure model' 
_pdbx_audit_revision_details.provider            repository 
_pdbx_audit_revision_details.type                'Initial release' 
_pdbx_audit_revision_details.description         ? 
_pdbx_audit_revision_details.details             ? 
# 
loop_
_pdbx_audit_revision_group.ordinal 
_pdbx_audit_revision_group.revision_ordinal 
_pdbx_audit_revision_group.data_content_type 
_pdbx_audit_revision_group.group 
1 2 'Structure model' 'Version format compliance' 
2 3 'Structure model' Advisory                    
3 3 'Structure model' 'Version format compliance' 
4 4 'Structure model' 'Data collection'           
5 4 'Structure model' 'Database references'       
6 4 'Structure model' 'Derived calculations'      
7 4 'Structure model' 'Refinement description'    
8 5 'Structure model' 'Structure summary'         
# 
loop_
_pdbx_audit_revision_category.ordinal 
_pdbx_audit_revision_category.revision_ordinal 
_pdbx_audit_revision_category.data_content_type 
_pdbx_audit_revision_category.category 
1  4 'Structure model' chem_comp_atom                
2  4 'Structure model' chem_comp_bond                
3  4 'Structure model' database_2                    
4  4 'Structure model' pdbx_initial_refinement_model 
5  4 'Structure model' pdbx_struct_conn_angle        
6  4 'Structure model' struct_conn                   
7  4 'Structure model' struct_ref_seq_dif            
8  4 'Structure model' struct_site                   
9  5 'Structure model' pdbx_entry_details            
10 5 'Structure model' pdbx_modification_feature     
# 
loop_
_pdbx_audit_revision_item.ordinal 
_pdbx_audit_revision_item.revision_ordinal 
_pdbx_audit_revision_item.data_content_type 
_pdbx_audit_revision_item.item 
1  4 'Structure model' '_database_2.pdbx_DOI'                        
2  4 'Structure model' '_database_2.pdbx_database_accession'         
3  4 'Structure model' '_pdbx_struct_conn_angle.ptnr1_auth_comp_id'  
4  4 'Structure model' '_pdbx_struct_conn_angle.ptnr1_auth_seq_id'   
5  4 'Structure model' '_pdbx_struct_conn_angle.ptnr1_label_asym_id' 
6  4 'Structure model' '_pdbx_struct_conn_angle.ptnr1_label_atom_id' 
7  4 'Structure model' '_pdbx_struct_conn_angle.ptnr1_label_comp_id' 
8  4 'Structure model' '_pdbx_struct_conn_angle.ptnr1_label_seq_id'  
9  4 'Structure model' '_pdbx_struct_conn_angle.ptnr3_auth_comp_id'  
10 4 'Structure model' '_pdbx_struct_conn_angle.ptnr3_auth_seq_id'   
11 4 'Structure model' '_pdbx_struct_conn_angle.ptnr3_label_asym_id' 
12 4 'Structure model' '_pdbx_struct_conn_angle.ptnr3_label_atom_id' 
13 4 'Structure model' '_pdbx_struct_conn_angle.ptnr3_label_comp_id' 
14 4 'Structure model' '_pdbx_struct_conn_angle.ptnr3_label_seq_id'  
15 4 'Structure model' '_pdbx_struct_conn_angle.value'               
16 4 'Structure model' '_struct_conn.pdbx_dist_value'                
17 4 'Structure model' '_struct_conn.ptnr2_auth_comp_id'             
18 4 'Structure model' '_struct_conn.ptnr2_auth_seq_id'              
19 4 'Structure model' '_struct_conn.ptnr2_label_asym_id'            
20 4 'Structure model' '_struct_conn.ptnr2_label_atom_id'            
21 4 'Structure model' '_struct_conn.ptnr2_label_comp_id'            
22 4 'Structure model' '_struct_conn.ptnr2_label_seq_id'             
23 4 'Structure model' '_struct_ref_seq_dif.details'                 
24 4 'Structure model' '_struct_site.pdbx_auth_asym_id'              
25 4 'Structure model' '_struct_site.pdbx_auth_comp_id'              
26 4 'Structure model' '_struct_site.pdbx_auth_seq_id'               
# 
_pdbx_database_status.status_code                     REL 
_pdbx_database_status.entry_id                        2Q3H 
_pdbx_database_status.recvd_initial_deposition_date   2007-05-30 
_pdbx_database_status.deposit_site                    RCSB 
_pdbx_database_status.process_site                    RCSB 
_pdbx_database_status.status_code_sf                  REL 
_pdbx_database_status.status_code_mr                  ? 
_pdbx_database_status.SG_entry                        Y 
_pdbx_database_status.pdb_format_compatible           Y 
_pdbx_database_status.status_code_cs                  ? 
_pdbx_database_status.status_code_nmr_data            ? 
_pdbx_database_status.methods_development_category    ? 
# 
_pdbx_database_related.db_name        PDB 
_pdbx_database_related.db_id          2Q3H 
_pdbx_database_related.details        . 
_pdbx_database_related.content_type   unspecified 
# 
loop_
_audit_author.name 
_audit_author.pdbx_ordinal 
'Gileadi, C.'                          1  
'Yang, X.'                             2  
'Papagrigoriou, E.'                    3  
'Elkins, J.'                           4  
'Zhao, Y.'                             5  
'Bray, J.'                             6  
'Gileadi, O.'                          7  
'Umeano, C.'                           8  
'Ugochukwu, E.'                        9  
'Uppenberg, J.'                        10 
'Bunkoczi, G.'                         11 
'von Delft, F.'                        12 
'Pike, A.C.W.'                         13 
'Phillips, C.'                         14 
'Savitsky, P.'                         15 
'Fedorov, O.'                          16 
'Edwards, A.'                          17 
'Weigelt, J.'                          18 
'Arrowsmith, C.H.'                     19 
'Sundstrom, M.'                        20 
'Doyle, D.A.'                          21 
'Structural Genomics Consortium (SGC)' 22 
# 
_citation.id                        primary 
_citation.title                     'The crystal structure of RhouA in the GDP-bound state.' 
_citation.journal_abbrev            'To be Published' 
_citation.journal_volume            ? 
_citation.page_first                ? 
_citation.page_last                 ? 
_citation.year                      ? 
_citation.journal_id_ASTM           ? 
_citation.country                   ? 
_citation.journal_id_ISSN           ? 
_citation.journal_id_CSD            0353 
_citation.book_publisher            ? 
_citation.pdbx_database_id_PubMed   ? 
_citation.pdbx_database_id_DOI      ? 
# 
loop_
_citation_author.citation_id 
_citation_author.name 
_citation_author.ordinal 
_citation_author.identifier_ORCID 
primary 'Gileadi, C.'       1  ? 
primary 'Yang, X.'          2  ? 
primary 'Papagrigoriou, E.' 3  ? 
primary 'Elkins, J.'        4  ? 
primary 'Zhao, Y.'          5  ? 
primary 'Bray, J.'          6  ? 
primary 'Gileadi, O.'       7  ? 
primary 'Umeano, C.'        8  ? 
primary 'Ugochukwu, E.'     9  ? 
primary 'Uppenberg, J.'     10 ? 
primary 'Bunkoczi, G.'      11 ? 
primary 'von Delft, F.'     12 ? 
primary 'Pike, A.C.W.'      13 ? 
primary 'Phillips, C.'      14 ? 
primary 'Savitsky, P.'      15 ? 
primary 'Fedorov, O.'       16 ? 
primary 'Edwards, A.'       17 ? 
primary 'Weigelt, J.'       18 ? 
primary 'Arrowsmith, C.H.'  19 ? 
primary 'Sundstrom, M.'     20 ? 
primary 'Doyle, D.A.'       21 ? 
# 
loop_
_entity.id 
_entity.type 
_entity.src_method 
_entity.pdbx_description 
_entity.formula_weight 
_entity.pdbx_number_of_molecules 
_entity.pdbx_ec 
_entity.pdbx_mutation 
_entity.pdbx_fragment 
_entity.details 
1 polymer     man 'Ras homolog gene family, member U' 21686.646 1   ? ? ? ? 
2 non-polymer syn 'MAGNESIUM ION'                     24.305    1   ? ? ? ? 
3 non-polymer syn "GUANOSINE-5'-DIPHOSPHATE"          443.201   1   ? ? ? ? 
4 water       nat water                               18.015    124 ? ? ? ? 
# 
_entity_name_com.entity_id   1 
_entity_name_com.name        
'Ras-like gene family member U, Wrch-1, Ryu GTPase, CDC42-like GTPase, Rho GTPase-like protein ARHU, GTP-binding protein like 1' 
# 
_entity_poly.entity_id                      1 
_entity_poly.type                           'polypeptide(L)' 
_entity_poly.nstd_linkage                   no 
_entity_poly.nstd_monomer                   no 
_entity_poly.pdbx_seq_one_letter_code       
;SMGPGEPGGRGRAGGAEGRGVKCVLVGDGAVGKTSLVVSYTTNGYPTEYIPTAFDNFSAVVSVDGRPVRLQLCDTAGQDE
FDKLRPLCYTNTDIFLLCFSVVSPSSFQNVSEKWVPEIRCHCPKAPIILVGTQSDLREDVKVLIELDKCKEKPVPEEAAK
LLAEEIKAASYIECSALTQKNLKEVFDAAIVAGIQYSDTQQ
;
_entity_poly.pdbx_seq_one_letter_code_can   
;SMGPGEPGGRGRAGGAEGRGVKCVLVGDGAVGKTSLVVSYTTNGYPTEYIPTAFDNFSAVVSVDGRPVRLQLCDTAGQDE
FDKLRPLCYTNTDIFLLCFSVVSPSSFQNVSEKWVPEIRCHCPKAPIILVGTQSDLREDVKVLIELDKCKEKPVPEEAAK
LLAEEIKAASYIECSALTQKNLKEVFDAAIVAGIQYSDTQQ
;
_entity_poly.pdbx_strand_id                 A 
_entity_poly.pdbx_target_identifier         ? 
# 
loop_
_pdbx_entity_nonpoly.entity_id 
_pdbx_entity_nonpoly.name 
_pdbx_entity_nonpoly.comp_id 
2 'MAGNESIUM ION'            MG  
3 "GUANOSINE-5'-DIPHOSPHATE" GDP 
4 water                      HOH 
# 
loop_
_entity_poly_seq.entity_id 
_entity_poly_seq.num 
_entity_poly_seq.mon_id 
_entity_poly_seq.hetero 
1 1   SER n 
1 2   MET n 
1 3   GLY n 
1 4   PRO n 
1 5   GLY n 
1 6   GLU n 
1 7   PRO n 
1 8   GLY n 
1 9   GLY n 
1 10  ARG n 
1 11  GLY n 
1 12  ARG n 
1 13  ALA n 
1 14  GLY n 
1 15  GLY n 
1 16  ALA n 
1 17  GLU n 
1 18  GLY n 
1 19  ARG n 
1 20  GLY n 
1 21  VAL n 
1 22  LYS n 
1 23  CYS n 
1 24  VAL n 
1 25  LEU n 
1 26  VAL n 
1 27  GLY n 
1 28  ASP n 
1 29  GLY n 
1 30  ALA n 
1 31  VAL n 
1 32  GLY n 
1 33  LYS n 
1 34  THR n 
1 35  SER n 
1 36  LEU n 
1 37  VAL n 
1 38  VAL n 
1 39  SER n 
1 40  TYR n 
1 41  THR n 
1 42  THR n 
1 43  ASN n 
1 44  GLY n 
1 45  TYR n 
1 46  PRO n 
1 47  THR n 
1 48  GLU n 
1 49  TYR n 
1 50  ILE n 
1 51  PRO n 
1 52  THR n 
1 53  ALA n 
1 54  PHE n 
1 55  ASP n 
1 56  ASN n 
1 57  PHE n 
1 58  SER n 
1 59  ALA n 
1 60  VAL n 
1 61  VAL n 
1 62  SER n 
1 63  VAL n 
1 64  ASP n 
1 65  GLY n 
1 66  ARG n 
1 67  PRO n 
1 68  VAL n 
1 69  ARG n 
1 70  LEU n 
1 71  GLN n 
1 72  LEU n 
1 73  CYS n 
1 74  ASP n 
1 75  THR n 
1 76  ALA n 
1 77  GLY n 
1 78  GLN n 
1 79  ASP n 
1 80  GLU n 
1 81  PHE n 
1 82  ASP n 
1 83  LYS n 
1 84  LEU n 
1 85  ARG n 
1 86  PRO n 
1 87  LEU n 
1 88  CYS n 
1 89  TYR n 
1 90  THR n 
1 91  ASN n 
1 92  THR n 
1 93  ASP n 
1 94  ILE n 
1 95  PHE n 
1 96  LEU n 
1 97  LEU n 
1 98  CYS n 
1 99  PHE n 
1 100 SER n 
1 101 VAL n 
1 102 VAL n 
1 103 SER n 
1 104 PRO n 
1 105 SER n 
1 106 SER n 
1 107 PHE n 
1 108 GLN n 
1 109 ASN n 
1 110 VAL n 
1 111 SER n 
1 112 GLU n 
1 113 LYS n 
1 114 TRP n 
1 115 VAL n 
1 116 PRO n 
1 117 GLU n 
1 118 ILE n 
1 119 ARG n 
1 120 CYS n 
1 121 HIS n 
1 122 CYS n 
1 123 PRO n 
1 124 LYS n 
1 125 ALA n 
1 126 PRO n 
1 127 ILE n 
1 128 ILE n 
1 129 LEU n 
1 130 VAL n 
1 131 GLY n 
1 132 THR n 
1 133 GLN n 
1 134 SER n 
1 135 ASP n 
1 136 LEU n 
1 137 ARG n 
1 138 GLU n 
1 139 ASP n 
1 140 VAL n 
1 141 LYS n 
1 142 VAL n 
1 143 LEU n 
1 144 ILE n 
1 145 GLU n 
1 146 LEU n 
1 147 ASP n 
1 148 LYS n 
1 149 CYS n 
1 150 LYS n 
1 151 GLU n 
1 152 LYS n 
1 153 PRO n 
1 154 VAL n 
1 155 PRO n 
1 156 GLU n 
1 157 GLU n 
1 158 ALA n 
1 159 ALA n 
1 160 LYS n 
1 161 LEU n 
1 162 LEU n 
1 163 ALA n 
1 164 GLU n 
1 165 GLU n 
1 166 ILE n 
1 167 LYS n 
1 168 ALA n 
1 169 ALA n 
1 170 SER n 
1 171 TYR n 
1 172 ILE n 
1 173 GLU n 
1 174 CYS n 
1 175 SER n 
1 176 ALA n 
1 177 LEU n 
1 178 THR n 
1 179 GLN n 
1 180 LYS n 
1 181 ASN n 
1 182 LEU n 
1 183 LYS n 
1 184 GLU n 
1 185 VAL n 
1 186 PHE n 
1 187 ASP n 
1 188 ALA n 
1 189 ALA n 
1 190 ILE n 
1 191 VAL n 
1 192 ALA n 
1 193 GLY n 
1 194 ILE n 
1 195 GLN n 
1 196 TYR n 
1 197 SER n 
1 198 ASP n 
1 199 THR n 
1 200 GLN n 
1 201 GLN n 
# 
_entity_src_gen.entity_id                          1 
_entity_src_gen.pdbx_src_id                        1 
_entity_src_gen.pdbx_alt_source_flag               sample 
_entity_src_gen.pdbx_seq_type                      ? 
_entity_src_gen.pdbx_beg_seq_num                   ? 
_entity_src_gen.pdbx_end_seq_num                   ? 
_entity_src_gen.gene_src_common_name               human 
_entity_src_gen.gene_src_genus                     Homo 
_entity_src_gen.pdbx_gene_src_gene                 RHOU 
_entity_src_gen.gene_src_species                   ? 
_entity_src_gen.gene_src_strain                    ? 
_entity_src_gen.gene_src_tissue                    ? 
_entity_src_gen.gene_src_tissue_fraction           ? 
_entity_src_gen.gene_src_details                   ? 
_entity_src_gen.pdbx_gene_src_fragment             ? 
_entity_src_gen.pdbx_gene_src_scientific_name      'Homo sapiens' 
_entity_src_gen.pdbx_gene_src_ncbi_taxonomy_id     9606 
_entity_src_gen.pdbx_gene_src_variant              ? 
_entity_src_gen.pdbx_gene_src_cell_line            ? 
_entity_src_gen.pdbx_gene_src_atcc                 ? 
_entity_src_gen.pdbx_gene_src_organ                ? 
_entity_src_gen.pdbx_gene_src_organelle            ? 
_entity_src_gen.pdbx_gene_src_cell                 ? 
_entity_src_gen.pdbx_gene_src_cellular_location    ? 
_entity_src_gen.host_org_common_name               ? 
_entity_src_gen.pdbx_host_org_scientific_name      'Escherichia coli' 
_entity_src_gen.pdbx_host_org_ncbi_taxonomy_id     562 
_entity_src_gen.host_org_genus                     Escherichia 
_entity_src_gen.pdbx_host_org_gene                 ? 
_entity_src_gen.pdbx_host_org_organ                ? 
_entity_src_gen.host_org_species                   ? 
_entity_src_gen.pdbx_host_org_tissue               ? 
_entity_src_gen.pdbx_host_org_tissue_fraction      ? 
_entity_src_gen.pdbx_host_org_strain               
'BL21(DE3) with with pRARE plasmid encoding rare codon tRNAs,(chloramphenicol-resistant)' 
_entity_src_gen.pdbx_host_org_variant              ? 
_entity_src_gen.pdbx_host_org_cell_line            ? 
_entity_src_gen.pdbx_host_org_atcc                 ? 
_entity_src_gen.pdbx_host_org_culture_collection   ? 
_entity_src_gen.pdbx_host_org_cell                 ? 
_entity_src_gen.pdbx_host_org_organelle            ? 
_entity_src_gen.pdbx_host_org_cellular_location    ? 
_entity_src_gen.pdbx_host_org_vector_type          plasmid 
_entity_src_gen.pdbx_host_org_vector               ? 
_entity_src_gen.host_org_details                   ? 
_entity_src_gen.expression_system_id               ? 
_entity_src_gen.plasmid_name                       pNIC28-Bsa4 
_entity_src_gen.plasmid_details                    ? 
_entity_src_gen.pdbx_description                   ? 
# 
loop_
_chem_comp.id 
_chem_comp.type 
_chem_comp.mon_nstd_flag 
_chem_comp.name 
_chem_comp.pdbx_synonyms 
_chem_comp.formula 
_chem_comp.formula_weight 
ALA 'L-peptide linking' y ALANINE                    ? 'C3 H7 N O2'        89.093  
ARG 'L-peptide linking' y ARGININE                   ? 'C6 H15 N4 O2 1'    175.209 
ASN 'L-peptide linking' y ASPARAGINE                 ? 'C4 H8 N2 O3'       132.118 
ASP 'L-peptide linking' y 'ASPARTIC ACID'            ? 'C4 H7 N O4'        133.103 
CYS 'L-peptide linking' y CYSTEINE                   ? 'C3 H7 N O2 S'      121.158 
GDP 'RNA linking'       n "GUANOSINE-5'-DIPHOSPHATE" ? 'C10 H15 N5 O11 P2' 443.201 
GLN 'L-peptide linking' y GLUTAMINE                  ? 'C5 H10 N2 O3'      146.144 
GLU 'L-peptide linking' y 'GLUTAMIC ACID'            ? 'C5 H9 N O4'        147.129 
GLY 'peptide linking'   y GLYCINE                    ? 'C2 H5 N O2'        75.067  
HIS 'L-peptide linking' y HISTIDINE                  ? 'C6 H10 N3 O2 1'    156.162 
HOH non-polymer         . WATER                      ? 'H2 O'              18.015  
ILE 'L-peptide linking' y ISOLEUCINE                 ? 'C6 H13 N O2'       131.173 
LEU 'L-peptide linking' y LEUCINE                    ? 'C6 H13 N O2'       131.173 
LYS 'L-peptide linking' y LYSINE                     ? 'C6 H15 N2 O2 1'    147.195 
MET 'L-peptide linking' y METHIONINE                 ? 'C5 H11 N O2 S'     149.211 
MG  non-polymer         . 'MAGNESIUM ION'            ? 'Mg 2'              24.305  
PHE 'L-peptide linking' y PHENYLALANINE              ? 'C9 H11 N O2'       165.189 
PRO 'L-peptide linking' y PROLINE                    ? 'C5 H9 N O2'        115.130 
SER 'L-peptide linking' y SERINE                     ? 'C3 H7 N O3'        105.093 
THR 'L-peptide linking' y THREONINE                  ? 'C4 H9 N O3'        119.119 
TRP 'L-peptide linking' y TRYPTOPHAN                 ? 'C11 H12 N2 O2'     204.225 
TYR 'L-peptide linking' y TYROSINE                   ? 'C9 H11 N O3'       181.189 
VAL 'L-peptide linking' y VALINE                     ? 'C5 H11 N O2'       117.146 
# 
loop_
_pdbx_poly_seq_scheme.asym_id 
_pdbx_poly_seq_scheme.entity_id 
_pdbx_poly_seq_scheme.seq_id 
_pdbx_poly_seq_scheme.mon_id 
_pdbx_poly_seq_scheme.ndb_seq_num 
_pdbx_poly_seq_scheme.pdb_seq_num 
_pdbx_poly_seq_scheme.auth_seq_num 
_pdbx_poly_seq_scheme.pdb_mon_id 
_pdbx_poly_seq_scheme.auth_mon_id 
_pdbx_poly_seq_scheme.pdb_strand_id 
_pdbx_poly_seq_scheme.pdb_ins_code 
_pdbx_poly_seq_scheme.hetero 
A 1 1   SER 1   30  ?   ?   ?   A . n 
A 1 2   MET 2   31  ?   ?   ?   A . n 
A 1 3   GLY 3   32  ?   ?   ?   A . n 
A 1 4   PRO 4   33  ?   ?   ?   A . n 
A 1 5   GLY 5   34  ?   ?   ?   A . n 
A 1 6   GLU 6   35  ?   ?   ?   A . n 
A 1 7   PRO 7   36  ?   ?   ?   A . n 
A 1 8   GLY 8   37  ?   ?   ?   A . n 
A 1 9   GLY 9   38  ?   ?   ?   A . n 
A 1 10  ARG 10  39  ?   ?   ?   A . n 
A 1 11  GLY 11  40  ?   ?   ?   A . n 
A 1 12  ARG 12  41  ?   ?   ?   A . n 
A 1 13  ALA 13  42  ?   ?   ?   A . n 
A 1 14  GLY 14  43  ?   ?   ?   A . n 
A 1 15  GLY 15  44  ?   ?   ?   A . n 
A 1 16  ALA 16  45  ?   ?   ?   A . n 
A 1 17  GLU 17  46  ?   ?   ?   A . n 
A 1 18  GLY 18  47  ?   ?   ?   A . n 
A 1 19  ARG 19  48  ?   ?   ?   A . n 
A 1 20  GLY 20  49  49  GLY GLY A . n 
A 1 21  VAL 21  50  50  VAL VAL A . n 
A 1 22  LYS 22  51  51  LYS LYS A . n 
A 1 23  CYS 23  52  52  CYS CYS A . n 
A 1 24  VAL 24  53  53  VAL VAL A . n 
A 1 25  LEU 25  54  54  LEU LEU A . n 
A 1 26  VAL 26  55  55  VAL VAL A . n 
A 1 27  GLY 27  56  56  GLY GLY A . n 
A 1 28  ASP 28  57  57  ASP ASP A . n 
A 1 29  GLY 29  58  58  GLY GLY A . n 
A 1 30  ALA 30  59  59  ALA ALA A . n 
A 1 31  VAL 31  60  60  VAL VAL A . n 
A 1 32  GLY 32  61  61  GLY GLY A . n 
A 1 33  LYS 33  62  62  LYS LYS A . n 
A 1 34  THR 34  63  63  THR THR A . n 
A 1 35  SER 35  64  64  SER SER A . n 
A 1 36  LEU 36  65  65  LEU LEU A . n 
A 1 37  VAL 37  66  66  VAL VAL A . n 
A 1 38  VAL 38  67  67  VAL VAL A . n 
A 1 39  SER 39  68  68  SER SER A . n 
A 1 40  TYR 40  69  69  TYR TYR A . n 
A 1 41  THR 41  70  70  THR THR A . n 
A 1 42  THR 42  71  71  THR THR A . n 
A 1 43  ASN 43  72  ?   ?   ?   A . n 
A 1 44  GLY 44  73  ?   ?   ?   A . n 
A 1 45  TYR 45  74  ?   ?   ?   A . n 
A 1 46  PRO 46  75  ?   ?   ?   A . n 
A 1 47  THR 47  76  ?   ?   ?   A . n 
A 1 48  GLU 48  77  ?   ?   ?   A . n 
A 1 49  TYR 49  78  ?   ?   ?   A . n 
A 1 50  ILE 50  79  ?   ?   ?   A . n 
A 1 51  PRO 51  80  80  PRO PRO A . n 
A 1 52  THR 52  81  81  THR THR A . n 
A 1 53  ALA 53  82  82  ALA ALA A . n 
A 1 54  PHE 54  83  83  PHE PHE A . n 
A 1 55  ASP 55  84  84  ASP ASP A . n 
A 1 56  ASN 56  85  85  ASN ASN A . n 
A 1 57  PHE 57  86  86  PHE PHE A . n 
A 1 58  SER 58  87  87  SER SER A . n 
A 1 59  ALA 59  88  88  ALA ALA A . n 
A 1 60  VAL 60  89  89  VAL VAL A . n 
A 1 61  VAL 61  90  90  VAL VAL A . n 
A 1 62  SER 62  91  91  SER SER A . n 
A 1 63  VAL 63  92  92  VAL VAL A . n 
A 1 64  ASP 64  93  93  ASP ASP A . n 
A 1 65  GLY 65  94  94  GLY GLY A . n 
A 1 66  ARG 66  95  95  ARG ARG A . n 
A 1 67  PRO 67  96  96  PRO PRO A . n 
A 1 68  VAL 68  97  97  VAL VAL A . n 
A 1 69  ARG 69  98  98  ARG ARG A . n 
A 1 70  LEU 70  99  99  LEU LEU A . n 
A 1 71  GLN 71  100 100 GLN GLN A . n 
A 1 72  LEU 72  101 101 LEU LEU A . n 
A 1 73  CYS 73  102 102 CYS CYS A . n 
A 1 74  ASP 74  103 103 ASP ASP A . n 
A 1 75  THR 75  104 104 THR THR A . n 
A 1 76  ALA 76  105 105 ALA ALA A . n 
A 1 77  GLY 77  106 106 GLY GLY A . n 
A 1 78  GLN 78  107 107 GLN GLN A . n 
A 1 79  ASP 79  108 108 ASP ASP A . n 
A 1 80  GLU 80  109 109 GLU GLU A . n 
A 1 81  PHE 81  110 110 PHE PHE A . n 
A 1 82  ASP 82  111 111 ASP ASP A . n 
A 1 83  LYS 83  112 112 LYS LYS A . n 
A 1 84  LEU 84  113 113 LEU LEU A . n 
A 1 85  ARG 85  114 114 ARG ARG A . n 
A 1 86  PRO 86  115 115 PRO PRO A . n 
A 1 87  LEU 87  116 116 LEU LEU A . n 
A 1 88  CYS 88  117 117 CYS CYS A . n 
A 1 89  TYR 89  118 118 TYR TYR A . n 
A 1 90  THR 90  119 119 THR THR A . n 
A 1 91  ASN 91  120 120 ASN ASN A . n 
A 1 92  THR 92  121 121 THR THR A . n 
A 1 93  ASP 93  122 122 ASP ASP A . n 
A 1 94  ILE 94  123 123 ILE ILE A . n 
A 1 95  PHE 95  124 124 PHE PHE A . n 
A 1 96  LEU 96  125 125 LEU LEU A . n 
A 1 97  LEU 97  126 126 LEU LEU A . n 
A 1 98  CYS 98  127 127 CYS CYS A . n 
A 1 99  PHE 99  128 128 PHE PHE A . n 
A 1 100 SER 100 129 129 SER SER A . n 
A 1 101 VAL 101 130 130 VAL VAL A . n 
A 1 102 VAL 102 131 131 VAL VAL A . n 
A 1 103 SER 103 132 132 SER SER A . n 
A 1 104 PRO 104 133 133 PRO PRO A . n 
A 1 105 SER 105 134 134 SER SER A . n 
A 1 106 SER 106 135 135 SER SER A . n 
A 1 107 PHE 107 136 136 PHE PHE A . n 
A 1 108 GLN 108 137 137 GLN GLN A . n 
A 1 109 ASN 109 138 138 ASN ASN A . n 
A 1 110 VAL 110 139 139 VAL VAL A . n 
A 1 111 SER 111 140 140 SER SER A . n 
A 1 112 GLU 112 141 141 GLU GLU A . n 
A 1 113 LYS 113 142 142 LYS LYS A . n 
A 1 114 TRP 114 143 143 TRP TRP A . n 
A 1 115 VAL 115 144 144 VAL VAL A . n 
A 1 116 PRO 116 145 145 PRO PRO A . n 
A 1 117 GLU 117 146 146 GLU GLU A . n 
A 1 118 ILE 118 147 147 ILE ILE A . n 
A 1 119 ARG 119 148 148 ARG ARG A . n 
A 1 120 CYS 120 149 149 CYS CYS A . n 
A 1 121 HIS 121 150 150 HIS HIS A . n 
A 1 122 CYS 122 151 151 CYS CYS A . n 
A 1 123 PRO 123 152 152 PRO PRO A . n 
A 1 124 LYS 124 153 153 LYS LYS A . n 
A 1 125 ALA 125 154 154 ALA ALA A . n 
A 1 126 PRO 126 155 155 PRO PRO A . n 
A 1 127 ILE 127 156 156 ILE ILE A . n 
A 1 128 ILE 128 157 157 ILE ILE A . n 
A 1 129 LEU 129 158 158 LEU LEU A . n 
A 1 130 VAL 130 159 159 VAL VAL A . n 
A 1 131 GLY 131 160 160 GLY GLY A . n 
A 1 132 THR 132 161 161 THR THR A . n 
A 1 133 GLN 133 162 162 GLN GLN A . n 
A 1 134 SER 134 163 163 SER SER A . n 
A 1 135 ASP 135 164 164 ASP ASP A . n 
A 1 136 LEU 136 165 165 LEU LEU A . n 
A 1 137 ARG 137 166 166 ARG ARG A . n 
A 1 138 GLU 138 167 167 GLU GLU A . n 
A 1 139 ASP 139 168 168 ASP ASP A . n 
A 1 140 VAL 140 169 169 VAL VAL A . n 
A 1 141 LYS 141 170 170 LYS LYS A . n 
A 1 142 VAL 142 171 171 VAL VAL A . n 
A 1 143 LEU 143 172 172 LEU LEU A . n 
A 1 144 ILE 144 173 173 ILE ILE A . n 
A 1 145 GLU 145 174 174 GLU GLU A . n 
A 1 146 LEU 146 175 175 LEU LEU A . n 
A 1 147 ASP 147 176 176 ASP ASP A . n 
A 1 148 LYS 148 177 177 LYS LYS A . n 
A 1 149 CYS 149 178 178 CYS CYS A . n 
A 1 150 LYS 150 179 179 LYS LYS A . n 
A 1 151 GLU 151 180 180 GLU GLU A . n 
A 1 152 LYS 152 181 181 LYS LYS A . n 
A 1 153 PRO 153 182 182 PRO PRO A . n 
A 1 154 VAL 154 183 183 VAL VAL A . n 
A 1 155 PRO 155 184 184 PRO PRO A . n 
A 1 156 GLU 156 185 185 GLU GLU A . n 
A 1 157 GLU 157 186 186 GLU GLU A . n 
A 1 158 ALA 158 187 187 ALA ALA A . n 
A 1 159 ALA 159 188 188 ALA ALA A . n 
A 1 160 LYS 160 189 189 LYS LYS A . n 
A 1 161 LEU 161 190 190 LEU LEU A . n 
A 1 162 LEU 162 191 191 LEU LEU A . n 
A 1 163 ALA 163 192 192 ALA ALA A . n 
A 1 164 GLU 164 193 193 GLU GLU A . n 
A 1 165 GLU 165 194 194 GLU GLU A . n 
A 1 166 ILE 166 195 195 ILE ILE A . n 
A 1 167 LYS 167 196 196 LYS LYS A . n 
A 1 168 ALA 168 197 197 ALA ALA A . n 
A 1 169 ALA 169 198 198 ALA ALA A . n 
A 1 170 SER 170 199 199 SER SER A . n 
A 1 171 TYR 171 200 200 TYR TYR A . n 
A 1 172 ILE 172 201 201 ILE ILE A . n 
A 1 173 GLU 173 202 202 GLU GLU A . n 
A 1 174 CYS 174 203 203 CYS CYS A . n 
A 1 175 SER 175 204 204 SER SER A . n 
A 1 176 ALA 176 205 205 ALA ALA A . n 
A 1 177 LEU 177 206 206 LEU LEU A . n 
A 1 178 THR 178 207 207 THR THR A . n 
A 1 179 GLN 179 208 208 GLN GLN A . n 
A 1 180 LYS 180 209 209 LYS LYS A . n 
A 1 181 ASN 181 210 210 ASN ASN A . n 
A 1 182 LEU 182 211 211 LEU LEU A . n 
A 1 183 LYS 183 212 212 LYS LYS A . n 
A 1 184 GLU 184 213 213 GLU GLU A . n 
A 1 185 VAL 185 214 214 VAL VAL A . n 
A 1 186 PHE 186 215 215 PHE PHE A . n 
A 1 187 ASP 187 216 216 ASP ASP A . n 
A 1 188 ALA 188 217 217 ALA ALA A . n 
A 1 189 ALA 189 218 218 ALA ALA A . n 
A 1 190 ILE 190 219 219 ILE ILE A . n 
A 1 191 VAL 191 220 220 VAL VAL A . n 
A 1 192 ALA 192 221 221 ALA ALA A . n 
A 1 193 GLY 193 222 222 GLY GLY A . n 
A 1 194 ILE 194 223 223 ILE ILE A . n 
A 1 195 GLN 195 224 224 GLN GLN A . n 
A 1 196 TYR 196 225 225 TYR TYR A . n 
A 1 197 SER 197 226 226 SER SER A . n 
A 1 198 ASP 198 227 227 ASP ASP A . n 
A 1 199 THR 199 228 ?   ?   ?   A . n 
A 1 200 GLN 200 229 ?   ?   ?   A . n 
A 1 201 GLN 201 230 ?   ?   ?   A . n 
# 
loop_
_pdbx_nonpoly_scheme.asym_id 
_pdbx_nonpoly_scheme.entity_id 
_pdbx_nonpoly_scheme.mon_id 
_pdbx_nonpoly_scheme.ndb_seq_num 
_pdbx_nonpoly_scheme.pdb_seq_num 
_pdbx_nonpoly_scheme.auth_seq_num 
_pdbx_nonpoly_scheme.pdb_mon_id 
_pdbx_nonpoly_scheme.auth_mon_id 
_pdbx_nonpoly_scheme.pdb_strand_id 
_pdbx_nonpoly_scheme.pdb_ins_code 
B 2 MG  1   1    1    MG  MG  A . 
C 3 GDP 1   3444 3444 GDP GDP A . 
D 4 HOH 1   3445 2    HOH HOH A . 
D 4 HOH 2   3446 3    HOH HOH A . 
D 4 HOH 3   3447 4    HOH HOH A . 
D 4 HOH 4   3448 5    HOH HOH A . 
D 4 HOH 5   3449 6    HOH HOH A . 
D 4 HOH 6   3450 8    HOH HOH A . 
D 4 HOH 7   3451 9    HOH HOH A . 
D 4 HOH 8   3452 10   HOH HOH A . 
D 4 HOH 9   3453 11   HOH HOH A . 
D 4 HOH 10  3454 12   HOH HOH A . 
D 4 HOH 11  3455 13   HOH HOH A . 
D 4 HOH 12  3456 14   HOH HOH A . 
D 4 HOH 13  3457 15   HOH HOH A . 
D 4 HOH 14  3458 16   HOH HOH A . 
D 4 HOH 15  3459 17   HOH HOH A . 
D 4 HOH 16  3460 18   HOH HOH A . 
D 4 HOH 17  3461 19   HOH HOH A . 
D 4 HOH 18  3462 20   HOH HOH A . 
D 4 HOH 19  3463 21   HOH HOH A . 
D 4 HOH 20  3464 24   HOH HOH A . 
D 4 HOH 21  3465 25   HOH HOH A . 
D 4 HOH 22  3466 26   HOH HOH A . 
D 4 HOH 23  3467 27   HOH HOH A . 
D 4 HOH 24  3468 28   HOH HOH A . 
D 4 HOH 25  3469 29   HOH HOH A . 
D 4 HOH 26  3470 30   HOH HOH A . 
D 4 HOH 27  3471 33   HOH HOH A . 
D 4 HOH 28  3472 34   HOH HOH A . 
D 4 HOH 29  3473 35   HOH HOH A . 
D 4 HOH 30  3474 36   HOH HOH A . 
D 4 HOH 31  3475 37   HOH HOH A . 
D 4 HOH 32  3476 39   HOH HOH A . 
D 4 HOH 33  3477 40   HOH HOH A . 
D 4 HOH 34  3478 42   HOH HOH A . 
D 4 HOH 35  3479 43   HOH HOH A . 
D 4 HOH 36  3480 48   HOH HOH A . 
D 4 HOH 37  3481 49   HOH HOH A . 
D 4 HOH 38  3482 50   HOH HOH A . 
D 4 HOH 39  3483 51   HOH HOH A . 
D 4 HOH 40  3484 52   HOH HOH A . 
D 4 HOH 41  3485 53   HOH HOH A . 
D 4 HOH 42  3486 54   HOH HOH A . 
D 4 HOH 43  3487 55   HOH HOH A . 
D 4 HOH 44  3488 56   HOH HOH A . 
D 4 HOH 45  3489 58   HOH HOH A . 
D 4 HOH 46  3490 59   HOH HOH A . 
D 4 HOH 47  3491 60   HOH HOH A . 
D 4 HOH 48  3492 61   HOH HOH A . 
D 4 HOH 49  3493 65   HOH HOH A . 
D 4 HOH 50  3494 66   HOH HOH A . 
D 4 HOH 51  3495 67   HOH HOH A . 
D 4 HOH 52  3496 68   HOH HOH A . 
D 4 HOH 53  3497 69   HOH HOH A . 
D 4 HOH 54  3498 70   HOH HOH A . 
D 4 HOH 55  3499 71   HOH HOH A . 
D 4 HOH 56  3500 72   HOH HOH A . 
D 4 HOH 57  3501 73   HOH HOH A . 
D 4 HOH 58  3502 74   HOH HOH A . 
D 4 HOH 59  3503 75   HOH HOH A . 
D 4 HOH 60  3504 76   HOH HOH A . 
D 4 HOH 61  3505 77   HOH HOH A . 
D 4 HOH 62  3506 78   HOH HOH A . 
D 4 HOH 63  3507 79   HOH HOH A . 
D 4 HOH 64  3508 80   HOH HOH A . 
D 4 HOH 65  3509 81   HOH HOH A . 
D 4 HOH 66  3510 82   HOH HOH A . 
D 4 HOH 67  3511 83   HOH HOH A . 
D 4 HOH 68  3512 84   HOH HOH A . 
D 4 HOH 69  3513 85   HOH HOH A . 
D 4 HOH 70  3514 86   HOH HOH A . 
D 4 HOH 71  3515 87   HOH HOH A . 
D 4 HOH 72  3516 88   HOH HOH A . 
D 4 HOH 73  3517 89   HOH HOH A . 
D 4 HOH 74  3518 90   HOH HOH A . 
D 4 HOH 75  3519 91   HOH HOH A . 
D 4 HOH 76  3520 92   HOH HOH A . 
D 4 HOH 77  3521 93   HOH HOH A . 
D 4 HOH 78  3522 94   HOH HOH A . 
D 4 HOH 79  3523 95   HOH HOH A . 
D 4 HOH 80  3524 96   HOH HOH A . 
D 4 HOH 81  3525 97   HOH HOH A . 
D 4 HOH 82  3526 98   HOH HOH A . 
D 4 HOH 83  3527 99   HOH HOH A . 
D 4 HOH 84  3528 100  HOH HOH A . 
D 4 HOH 85  3529 101  HOH HOH A . 
D 4 HOH 86  3530 102  HOH HOH A . 
D 4 HOH 87  3531 103  HOH HOH A . 
D 4 HOH 88  3532 104  HOH HOH A . 
D 4 HOH 89  3533 105  HOH HOH A . 
D 4 HOH 90  3534 106  HOH HOH A . 
D 4 HOH 91  3535 107  HOH HOH A . 
D 4 HOH 92  3536 108  HOH HOH A . 
D 4 HOH 93  3537 109  HOH HOH A . 
D 4 HOH 94  3538 110  HOH HOH A . 
D 4 HOH 95  3539 111  HOH HOH A . 
D 4 HOH 96  3540 112  HOH HOH A . 
D 4 HOH 97  3541 113  HOH HOH A . 
D 4 HOH 98  3542 114  HOH HOH A . 
D 4 HOH 99  3543 115  HOH HOH A . 
D 4 HOH 100 3544 116  HOH HOH A . 
D 4 HOH 101 3545 117  HOH HOH A . 
D 4 HOH 102 3546 118  HOH HOH A . 
D 4 HOH 103 3547 119  HOH HOH A . 
D 4 HOH 104 3548 120  HOH HOH A . 
D 4 HOH 105 3549 121  HOH HOH A . 
D 4 HOH 106 3550 122  HOH HOH A . 
D 4 HOH 107 3551 123  HOH HOH A . 
D 4 HOH 108 3552 124  HOH HOH A . 
D 4 HOH 109 3553 125  HOH HOH A . 
D 4 HOH 110 3554 126  HOH HOH A . 
D 4 HOH 111 3555 127  HOH HOH A . 
D 4 HOH 112 3556 128  HOH HOH A . 
D 4 HOH 113 3557 129  HOH HOH A . 
D 4 HOH 114 3558 130  HOH HOH A . 
D 4 HOH 115 3559 131  HOH HOH A . 
D 4 HOH 116 3560 132  HOH HOH A . 
D 4 HOH 117 3561 133  HOH HOH A . 
D 4 HOH 118 3562 134  HOH HOH A . 
D 4 HOH 119 3563 135  HOH HOH A . 
D 4 HOH 120 3564 136  HOH HOH A . 
D 4 HOH 121 3565 137  HOH HOH A . 
D 4 HOH 122 3566 138  HOH HOH A . 
D 4 HOH 123 3567 139  HOH HOH A . 
D 4 HOH 124 3568 140  HOH HOH A . 
# 
loop_
_pdbx_unobs_or_zero_occ_atoms.id 
_pdbx_unobs_or_zero_occ_atoms.PDB_model_num 
_pdbx_unobs_or_zero_occ_atoms.polymer_flag 
_pdbx_unobs_or_zero_occ_atoms.occupancy_flag 
_pdbx_unobs_or_zero_occ_atoms.auth_asym_id 
_pdbx_unobs_or_zero_occ_atoms.auth_comp_id 
_pdbx_unobs_or_zero_occ_atoms.auth_seq_id 
_pdbx_unobs_or_zero_occ_atoms.PDB_ins_code 
_pdbx_unobs_or_zero_occ_atoms.auth_atom_id 
_pdbx_unobs_or_zero_occ_atoms.label_alt_id 
_pdbx_unobs_or_zero_occ_atoms.label_asym_id 
_pdbx_unobs_or_zero_occ_atoms.label_comp_id 
_pdbx_unobs_or_zero_occ_atoms.label_seq_id 
_pdbx_unobs_or_zero_occ_atoms.label_atom_id 
1  1 Y 1 A LYS 112 ? CG  ? A LYS 83  CG  
2  1 Y 1 A LYS 112 ? CD  ? A LYS 83  CD  
3  1 Y 1 A LYS 112 ? CE  ? A LYS 83  CE  
4  1 Y 1 A LYS 112 ? NZ  ? A LYS 83  NZ  
5  1 Y 1 A LEU 113 ? CG  ? A LEU 84  CG  
6  1 Y 1 A LEU 113 ? CD1 ? A LEU 84  CD1 
7  1 Y 1 A LEU 113 ? CD2 ? A LEU 84  CD2 
8  1 Y 1 A GLN 137 ? CD  ? A GLN 108 CD  
9  1 Y 1 A GLN 137 ? OE1 ? A GLN 108 OE1 
10 1 Y 1 A GLN 137 ? NE2 ? A GLN 108 NE2 
11 1 Y 1 A LYS 153 ? CG  ? A LYS 124 CG  
12 1 Y 1 A LYS 153 ? CD  ? A LYS 124 CD  
13 1 Y 1 A LYS 153 ? CE  ? A LYS 124 CE  
14 1 Y 1 A LYS 153 ? NZ  ? A LYS 124 NZ  
15 1 Y 1 A LYS 170 ? CD  ? A LYS 141 CD  
16 1 Y 1 A LYS 170 ? CE  ? A LYS 141 CE  
17 1 Y 1 A LYS 170 ? NZ  ? A LYS 141 NZ  
18 1 Y 1 A GLU 186 ? CD  ? A GLU 157 CD  
19 1 Y 1 A GLU 186 ? OE1 ? A GLU 157 OE1 
20 1 Y 1 A GLU 186 ? OE2 ? A GLU 157 OE2 
21 1 Y 1 A LYS 189 ? NZ  ? A LYS 160 NZ  
22 1 Y 1 A GLU 194 ? CD  ? A GLU 165 CD  
23 1 Y 1 A GLU 194 ? OE1 ? A GLU 165 OE1 
24 1 Y 1 A GLU 194 ? OE2 ? A GLU 165 OE2 
25 1 Y 1 A LYS 196 ? CE  ? A LYS 167 CE  
26 1 Y 1 A LYS 196 ? NZ  ? A LYS 167 NZ  
27 1 Y 1 A LYS 212 ? CD  ? A LYS 183 CD  
28 1 Y 1 A LYS 212 ? CE  ? A LYS 183 CE  
29 1 Y 1 A LYS 212 ? NZ  ? A LYS 183 NZ  
# 
loop_
_software.name 
_software.classification 
_software.version 
_software.citation_id 
_software.pdbx_ordinal 
REFMAC    refinement        5.3.0034 ? 1 
HKL-2000  'data collection' .        ? 2 
HKL-2000  'data reduction'  .        ? 3 
SCALEPACK 'data scaling'    .        ? 4 
PHASER    phasing           .        ? 5 
# 
_cell.entry_id           2Q3H 
_cell.length_a           82.068 
_cell.length_b           53.600 
_cell.length_c           54.128 
_cell.angle_alpha        90.00 
_cell.angle_beta         118.80 
_cell.angle_gamma        90.00 
_cell.Z_PDB              4 
_cell.pdbx_unique_axis   ? 
_cell.length_a_esd       ? 
_cell.length_b_esd       ? 
_cell.length_c_esd       ? 
_cell.angle_alpha_esd    ? 
_cell.angle_beta_esd     ? 
_cell.angle_gamma_esd    ? 
# 
_symmetry.entry_id                         2Q3H 
_symmetry.space_group_name_H-M             'C 1 2 1' 
_symmetry.pdbx_full_space_group_name_H-M   ? 
_symmetry.cell_setting                     ? 
_symmetry.Int_Tables_number                5 
_symmetry.space_group_name_Hall            ? 
# 
_exptl.entry_id          2Q3H 
_exptl.method            'X-RAY DIFFRACTION' 
_exptl.crystals_number   1 
# 
_exptl_crystal.id                    1 
_exptl_crystal.density_meas          ? 
_exptl_crystal.density_Matthews      2.40 
_exptl_crystal.density_percent_sol   48.83 
_exptl_crystal.description           ? 
_exptl_crystal.F_000                 ? 
_exptl_crystal.preparation           ? 
# 
_exptl_crystal_grow.crystal_id      1 
_exptl_crystal_grow.method          'VAPOR DIFFUSION, SITTING DROP' 
_exptl_crystal_grow.temp            298 
_exptl_crystal_grow.temp_details    ? 
_exptl_crystal_grow.pH              8.5 
_exptl_crystal_grow.pdbx_details    
'0.2M MgCl2;  0.1M TRIS;  25% PEG 3350, pH 8.5, VAPOR DIFFUSION, SITTING DROP, temperature 298K' 
_exptl_crystal_grow.pdbx_pH_range   . 
# 
_diffrn.id                     1 
_diffrn.ambient_temp           100 
_diffrn.ambient_temp_details   ? 
_diffrn.crystal_id             1 
# 
_diffrn_detector.diffrn_id              1 
_diffrn_detector.detector               CCD 
_diffrn_detector.type                   'MARMOSAIC 225 mm CCD' 
_diffrn_detector.pdbx_collection_date   2007-04-16 
_diffrn_detector.details                'Si(111)' 
# 
_diffrn_radiation.diffrn_id                        1 
_diffrn_radiation.wavelength_id                    1 
_diffrn_radiation.pdbx_monochromatic_or_laue_m_l   M 
_diffrn_radiation.monochromator                    ? 
_diffrn_radiation.pdbx_diffrn_protocol             'SINGLE WAVELENGTH' 
_diffrn_radiation.pdbx_scattering_type             x-ray 
# 
_diffrn_radiation_wavelength.id           1 
_diffrn_radiation_wavelength.wavelength   1.03315 
_diffrn_radiation_wavelength.wt           1.0 
# 
_diffrn_source.diffrn_id                   1 
_diffrn_source.source                      SYNCHROTRON 
_diffrn_source.type                        'SLS BEAMLINE X10SA' 
_diffrn_source.pdbx_synchrotron_site       SLS 
_diffrn_source.pdbx_synchrotron_beamline   X10SA 
_diffrn_source.pdbx_wavelength             ? 
_diffrn_source.pdbx_wavelength_list        1.03315 
# 
_reflns.entry_id                     2Q3H 
_reflns.observed_criterion_sigma_F   0 
_reflns.observed_criterion_sigma_I   0 
_reflns.d_resolution_high            1.73 
_reflns.d_resolution_low             47.46 
_reflns.number_all                   21616 
_reflns.number_obs                   21530 
_reflns.percent_possible_obs         99.6 
_reflns.pdbx_Rmerge_I_obs            0.033 
_reflns.pdbx_Rsym_value              0.049 
_reflns.pdbx_netI_over_sigmaI        ? 
_reflns.B_iso_Wilson_estimate        ? 
_reflns.pdbx_redundancy              4.3 
_reflns.R_free_details               ? 
_reflns.limit_h_max                  ? 
_reflns.limit_h_min                  ? 
_reflns.limit_k_max                  ? 
_reflns.limit_k_min                  ? 
_reflns.limit_l_max                  ? 
_reflns.limit_l_min                  ? 
_reflns.observed_criterion_F_max     ? 
_reflns.observed_criterion_F_min     ? 
_reflns.pdbx_chi_squared             ? 
_reflns.pdbx_scaling_rejects         ? 
_reflns.pdbx_ordinal                 1 
_reflns.pdbx_diffrn_id               1 
# 
_reflns_shell.d_res_high             1.73 
_reflns_shell.d_res_low              1.79 
_reflns_shell.percent_possible_all   98.0 
_reflns_shell.Rmerge_I_obs           0.490 
_reflns_shell.pdbx_Rsym_value        0.387 
_reflns_shell.meanI_over_sigI_obs    ? 
_reflns_shell.pdbx_redundancy        3.9 
_reflns_shell.percent_possible_obs   ? 
_reflns_shell.number_unique_all      2077 
_reflns_shell.number_measured_all    ? 
_reflns_shell.number_measured_obs    ? 
_reflns_shell.number_unique_obs      ? 
_reflns_shell.pdbx_chi_squared       ? 
_reflns_shell.pdbx_ordinal           1 
_reflns_shell.pdbx_diffrn_id         1 
# 
_refine.entry_id                                 2Q3H 
_refine.ls_number_reflns_obs                     20423 
_refine.ls_number_reflns_all                     21616 
_refine.pdbx_ls_sigma_I                          0 
_refine.pdbx_ls_sigma_F                          0 
_refine.pdbx_data_cutoff_high_absF               ? 
_refine.pdbx_data_cutoff_low_absF                ? 
_refine.pdbx_data_cutoff_high_rms_absF           ? 
_refine.ls_d_res_low                             47.46 
_refine.ls_d_res_high                            1.73 
_refine.ls_percent_reflns_obs                    99.56 
_refine.ls_R_factor_obs                          0.18474 
_refine.ls_R_factor_all                          0.18276 
_refine.ls_R_factor_R_work                       0.18276 
_refine.ls_R_factor_R_free                       0.22198 
_refine.ls_R_factor_R_free_error                 ? 
_refine.ls_R_factor_R_free_error_details         ? 
_refine.ls_percent_reflns_R_free                 5.1 
_refine.ls_number_reflns_R_free                  1107 
_refine.ls_number_parameters                     ? 
_refine.ls_number_restraints                     ? 
_refine.occupancy_min                            ? 
_refine.occupancy_max                            ? 
_refine.correlation_coeff_Fo_to_Fc               0.968 
_refine.correlation_coeff_Fo_to_Fc_free          0.952 
_refine.B_iso_mean                               35.051 
_refine.aniso_B[1][1]                            -1.62 
_refine.aniso_B[2][2]                            1.50 
_refine.aniso_B[3][3]                            -1.82 
_refine.aniso_B[1][2]                            0.00 
_refine.aniso_B[1][3]                            -2.01 
_refine.aniso_B[2][3]                            0.00 
_refine.solvent_model_details                    'BABINET MODEL WITH MASK' 
_refine.solvent_model_param_ksol                 ? 
_refine.solvent_model_param_bsol                 ? 
_refine.pdbx_solvent_vdw_probe_radii             1.20 
_refine.pdbx_solvent_ion_probe_radii             0.80 
_refine.pdbx_solvent_shrinkage_radii             0.80 
_refine.pdbx_ls_cross_valid_method               THROUGHOUT 
_refine.details                                  'HYDROGENS HAVE BEEN ADDED IN THE RIDING POSITIONS' 
_refine.pdbx_starting_model                      'homology based model' 
_refine.pdbx_method_to_determine_struct          'MOLECULAR REPLACEMENT' 
_refine.pdbx_isotropic_thermal_model             ? 
_refine.pdbx_stereochemistry_target_values       'MAXIMUM LIKELIHOOD' 
_refine.pdbx_stereochem_target_val_spec_case     ? 
_refine.pdbx_R_Free_selection_details            RANDOM 
_refine.pdbx_overall_ESU_R                       0.101 
_refine.pdbx_overall_ESU_R_Free                  0.104 
_refine.overall_SU_ML                            0.083 
_refine.overall_SU_B                             4.621 
_refine.ls_redundancy_reflns_obs                 ? 
_refine.B_iso_min                                ? 
_refine.B_iso_max                                ? 
_refine.overall_SU_R_Cruickshank_DPI             ? 
_refine.overall_SU_R_free                        ? 
_refine.ls_wR_factor_R_free                      ? 
_refine.ls_wR_factor_R_work                      ? 
_refine.overall_FOM_free_R_set                   ? 
_refine.overall_FOM_work_R_set                   ? 
_refine.pdbx_refine_id                           'X-RAY DIFFRACTION' 
_refine.pdbx_TLS_residual_ADP_flag               'LIKELY RESIDUAL' 
_refine.pdbx_diffrn_id                           1 
_refine.pdbx_overall_phase_error                 ? 
_refine.pdbx_overall_SU_R_free_Cruickshank_DPI   ? 
_refine.pdbx_overall_SU_R_Blow_DPI               ? 
_refine.pdbx_overall_SU_R_free_Blow_DPI          ? 
# 
_refine_hist.pdbx_refine_id                   'X-RAY DIFFRACTION' 
_refine_hist.cycle_id                         LAST 
_refine_hist.pdbx_number_atoms_protein        1276 
_refine_hist.pdbx_number_atoms_nucleic_acid   0 
_refine_hist.pdbx_number_atoms_ligand         29 
_refine_hist.number_atoms_solvent             124 
_refine_hist.number_atoms_total               1429 
_refine_hist.d_res_high                       1.73 
_refine_hist.d_res_low                        47.46 
# 
loop_
_refine_ls_restr.type 
_refine_ls_restr.dev_ideal 
_refine_ls_restr.dev_ideal_target 
_refine_ls_restr.weight 
_refine_ls_restr.number 
_refine_ls_restr.pdbx_refine_id 
_refine_ls_restr.pdbx_restraint_function 
r_bond_refined_d             0.016  0.022  ? 1336 'X-RAY DIFFRACTION' ? 
r_bond_other_d               0.003  0.020  ? 861  'X-RAY DIFFRACTION' ? 
r_angle_refined_deg          1.686  2.001  ? 1828 'X-RAY DIFFRACTION' ? 
r_angle_other_deg            0.977  3.000  ? 2131 'X-RAY DIFFRACTION' ? 
r_dihedral_angle_1_deg       7.476  5.000  ? 171  'X-RAY DIFFRACTION' ? 
r_dihedral_angle_2_deg       38.699 25.306 ? 49   'X-RAY DIFFRACTION' ? 
r_dihedral_angle_3_deg       13.934 15.000 ? 213  'X-RAY DIFFRACTION' ? 
r_dihedral_angle_4_deg       14.968 15.000 ? 5    'X-RAY DIFFRACTION' ? 
r_chiral_restr               0.102  0.200  ? 224  'X-RAY DIFFRACTION' ? 
r_gen_planes_refined         0.006  0.020  ? 1458 'X-RAY DIFFRACTION' ? 
r_gen_planes_other           0.001  0.020  ? 246  'X-RAY DIFFRACTION' ? 
r_nbd_refined                0.228  0.200  ? 280  'X-RAY DIFFRACTION' ? 
r_nbd_other                  0.197  0.200  ? 913  'X-RAY DIFFRACTION' ? 
r_nbtor_refined              0.182  0.200  ? 669  'X-RAY DIFFRACTION' ? 
r_nbtor_other                0.087  0.200  ? 682  'X-RAY DIFFRACTION' ? 
r_xyhbond_nbd_refined        0.167  0.200  ? 113  'X-RAY DIFFRACTION' ? 
r_xyhbond_nbd_other          ?      ?      ? ?    'X-RAY DIFFRACTION' ? 
r_metal_ion_refined          0.335  0.200  ? 2    'X-RAY DIFFRACTION' ? 
r_metal_ion_other            ?      ?      ? ?    'X-RAY DIFFRACTION' ? 
r_symmetry_vdw_refined       0.533  0.200  ? 5    'X-RAY DIFFRACTION' ? 
r_symmetry_vdw_other         0.274  0.200  ? 13   'X-RAY DIFFRACTION' ? 
r_symmetry_hbond_refined     0.082  0.200  ? 4    'X-RAY DIFFRACTION' ? 
r_symmetry_hbond_other       ?      ?      ? ?    'X-RAY DIFFRACTION' ? 
r_symmetry_metal_ion_refined ?      ?      ? ?    'X-RAY DIFFRACTION' ? 
r_symmetry_metal_ion_other   ?      ?      ? ?    'X-RAY DIFFRACTION' ? 
r_mcbond_it                  3.420  3.000  ? 879  'X-RAY DIFFRACTION' ? 
r_mcbond_other               1.045  3.000  ? 341  'X-RAY DIFFRACTION' ? 
r_mcangle_it                 4.299  5.000  ? 1398 'X-RAY DIFFRACTION' ? 
r_scbond_it                  6.752  8.000  ? 521  'X-RAY DIFFRACTION' ? 
r_scangle_it                 8.106  11.000 ? 429  'X-RAY DIFFRACTION' ? 
r_rigid_bond_restr           ?      ?      ? ?    'X-RAY DIFFRACTION' ? 
r_sphericity_free            ?      ?      ? ?    'X-RAY DIFFRACTION' ? 
r_sphericity_bonded          ?      ?      ? ?    'X-RAY DIFFRACTION' ? 
# 
_refine_ls_shell.pdbx_total_number_of_bins_used   20 
_refine_ls_shell.d_res_high                       1.730 
_refine_ls_shell.d_res_low                        1.775 
_refine_ls_shell.number_reflns_R_work             1441 
_refine_ls_shell.R_factor_R_work                  0.238 
_refine_ls_shell.percent_reflns_obs               97.13 
_refine_ls_shell.R_factor_R_free                  0.288 
_refine_ls_shell.R_factor_R_free_error            ? 
_refine_ls_shell.percent_reflns_R_free            ? 
_refine_ls_shell.number_reflns_R_free             84 
_refine_ls_shell.number_reflns_all                ? 
_refine_ls_shell.R_factor_all                     ? 
_refine_ls_shell.number_reflns_obs                ? 
_refine_ls_shell.redundancy_reflns_obs            ? 
_refine_ls_shell.pdbx_refine_id                   'X-RAY DIFFRACTION' 
# 
_struct.entry_id                  2Q3H 
_struct.title                     'The crystal structure of RhouA in the GDP-bound state.' 
_struct.pdbx_model_details        ? 
_struct.pdbx_CASP_flag            ? 
_struct.pdbx_model_type_details   ? 
# 
_struct_keywords.entry_id        2Q3H 
_struct_keywords.pdbx_keywords   'STRUCTURAL GENOMICS' 
_struct_keywords.text            'GTPase, Structural Genomics, Structural Genomics Consortium, SGC' 
# 
loop_
_struct_asym.id 
_struct_asym.pdbx_blank_PDB_chainid_flag 
_struct_asym.pdbx_modified 
_struct_asym.entity_id 
_struct_asym.details 
A N N 1 ? 
B N N 2 ? 
C N N 3 ? 
D N N 4 ? 
# 
_struct_ref.id                         1 
_struct_ref.db_name                    UNP 
_struct_ref.db_code                    Q9NPY5_HUMAN 
_struct_ref.pdbx_db_accession          Q9NPY5 
_struct_ref.entity_id                  1 
_struct_ref.pdbx_seq_one_letter_code   
;GPGEPGGRGRAGGAEGRGVKCVLVGDGAVGKTSLVVSYTTNGYPTEYIPTAFDNFSAVVSVDGRPVRLQLCDTAGQDEFD
KLRPLCYTNTDIFLLCFSVVSPSSFQNVSEKWVPEIRCHCPKAPIILVGTQSDLREDVKVLIELDKCKEKPVPEEAAKLC
AEEIKAASYIECSALTQKNLKEVFDAAIVAGIQYSDTQQ
;
_struct_ref.pdbx_align_begin           32 
_struct_ref.pdbx_db_isoform            ? 
# 
_struct_ref_seq.align_id                      1 
_struct_ref_seq.ref_id                        1 
_struct_ref_seq.pdbx_PDB_id_code              2Q3H 
_struct_ref_seq.pdbx_strand_id                A 
_struct_ref_seq.seq_align_beg                 3 
_struct_ref_seq.pdbx_seq_align_beg_ins_code   ? 
_struct_ref_seq.seq_align_end                 201 
_struct_ref_seq.pdbx_seq_align_end_ins_code   ? 
_struct_ref_seq.pdbx_db_accession             Q9NPY5 
_struct_ref_seq.db_align_beg                  32 
_struct_ref_seq.pdbx_db_align_beg_ins_code    ? 
_struct_ref_seq.db_align_end                  230 
_struct_ref_seq.pdbx_db_align_end_ins_code    ? 
_struct_ref_seq.pdbx_auth_seq_align_beg       32 
_struct_ref_seq.pdbx_auth_seq_align_end       230 
# 
loop_
_struct_ref_seq_dif.align_id 
_struct_ref_seq_dif.pdbx_pdb_id_code 
_struct_ref_seq_dif.mon_id 
_struct_ref_seq_dif.pdbx_pdb_strand_id 
_struct_ref_seq_dif.seq_num 
_struct_ref_seq_dif.pdbx_pdb_ins_code 
_struct_ref_seq_dif.pdbx_seq_db_name 
_struct_ref_seq_dif.pdbx_seq_db_accession_code 
_struct_ref_seq_dif.db_mon_id 
_struct_ref_seq_dif.pdbx_seq_db_seq_num 
_struct_ref_seq_dif.details 
_struct_ref_seq_dif.pdbx_auth_seq_num 
_struct_ref_seq_dif.pdbx_ordinal 
1 2Q3H SER A 1   ? UNP Q9NPY5 ?   ?   'cloning artifact' 30  1 
1 2Q3H MET A 2   ? UNP Q9NPY5 ?   ?   'cloning artifact' 31  2 
1 2Q3H LEU A 162 ? UNP Q9NPY5 CYS 191 conflict           191 3 
# 
_pdbx_struct_assembly.id                   1 
_pdbx_struct_assembly.details              author_defined_assembly 
_pdbx_struct_assembly.method_details       ? 
_pdbx_struct_assembly.oligomeric_details   monomeric 
_pdbx_struct_assembly.oligomeric_count     1 
# 
_pdbx_struct_assembly_gen.assembly_id       1 
_pdbx_struct_assembly_gen.oper_expression   1 
_pdbx_struct_assembly_gen.asym_id_list      A,B,C,D 
# 
_pdbx_struct_oper_list.id                   1 
_pdbx_struct_oper_list.type                 'identity operation' 
_pdbx_struct_oper_list.name                 1_555 
_pdbx_struct_oper_list.symmetry_operation   x,y,z 
_pdbx_struct_oper_list.matrix[1][1]         1.0000000000 
_pdbx_struct_oper_list.matrix[1][2]         0.0000000000 
_pdbx_struct_oper_list.matrix[1][3]         0.0000000000 
_pdbx_struct_oper_list.vector[1]            0.0000000000 
_pdbx_struct_oper_list.matrix[2][1]         0.0000000000 
_pdbx_struct_oper_list.matrix[2][2]         1.0000000000 
_pdbx_struct_oper_list.matrix[2][3]         0.0000000000 
_pdbx_struct_oper_list.vector[2]            0.0000000000 
_pdbx_struct_oper_list.matrix[3][1]         0.0000000000 
_pdbx_struct_oper_list.matrix[3][2]         0.0000000000 
_pdbx_struct_oper_list.matrix[3][3]         1.0000000000 
_pdbx_struct_oper_list.vector[3]            0.0000000000 
# 
_struct_biol.id        1 
_struct_biol.details   'the monomer in the asu represents a biological unit' 
# 
loop_
_struct_conf.conf_type_id 
_struct_conf.id 
_struct_conf.pdbx_PDB_helix_id 
_struct_conf.beg_label_comp_id 
_struct_conf.beg_label_asym_id 
_struct_conf.beg_label_seq_id 
_struct_conf.pdbx_beg_PDB_ins_code 
_struct_conf.end_label_comp_id 
_struct_conf.end_label_asym_id 
_struct_conf.end_label_seq_id 
_struct_conf.pdbx_end_PDB_ins_code 
_struct_conf.beg_auth_comp_id 
_struct_conf.beg_auth_asym_id 
_struct_conf.beg_auth_seq_id 
_struct_conf.end_auth_comp_id 
_struct_conf.end_auth_asym_id 
_struct_conf.end_auth_seq_id 
_struct_conf.pdbx_PDB_helix_class 
_struct_conf.details 
_struct_conf.pdbx_PDB_helix_length 
HELX_P HELX_P1 1 GLY A 32  ? THR A 42  ? GLY A 61  THR A 71  1 ? 11 
HELX_P HELX_P2 2 LEU A 84  ? THR A 90  ? LEU A 113 THR A 119 5 ? 7  
HELX_P HELX_P3 3 SER A 103 ? LYS A 113 ? SER A 132 LYS A 142 1 ? 11 
HELX_P HELX_P4 4 LYS A 113 ? CYS A 122 ? LYS A 142 CYS A 151 1 ? 10 
HELX_P HELX_P5 5 GLN A 133 ? GLU A 138 ? GLN A 162 GLU A 167 5 ? 6  
HELX_P HELX_P6 6 ASP A 139 ? LYS A 148 ? ASP A 168 LYS A 177 1 ? 10 
HELX_P HELX_P7 7 PRO A 155 ? LYS A 167 ? PRO A 184 LYS A 196 1 ? 13 
HELX_P HELX_P8 8 ASN A 181 ? ASP A 198 ? ASN A 210 ASP A 227 1 ? 18 
# 
_struct_conf_type.id          HELX_P 
_struct_conf_type.criteria    ? 
_struct_conf_type.reference   ? 
# 
loop_
_struct_conn.id 
_struct_conn.conn_type_id 
_struct_conn.pdbx_leaving_atom_flag 
_struct_conn.pdbx_PDB_id 
_struct_conn.ptnr1_label_asym_id 
_struct_conn.ptnr1_label_comp_id 
_struct_conn.ptnr1_label_seq_id 
_struct_conn.ptnr1_label_atom_id 
_struct_conn.pdbx_ptnr1_label_alt_id 
_struct_conn.pdbx_ptnr1_PDB_ins_code 
_struct_conn.pdbx_ptnr1_standard_comp_id 
_struct_conn.ptnr1_symmetry 
_struct_conn.ptnr2_label_asym_id 
_struct_conn.ptnr2_label_comp_id 
_struct_conn.ptnr2_label_seq_id 
_struct_conn.ptnr2_label_atom_id 
_struct_conn.pdbx_ptnr2_label_alt_id 
_struct_conn.pdbx_ptnr2_PDB_ins_code 
_struct_conn.ptnr1_auth_asym_id 
_struct_conn.ptnr1_auth_comp_id 
_struct_conn.ptnr1_auth_seq_id 
_struct_conn.ptnr2_auth_asym_id 
_struct_conn.ptnr2_auth_comp_id 
_struct_conn.ptnr2_auth_seq_id 
_struct_conn.ptnr2_symmetry 
_struct_conn.pdbx_ptnr3_label_atom_id 
_struct_conn.pdbx_ptnr3_label_seq_id 
_struct_conn.pdbx_ptnr3_label_comp_id 
_struct_conn.pdbx_ptnr3_label_asym_id 
_struct_conn.pdbx_ptnr3_label_alt_id 
_struct_conn.pdbx_ptnr3_PDB_ins_code 
_struct_conn.details 
_struct_conn.pdbx_dist_value 
_struct_conn.pdbx_value_order 
_struct_conn.pdbx_role 
disulf1 disulf ? ? A CYS 120 SG ? ? ? 1_555 A CYS 149 SG  ? ? A CYS 149 A CYS 178  4_555 ? ? ? ? ? ? ? 2.443 ? ? 
metalc1 metalc ? ? B MG  .   MG ? ? ? 1_555 A THR 34  OG1 ? ? A MG  1   A THR 63   1_555 ? ? ? ? ? ? ? 1.999 ? ? 
metalc2 metalc ? ? B MG  .   MG ? ? ? 1_555 C GDP .   O2B ? ? A MG  1   A GDP 3444 1_555 ? ? ? ? ? ? ? 2.179 ? ? 
metalc3 metalc ? ? B MG  .   MG ? ? ? 1_555 D HOH .   O   ? ? A MG  1   A HOH 3499 1_555 ? ? ? ? ? ? ? 1.608 ? ? 
metalc4 metalc ? ? B MG  .   MG ? ? ? 1_555 D HOH .   O   ? ? A MG  1   A HOH 3500 1_555 ? ? ? ? ? ? ? 1.709 ? ? 
metalc5 metalc ? ? B MG  .   MG ? ? ? 1_555 D HOH .   O   ? ? A MG  1   A HOH 3501 1_555 ? ? ? ? ? ? ? 2.275 ? ? 
metalc6 metalc ? ? B MG  .   MG ? ? ? 1_555 D HOH .   O   ? ? A MG  1   A HOH 3504 1_555 ? ? ? ? ? ? ? 2.136 ? ? 
# 
loop_
_struct_conn_type.id 
_struct_conn_type.criteria 
_struct_conn_type.reference 
disulf ? ? 
metalc ? ? 
# 
loop_
_pdbx_struct_conn_angle.id 
_pdbx_struct_conn_angle.ptnr1_label_atom_id 
_pdbx_struct_conn_angle.ptnr1_label_alt_id 
_pdbx_struct_conn_angle.ptnr1_label_asym_id 
_pdbx_struct_conn_angle.ptnr1_label_comp_id 
_pdbx_struct_conn_angle.ptnr1_label_seq_id 
_pdbx_struct_conn_angle.ptnr1_auth_atom_id 
_pdbx_struct_conn_angle.ptnr1_auth_asym_id 
_pdbx_struct_conn_angle.ptnr1_auth_comp_id 
_pdbx_struct_conn_angle.ptnr1_auth_seq_id 
_pdbx_struct_conn_angle.ptnr1_PDB_ins_code 
_pdbx_struct_conn_angle.ptnr1_symmetry 
_pdbx_struct_conn_angle.ptnr2_label_atom_id 
_pdbx_struct_conn_angle.ptnr2_label_alt_id 
_pdbx_struct_conn_angle.ptnr2_label_asym_id 
_pdbx_struct_conn_angle.ptnr2_label_comp_id 
_pdbx_struct_conn_angle.ptnr2_label_seq_id 
_pdbx_struct_conn_angle.ptnr2_auth_atom_id 
_pdbx_struct_conn_angle.ptnr2_auth_asym_id 
_pdbx_struct_conn_angle.ptnr2_auth_comp_id 
_pdbx_struct_conn_angle.ptnr2_auth_seq_id 
_pdbx_struct_conn_angle.ptnr2_PDB_ins_code 
_pdbx_struct_conn_angle.ptnr2_symmetry 
_pdbx_struct_conn_angle.ptnr3_label_atom_id 
_pdbx_struct_conn_angle.ptnr3_label_alt_id 
_pdbx_struct_conn_angle.ptnr3_label_asym_id 
_pdbx_struct_conn_angle.ptnr3_label_comp_id 
_pdbx_struct_conn_angle.ptnr3_label_seq_id 
_pdbx_struct_conn_angle.ptnr3_auth_atom_id 
_pdbx_struct_conn_angle.ptnr3_auth_asym_id 
_pdbx_struct_conn_angle.ptnr3_auth_comp_id 
_pdbx_struct_conn_angle.ptnr3_auth_seq_id 
_pdbx_struct_conn_angle.ptnr3_PDB_ins_code 
_pdbx_struct_conn_angle.ptnr3_symmetry 
_pdbx_struct_conn_angle.value 
_pdbx_struct_conn_angle.value_esd 
1  OG1 ? A THR 34 ? A THR 63   ? 1_555 MG ? B MG . ? A MG 1 ? 1_555 O2B ? C GDP . ? A GDP 3444 ? 1_555 89.1  ? 
2  OG1 ? A THR 34 ? A THR 63   ? 1_555 MG ? B MG . ? A MG 1 ? 1_555 O   ? D HOH . ? A HOH 3499 ? 1_555 76.4  ? 
3  O2B ? C GDP .  ? A GDP 3444 ? 1_555 MG ? B MG . ? A MG 1 ? 1_555 O   ? D HOH . ? A HOH 3499 ? 1_555 76.4  ? 
4  OG1 ? A THR 34 ? A THR 63   ? 1_555 MG ? B MG . ? A MG 1 ? 1_555 O   ? D HOH . ? A HOH 3500 ? 1_555 105.4 ? 
5  O2B ? C GDP .  ? A GDP 3444 ? 1_555 MG ? B MG . ? A MG 1 ? 1_555 O   ? D HOH . ? A HOH 3500 ? 1_555 103.1 ? 
6  O   ? D HOH .  ? A HOH 3499 ? 1_555 MG ? B MG . ? A MG 1 ? 1_555 O   ? D HOH . ? A HOH 3500 ? 1_555 178.1 ? 
7  OG1 ? A THR 34 ? A THR 63   ? 1_555 MG ? B MG . ? A MG 1 ? 1_555 O   ? D HOH . ? A HOH 3501 ? 1_555 148.6 ? 
8  O2B ? C GDP .  ? A GDP 3444 ? 1_555 MG ? B MG . ? A MG 1 ? 1_555 O   ? D HOH . ? A HOH 3501 ? 1_555 82.8  ? 
9  O   ? D HOH .  ? A HOH 3499 ? 1_555 MG ? B MG . ? A MG 1 ? 1_555 O   ? D HOH . ? A HOH 3501 ? 1_555 72.2  ? 
10 O   ? D HOH .  ? A HOH 3500 ? 1_555 MG ? B MG . ? A MG 1 ? 1_555 O   ? D HOH . ? A HOH 3501 ? 1_555 106.0 ? 
11 OG1 ? A THR 34 ? A THR 63   ? 1_555 MG ? B MG . ? A MG 1 ? 1_555 O   ? D HOH . ? A HOH 3504 ? 1_555 89.7  ? 
12 O2B ? C GDP .  ? A GDP 3444 ? 1_555 MG ? B MG . ? A MG 1 ? 1_555 O   ? D HOH . ? A HOH 3504 ? 1_555 154.5 ? 
13 O   ? D HOH .  ? A HOH 3499 ? 1_555 MG ? B MG . ? A MG 1 ? 1_555 O   ? D HOH . ? A HOH 3504 ? 1_555 78.6  ? 
14 O   ? D HOH .  ? A HOH 3500 ? 1_555 MG ? B MG . ? A MG 1 ? 1_555 O   ? D HOH . ? A HOH 3504 ? 1_555 101.8 ? 
15 O   ? D HOH .  ? A HOH 3501 ? 1_555 MG ? B MG . ? A MG 1 ? 1_555 O   ? D HOH . ? A HOH 3504 ? 1_555 85.1  ? 
# 
_pdbx_modification_feature.ordinal                            1 
_pdbx_modification_feature.label_comp_id                      CYS 
_pdbx_modification_feature.label_asym_id                      A 
_pdbx_modification_feature.label_seq_id                       120 
_pdbx_modification_feature.label_alt_id                       ? 
_pdbx_modification_feature.modified_residue_label_comp_id     CYS 
_pdbx_modification_feature.modified_residue_label_asym_id     A 
_pdbx_modification_feature.modified_residue_label_seq_id      149 
_pdbx_modification_feature.modified_residue_label_alt_id      ? 
_pdbx_modification_feature.auth_comp_id                       CYS 
_pdbx_modification_feature.auth_asym_id                       A 
_pdbx_modification_feature.auth_seq_id                        149 
_pdbx_modification_feature.PDB_ins_code                       ? 
_pdbx_modification_feature.symmetry                           1_555 
_pdbx_modification_feature.modified_residue_auth_comp_id      CYS 
_pdbx_modification_feature.modified_residue_auth_asym_id      A 
_pdbx_modification_feature.modified_residue_auth_seq_id       178 
_pdbx_modification_feature.modified_residue_PDB_ins_code      ? 
_pdbx_modification_feature.modified_residue_symmetry          4_555 
_pdbx_modification_feature.comp_id_linking_atom               SG 
_pdbx_modification_feature.modified_residue_id_linking_atom   SG 
_pdbx_modification_feature.modified_residue_id                . 
_pdbx_modification_feature.ref_pcm_id                         . 
_pdbx_modification_feature.ref_comp_id                        . 
_pdbx_modification_feature.type                               None 
_pdbx_modification_feature.category                           'Disulfide bridge' 
# 
_struct_sheet.id               A 
_struct_sheet.type             ? 
_struct_sheet.number_strands   6 
_struct_sheet.details          ? 
# 
loop_
_struct_sheet_order.sheet_id 
_struct_sheet_order.range_id_1 
_struct_sheet_order.range_id_2 
_struct_sheet_order.offset 
_struct_sheet_order.sense 
A 1 2 ? anti-parallel 
A 2 3 ? parallel      
A 3 4 ? parallel      
A 4 5 ? parallel      
A 5 6 ? parallel      
# 
loop_
_struct_sheet_range.sheet_id 
_struct_sheet_range.id 
_struct_sheet_range.beg_label_comp_id 
_struct_sheet_range.beg_label_asym_id 
_struct_sheet_range.beg_label_seq_id 
_struct_sheet_range.pdbx_beg_PDB_ins_code 
_struct_sheet_range.end_label_comp_id 
_struct_sheet_range.end_label_asym_id 
_struct_sheet_range.end_label_seq_id 
_struct_sheet_range.pdbx_end_PDB_ins_code 
_struct_sheet_range.beg_auth_comp_id 
_struct_sheet_range.beg_auth_asym_id 
_struct_sheet_range.beg_auth_seq_id 
_struct_sheet_range.end_auth_comp_id 
_struct_sheet_range.end_auth_asym_id 
_struct_sheet_range.end_auth_seq_id 
A 1 ASP A 55  ? VAL A 63  ? ASP A 84  VAL A 92  
A 2 ARG A 66  ? ASP A 74  ? ARG A 95  ASP A 103 
A 3 VAL A 21  ? VAL A 26  ? VAL A 50  VAL A 55  
A 4 ILE A 94  ? SER A 100 ? ILE A 123 SER A 129 
A 5 ILE A 127 ? THR A 132 ? ILE A 156 THR A 161 
A 6 SER A 170 ? GLU A 173 ? SER A 199 GLU A 202 
# 
loop_
_pdbx_struct_sheet_hbond.sheet_id 
_pdbx_struct_sheet_hbond.range_id_1 
_pdbx_struct_sheet_hbond.range_id_2 
_pdbx_struct_sheet_hbond.range_1_label_atom_id 
_pdbx_struct_sheet_hbond.range_1_label_comp_id 
_pdbx_struct_sheet_hbond.range_1_label_asym_id 
_pdbx_struct_sheet_hbond.range_1_label_seq_id 
_pdbx_struct_sheet_hbond.range_1_PDB_ins_code 
_pdbx_struct_sheet_hbond.range_1_auth_atom_id 
_pdbx_struct_sheet_hbond.range_1_auth_comp_id 
_pdbx_struct_sheet_hbond.range_1_auth_asym_id 
_pdbx_struct_sheet_hbond.range_1_auth_seq_id 
_pdbx_struct_sheet_hbond.range_2_label_atom_id 
_pdbx_struct_sheet_hbond.range_2_label_comp_id 
_pdbx_struct_sheet_hbond.range_2_label_asym_id 
_pdbx_struct_sheet_hbond.range_2_label_seq_id 
_pdbx_struct_sheet_hbond.range_2_PDB_ins_code 
_pdbx_struct_sheet_hbond.range_2_auth_atom_id 
_pdbx_struct_sheet_hbond.range_2_auth_comp_id 
_pdbx_struct_sheet_hbond.range_2_auth_asym_id 
_pdbx_struct_sheet_hbond.range_2_auth_seq_id 
A 1 2 N PHE A 57  ? N PHE A 86  O LEU A 72  ? O LEU A 101 
A 2 3 O ARG A 69  ? O ARG A 98  N VAL A 21  ? N VAL A 50  
A 3 4 N VAL A 26  ? N VAL A 55  O CYS A 98  ? O CYS A 127 
A 4 5 N PHE A 99  ? N PHE A 128 O THR A 132 ? O THR A 161 
A 5 6 N LEU A 129 ? N LEU A 158 O SER A 170 ? O SER A 199 
# 
loop_
_struct_site.id 
_struct_site.pdbx_evidence_code 
_struct_site.pdbx_auth_asym_id 
_struct_site.pdbx_auth_comp_id 
_struct_site.pdbx_auth_seq_id 
_struct_site.pdbx_auth_ins_code 
_struct_site.pdbx_num_residues 
_struct_site.details 
AC1 Software A MG  1    ? 6  'BINDING SITE FOR RESIDUE MG A 1'     
AC2 Software A GDP 3444 ? 22 'BINDING SITE FOR RESIDUE GDP A 3444' 
# 
loop_
_struct_site_gen.id 
_struct_site_gen.site_id 
_struct_site_gen.pdbx_num_res 
_struct_site_gen.label_comp_id 
_struct_site_gen.label_asym_id 
_struct_site_gen.label_seq_id 
_struct_site_gen.pdbx_auth_ins_code 
_struct_site_gen.auth_comp_id 
_struct_site_gen.auth_asym_id 
_struct_site_gen.auth_seq_id 
_struct_site_gen.label_atom_id 
_struct_site_gen.label_alt_id 
_struct_site_gen.symmetry 
_struct_site_gen.details 
1  AC1 6  THR A 34  ? THR A 63   . ? 1_555 ? 
2  AC1 6  GDP C .   ? GDP A 3444 . ? 1_555 ? 
3  AC1 6  HOH D .   ? HOH A 3499 . ? 1_555 ? 
4  AC1 6  HOH D .   ? HOH A 3500 . ? 1_555 ? 
5  AC1 6  HOH D .   ? HOH A 3501 . ? 1_555 ? 
6  AC1 6  HOH D .   ? HOH A 3504 . ? 1_555 ? 
7  AC2 22 MG  B .   ? MG  A 1    . ? 1_555 ? 
8  AC2 22 ALA A 30  ? ALA A 59   . ? 1_555 ? 
9  AC2 22 VAL A 31  ? VAL A 60   . ? 1_555 ? 
10 AC2 22 GLY A 32  ? GLY A 61   . ? 1_555 ? 
11 AC2 22 LYS A 33  ? LYS A 62   . ? 1_555 ? 
12 AC2 22 THR A 34  ? THR A 63   . ? 1_555 ? 
13 AC2 22 SER A 35  ? SER A 64   . ? 1_555 ? 
14 AC2 22 GLN A 133 ? GLN A 162  . ? 1_555 ? 
15 AC2 22 ASP A 135 ? ASP A 164  . ? 1_555 ? 
16 AC2 22 LEU A 136 ? LEU A 165  . ? 1_555 ? 
17 AC2 22 SER A 175 ? SER A 204  . ? 1_555 ? 
18 AC2 22 ALA A 176 ? ALA A 205  . ? 1_555 ? 
19 AC2 22 LEU A 177 ? LEU A 206  . ? 1_555 ? 
20 AC2 22 HOH D .   ? HOH A 3450 . ? 1_555 ? 
21 AC2 22 HOH D .   ? HOH A 3454 . ? 4_546 ? 
22 AC2 22 HOH D .   ? HOH A 3465 . ? 1_555 ? 
23 AC2 22 HOH D .   ? HOH A 3466 . ? 1_555 ? 
24 AC2 22 HOH D .   ? HOH A 3482 . ? 4_546 ? 
25 AC2 22 HOH D .   ? HOH A 3499 . ? 1_555 ? 
26 AC2 22 HOH D .   ? HOH A 3500 . ? 1_555 ? 
27 AC2 22 HOH D .   ? HOH A 3501 . ? 1_555 ? 
28 AC2 22 HOH D .   ? HOH A 3533 . ? 1_555 ? 
# 
_pdbx_entry_details.entry_id                   2Q3H 
_pdbx_entry_details.compound_details           ? 
_pdbx_entry_details.source_details             ? 
_pdbx_entry_details.nonpolymer_details         ? 
_pdbx_entry_details.sequence_details           ? 
_pdbx_entry_details.has_ligand_of_interest     ? 
_pdbx_entry_details.has_protein_modification   Y 
# 
_pdbx_validate_close_contact.id               1 
_pdbx_validate_close_contact.PDB_model_num    1 
_pdbx_validate_close_contact.auth_atom_id_1   O 
_pdbx_validate_close_contact.auth_asym_id_1   A 
_pdbx_validate_close_contact.auth_comp_id_1   HOH 
_pdbx_validate_close_contact.auth_seq_id_1    3552 
_pdbx_validate_close_contact.PDB_ins_code_1   ? 
_pdbx_validate_close_contact.label_alt_id_1   ? 
_pdbx_validate_close_contact.auth_atom_id_2   O 
_pdbx_validate_close_contact.auth_asym_id_2   A 
_pdbx_validate_close_contact.auth_comp_id_2   HOH 
_pdbx_validate_close_contact.auth_seq_id_2    3553 
_pdbx_validate_close_contact.PDB_ins_code_2   ? 
_pdbx_validate_close_contact.label_alt_id_2   ? 
_pdbx_validate_close_contact.dist             2.17 
# 
_pdbx_validate_rmsd_angle.id                         1 
_pdbx_validate_rmsd_angle.PDB_model_num              1 
_pdbx_validate_rmsd_angle.auth_atom_id_1             NE 
_pdbx_validate_rmsd_angle.auth_asym_id_1             A 
_pdbx_validate_rmsd_angle.auth_comp_id_1             ARG 
_pdbx_validate_rmsd_angle.auth_seq_id_1              114 
_pdbx_validate_rmsd_angle.PDB_ins_code_1             ? 
_pdbx_validate_rmsd_angle.label_alt_id_1             ? 
_pdbx_validate_rmsd_angle.auth_atom_id_2             CZ 
_pdbx_validate_rmsd_angle.auth_asym_id_2             A 
_pdbx_validate_rmsd_angle.auth_comp_id_2             ARG 
_pdbx_validate_rmsd_angle.auth_seq_id_2              114 
_pdbx_validate_rmsd_angle.PDB_ins_code_2             ? 
_pdbx_validate_rmsd_angle.label_alt_id_2             ? 
_pdbx_validate_rmsd_angle.auth_atom_id_3             NH2 
_pdbx_validate_rmsd_angle.auth_asym_id_3             A 
_pdbx_validate_rmsd_angle.auth_comp_id_3             ARG 
_pdbx_validate_rmsd_angle.auth_seq_id_3              114 
_pdbx_validate_rmsd_angle.PDB_ins_code_3             ? 
_pdbx_validate_rmsd_angle.label_alt_id_3             ? 
_pdbx_validate_rmsd_angle.angle_value                124.38 
_pdbx_validate_rmsd_angle.angle_target_value         120.30 
_pdbx_validate_rmsd_angle.angle_deviation            4.08 
_pdbx_validate_rmsd_angle.angle_standard_deviation   0.50 
_pdbx_validate_rmsd_angle.linker_flag                N 
# 
loop_
_pdbx_validate_torsion.id 
_pdbx_validate_torsion.PDB_model_num 
_pdbx_validate_torsion.auth_comp_id 
_pdbx_validate_torsion.auth_asym_id 
_pdbx_validate_torsion.auth_seq_id 
_pdbx_validate_torsion.PDB_ins_code 
_pdbx_validate_torsion.label_alt_id 
_pdbx_validate_torsion.phi 
_pdbx_validate_torsion.psi 
1 1 THR A 81  ? ? -170.51 -176.18 
2 1 ASP A 111 ? ? 65.02   -12.06  
3 1 LYS A 112 ? ? -48.83  -103.80 
4 1 ASN A 210 ? ? 59.47   15.50   
# 
_pdbx_validate_peptide_omega.id               1 
_pdbx_validate_peptide_omega.PDB_model_num    1 
_pdbx_validate_peptide_omega.auth_comp_id_1   ASP 
_pdbx_validate_peptide_omega.auth_asym_id_1   A 
_pdbx_validate_peptide_omega.auth_seq_id_1    111 
_pdbx_validate_peptide_omega.PDB_ins_code_1   ? 
_pdbx_validate_peptide_omega.label_alt_id_1   ? 
_pdbx_validate_peptide_omega.auth_comp_id_2   LYS 
_pdbx_validate_peptide_omega.auth_asym_id_2   A 
_pdbx_validate_peptide_omega.auth_seq_id_2    112 
_pdbx_validate_peptide_omega.PDB_ins_code_2   ? 
_pdbx_validate_peptide_omega.label_alt_id_2   ? 
_pdbx_validate_peptide_omega.omega            134.11 
# 
_pdbx_SG_project.id                    1 
_pdbx_SG_project.project_name          ? 
_pdbx_SG_project.full_name_of_center   'Structural Genomics Consortium' 
_pdbx_SG_project.initial_of_center     SGC 
# 
loop_
_pdbx_refine_tls.id 
_pdbx_refine_tls.details 
_pdbx_refine_tls.method 
_pdbx_refine_tls.origin_x 
_pdbx_refine_tls.origin_y 
_pdbx_refine_tls.origin_z 
_pdbx_refine_tls.T[1][1] 
_pdbx_refine_tls.T[2][2] 
_pdbx_refine_tls.T[3][3] 
_pdbx_refine_tls.T[1][2] 
_pdbx_refine_tls.T[1][3] 
_pdbx_refine_tls.T[2][3] 
_pdbx_refine_tls.L[1][1] 
_pdbx_refine_tls.L[2][2] 
_pdbx_refine_tls.L[3][3] 
_pdbx_refine_tls.L[1][2] 
_pdbx_refine_tls.L[1][3] 
_pdbx_refine_tls.L[2][3] 
_pdbx_refine_tls.S[1][1] 
_pdbx_refine_tls.S[1][2] 
_pdbx_refine_tls.S[1][3] 
_pdbx_refine_tls.S[2][1] 
_pdbx_refine_tls.S[2][2] 
_pdbx_refine_tls.S[2][3] 
_pdbx_refine_tls.S[3][1] 
_pdbx_refine_tls.S[3][2] 
_pdbx_refine_tls.S[3][3] 
_pdbx_refine_tls.pdbx_refine_id 
1 ? refined 6.3804  -0.6737 0.9873  -0.0930 -0.0678 -0.1247 0.1331 0.0967  0.0213  4.1043 10.5135 2.4832 -3.0558 -0.5664 1.9024 0.6576 0.5320 0.0327  -0.6819 -0.5294 -0.5991 0.0675  0.2761  -0.1283 'X-RAY DIFFRACTION' 
2 ? refined 0.0698  -2.3470 -2.0379 0.0101  -0.0328 -0.1329 0.1863 -0.0083 -0.0725 3.4274 6.1528  2.4566 -3.2767 -0.2999 0.3748 0.7518 0.8122 -0.2756 -1.1155 -0.8479 -0.0507 0.0083  0.0287  0.0961  'X-RAY DIFFRACTION' 
3 ? refined -7.3856 15.9916 10.0475 -0.1048 -0.2263 -0.1355 0.0028 0.0774  0.0214  5.8146 7.3458  4.5730 -1.6655 1.0472  0.6852 0.2481 0.4118 0.6358  -0.2560 -0.2762 -0.0757 -0.7336 -0.0724 0.0281  'X-RAY DIFFRACTION' 
# 
loop_
_pdbx_refine_tls_group.id 
_pdbx_refine_tls_group.refine_tls_id 
_pdbx_refine_tls_group.beg_auth_asym_id 
_pdbx_refine_tls_group.beg_auth_seq_id 
_pdbx_refine_tls_group.beg_label_asym_id 
_pdbx_refine_tls_group.beg_label_seq_id 
_pdbx_refine_tls_group.end_auth_asym_id 
_pdbx_refine_tls_group.end_auth_seq_id 
_pdbx_refine_tls_group.end_label_asym_id 
_pdbx_refine_tls_group.end_label_seq_id 
_pdbx_refine_tls_group.selection 
_pdbx_refine_tls_group.pdbx_refine_id 
_pdbx_refine_tls_group.selection_details 
1 1 A 49  A 20  A 71  A 42  ? 'X-RAY DIFFRACTION' ? 
2 2 A 80  A 51  A 163 A 134 ? 'X-RAY DIFFRACTION' ? 
3 2 A 164 A 135 A 184 A 155 ? 'X-RAY DIFFRACTION' ? 
4 3 A 185 A 156 A 227 A 198 ? 'X-RAY DIFFRACTION' ? 
# 
loop_
_pdbx_unobs_or_zero_occ_residues.id 
_pdbx_unobs_or_zero_occ_residues.PDB_model_num 
_pdbx_unobs_or_zero_occ_residues.polymer_flag 
_pdbx_unobs_or_zero_occ_residues.occupancy_flag 
_pdbx_unobs_or_zero_occ_residues.auth_asym_id 
_pdbx_unobs_or_zero_occ_residues.auth_comp_id 
_pdbx_unobs_or_zero_occ_residues.auth_seq_id 
_pdbx_unobs_or_zero_occ_residues.PDB_ins_code 
_pdbx_unobs_or_zero_occ_residues.label_asym_id 
_pdbx_unobs_or_zero_occ_residues.label_comp_id 
_pdbx_unobs_or_zero_occ_residues.label_seq_id 
1  1 Y 1 A SER 30  ? A SER 1   
2  1 Y 1 A MET 31  ? A MET 2   
3  1 Y 1 A GLY 32  ? A GLY 3   
4  1 Y 1 A PRO 33  ? A PRO 4   
5  1 Y 1 A GLY 34  ? A GLY 5   
6  1 Y 1 A GLU 35  ? A GLU 6   
7  1 Y 1 A PRO 36  ? A PRO 7   
8  1 Y 1 A GLY 37  ? A GLY 8   
9  1 Y 1 A GLY 38  ? A GLY 9   
10 1 Y 1 A ARG 39  ? A ARG 10  
11 1 Y 1 A GLY 40  ? A GLY 11  
12 1 Y 1 A ARG 41  ? A ARG 12  
13 1 Y 1 A ALA 42  ? A ALA 13  
14 1 Y 1 A GLY 43  ? A GLY 14  
15 1 Y 1 A GLY 44  ? A GLY 15  
16 1 Y 1 A ALA 45  ? A ALA 16  
17 1 Y 1 A GLU 46  ? A GLU 17  
18 1 Y 1 A GLY 47  ? A GLY 18  
19 1 Y 1 A ARG 48  ? A ARG 19  
20 1 Y 1 A ASN 72  ? A ASN 43  
21 1 Y 1 A GLY 73  ? A GLY 44  
22 1 Y 1 A TYR 74  ? A TYR 45  
23 1 Y 1 A PRO 75  ? A PRO 46  
24 1 Y 1 A THR 76  ? A THR 47  
25 1 Y 1 A GLU 77  ? A GLU 48  
26 1 Y 1 A TYR 78  ? A TYR 49  
27 1 Y 1 A ILE 79  ? A ILE 50  
28 1 Y 1 A THR 228 ? A THR 199 
29 1 Y 1 A GLN 229 ? A GLN 200 
30 1 Y 1 A GLN 230 ? A GLN 201 
# 
loop_
_chem_comp_atom.comp_id 
_chem_comp_atom.atom_id 
_chem_comp_atom.type_symbol 
_chem_comp_atom.pdbx_aromatic_flag 
_chem_comp_atom.pdbx_stereo_config 
_chem_comp_atom.pdbx_ordinal 
ALA N      N  N N 1   
ALA CA     C  N S 2   
ALA C      C  N N 3   
ALA O      O  N N 4   
ALA CB     C  N N 5   
ALA OXT    O  N N 6   
ALA H      H  N N 7   
ALA H2     H  N N 8   
ALA HA     H  N N 9   
ALA HB1    H  N N 10  
ALA HB2    H  N N 11  
ALA HB3    H  N N 12  
ALA HXT    H  N N 13  
ARG N      N  N N 14  
ARG CA     C  N S 15  
ARG C      C  N N 16  
ARG O      O  N N 17  
ARG CB     C  N N 18  
ARG CG     C  N N 19  
ARG CD     C  N N 20  
ARG NE     N  N N 21  
ARG CZ     C  N N 22  
ARG NH1    N  N N 23  
ARG NH2    N  N N 24  
ARG OXT    O  N N 25  
ARG H      H  N N 26  
ARG H2     H  N N 27  
ARG HA     H  N N 28  
ARG HB2    H  N N 29  
ARG HB3    H  N N 30  
ARG HG2    H  N N 31  
ARG HG3    H  N N 32  
ARG HD2    H  N N 33  
ARG HD3    H  N N 34  
ARG HE     H  N N 35  
ARG HH11   H  N N 36  
ARG HH12   H  N N 37  
ARG HH21   H  N N 38  
ARG HH22   H  N N 39  
ARG HXT    H  N N 40  
ASN N      N  N N 41  
ASN CA     C  N S 42  
ASN C      C  N N 43  
ASN O      O  N N 44  
ASN CB     C  N N 45  
ASN CG     C  N N 46  
ASN OD1    O  N N 47  
ASN ND2    N  N N 48  
ASN OXT    O  N N 49  
ASN H      H  N N 50  
ASN H2     H  N N 51  
ASN HA     H  N N 52  
ASN HB2    H  N N 53  
ASN HB3    H  N N 54  
ASN HD21   H  N N 55  
ASN HD22   H  N N 56  
ASN HXT    H  N N 57  
ASP N      N  N N 58  
ASP CA     C  N S 59  
ASP C      C  N N 60  
ASP O      O  N N 61  
ASP CB     C  N N 62  
ASP CG     C  N N 63  
ASP OD1    O  N N 64  
ASP OD2    O  N N 65  
ASP OXT    O  N N 66  
ASP H      H  N N 67  
ASP H2     H  N N 68  
ASP HA     H  N N 69  
ASP HB2    H  N N 70  
ASP HB3    H  N N 71  
ASP HD2    H  N N 72  
ASP HXT    H  N N 73  
CYS N      N  N N 74  
CYS CA     C  N R 75  
CYS C      C  N N 76  
CYS O      O  N N 77  
CYS CB     C  N N 78  
CYS SG     S  N N 79  
CYS OXT    O  N N 80  
CYS H      H  N N 81  
CYS H2     H  N N 82  
CYS HA     H  N N 83  
CYS HB2    H  N N 84  
CYS HB3    H  N N 85  
CYS HG     H  N N 86  
CYS HXT    H  N N 87  
GDP PB     P  N N 88  
GDP O1B    O  N N 89  
GDP O2B    O  N N 90  
GDP O3B    O  N N 91  
GDP O3A    O  N N 92  
GDP PA     P  N N 93  
GDP O1A    O  N N 94  
GDP O2A    O  N N 95  
GDP "O5'"  O  N N 96  
GDP "C5'"  C  N N 97  
GDP "C4'"  C  N R 98  
GDP "O4'"  O  N N 99  
GDP "C3'"  C  N S 100 
GDP "O3'"  O  N N 101 
GDP "C2'"  C  N R 102 
GDP "O2'"  O  N N 103 
GDP "C1'"  C  N R 104 
GDP N9     N  Y N 105 
GDP C8     C  Y N 106 
GDP N7     N  Y N 107 
GDP C5     C  Y N 108 
GDP C6     C  N N 109 
GDP O6     O  N N 110 
GDP N1     N  N N 111 
GDP C2     C  N N 112 
GDP N2     N  N N 113 
GDP N3     N  N N 114 
GDP C4     C  Y N 115 
GDP HOB2   H  N N 116 
GDP HOB3   H  N N 117 
GDP HOA2   H  N N 118 
GDP "H5'"  H  N N 119 
GDP "H5''" H  N N 120 
GDP "H4'"  H  N N 121 
GDP "H3'"  H  N N 122 
GDP "HO3'" H  N N 123 
GDP "H2'"  H  N N 124 
GDP "HO2'" H  N N 125 
GDP "H1'"  H  N N 126 
GDP H8     H  N N 127 
GDP HN1    H  N N 128 
GDP HN21   H  N N 129 
GDP HN22   H  N N 130 
GLN N      N  N N 131 
GLN CA     C  N S 132 
GLN C      C  N N 133 
GLN O      O  N N 134 
GLN CB     C  N N 135 
GLN CG     C  N N 136 
GLN CD     C  N N 137 
GLN OE1    O  N N 138 
GLN NE2    N  N N 139 
GLN OXT    O  N N 140 
GLN H      H  N N 141 
GLN H2     H  N N 142 
GLN HA     H  N N 143 
GLN HB2    H  N N 144 
GLN HB3    H  N N 145 
GLN HG2    H  N N 146 
GLN HG3    H  N N 147 
GLN HE21   H  N N 148 
GLN HE22   H  N N 149 
GLN HXT    H  N N 150 
GLU N      N  N N 151 
GLU CA     C  N S 152 
GLU C      C  N N 153 
GLU O      O  N N 154 
GLU CB     C  N N 155 
GLU CG     C  N N 156 
GLU CD     C  N N 157 
GLU OE1    O  N N 158 
GLU OE2    O  N N 159 
GLU OXT    O  N N 160 
GLU H      H  N N 161 
GLU H2     H  N N 162 
GLU HA     H  N N 163 
GLU HB2    H  N N 164 
GLU HB3    H  N N 165 
GLU HG2    H  N N 166 
GLU HG3    H  N N 167 
GLU HE2    H  N N 168 
GLU HXT    H  N N 169 
GLY N      N  N N 170 
GLY CA     C  N N 171 
GLY C      C  N N 172 
GLY O      O  N N 173 
GLY OXT    O  N N 174 
GLY H      H  N N 175 
GLY H2     H  N N 176 
GLY HA2    H  N N 177 
GLY HA3    H  N N 178 
GLY HXT    H  N N 179 
HIS N      N  N N 180 
HIS CA     C  N S 181 
HIS C      C  N N 182 
HIS O      O  N N 183 
HIS CB     C  N N 184 
HIS CG     C  Y N 185 
HIS ND1    N  Y N 186 
HIS CD2    C  Y N 187 
HIS CE1    C  Y N 188 
HIS NE2    N  Y N 189 
HIS OXT    O  N N 190 
HIS H      H  N N 191 
HIS H2     H  N N 192 
HIS HA     H  N N 193 
HIS HB2    H  N N 194 
HIS HB3    H  N N 195 
HIS HD1    H  N N 196 
HIS HD2    H  N N 197 
HIS HE1    H  N N 198 
HIS HE2    H  N N 199 
HIS HXT    H  N N 200 
HOH O      O  N N 201 
HOH H1     H  N N 202 
HOH H2     H  N N 203 
ILE N      N  N N 204 
ILE CA     C  N S 205 
ILE C      C  N N 206 
ILE O      O  N N 207 
ILE CB     C  N S 208 
ILE CG1    C  N N 209 
ILE CG2    C  N N 210 
ILE CD1    C  N N 211 
ILE OXT    O  N N 212 
ILE H      H  N N 213 
ILE H2     H  N N 214 
ILE HA     H  N N 215 
ILE HB     H  N N 216 
ILE HG12   H  N N 217 
ILE HG13   H  N N 218 
ILE HG21   H  N N 219 
ILE HG22   H  N N 220 
ILE HG23   H  N N 221 
ILE HD11   H  N N 222 
ILE HD12   H  N N 223 
ILE HD13   H  N N 224 
ILE HXT    H  N N 225 
LEU N      N  N N 226 
LEU CA     C  N S 227 
LEU C      C  N N 228 
LEU O      O  N N 229 
LEU CB     C  N N 230 
LEU CG     C  N N 231 
LEU CD1    C  N N 232 
LEU CD2    C  N N 233 
LEU OXT    O  N N 234 
LEU H      H  N N 235 
LEU H2     H  N N 236 
LEU HA     H  N N 237 
LEU HB2    H  N N 238 
LEU HB3    H  N N 239 
LEU HG     H  N N 240 
LEU HD11   H  N N 241 
LEU HD12   H  N N 242 
LEU HD13   H  N N 243 
LEU HD21   H  N N 244 
LEU HD22   H  N N 245 
LEU HD23   H  N N 246 
LEU HXT    H  N N 247 
LYS N      N  N N 248 
LYS CA     C  N S 249 
LYS C      C  N N 250 
LYS O      O  N N 251 
LYS CB     C  N N 252 
LYS CG     C  N N 253 
LYS CD     C  N N 254 
LYS CE     C  N N 255 
LYS NZ     N  N N 256 
LYS OXT    O  N N 257 
LYS H      H  N N 258 
LYS H2     H  N N 259 
LYS HA     H  N N 260 
LYS HB2    H  N N 261 
LYS HB3    H  N N 262 
LYS HG2    H  N N 263 
LYS HG3    H  N N 264 
LYS HD2    H  N N 265 
LYS HD3    H  N N 266 
LYS HE2    H  N N 267 
LYS HE3    H  N N 268 
LYS HZ1    H  N N 269 
LYS HZ2    H  N N 270 
LYS HZ3    H  N N 271 
LYS HXT    H  N N 272 
MET N      N  N N 273 
MET CA     C  N S 274 
MET C      C  N N 275 
MET O      O  N N 276 
MET CB     C  N N 277 
MET CG     C  N N 278 
MET SD     S  N N 279 
MET CE     C  N N 280 
MET OXT    O  N N 281 
MET H      H  N N 282 
MET H2     H  N N 283 
MET HA     H  N N 284 
MET HB2    H  N N 285 
MET HB3    H  N N 286 
MET HG2    H  N N 287 
MET HG3    H  N N 288 
MET HE1    H  N N 289 
MET HE2    H  N N 290 
MET HE3    H  N N 291 
MET HXT    H  N N 292 
MG  MG     MG N N 293 
PHE N      N  N N 294 
PHE CA     C  N S 295 
PHE C      C  N N 296 
PHE O      O  N N 297 
PHE CB     C  N N 298 
PHE CG     C  Y N 299 
PHE CD1    C  Y N 300 
PHE CD2    C  Y N 301 
PHE CE1    C  Y N 302 
PHE CE2    C  Y N 303 
PHE CZ     C  Y N 304 
PHE OXT    O  N N 305 
PHE H      H  N N 306 
PHE H2     H  N N 307 
PHE HA     H  N N 308 
PHE HB2    H  N N 309 
PHE HB3    H  N N 310 
PHE HD1    H  N N 311 
PHE HD2    H  N N 312 
PHE HE1    H  N N 313 
PHE HE2    H  N N 314 
PHE HZ     H  N N 315 
PHE HXT    H  N N 316 
PRO N      N  N N 317 
PRO CA     C  N S 318 
PRO C      C  N N 319 
PRO O      O  N N 320 
PRO CB     C  N N 321 
PRO CG     C  N N 322 
PRO CD     C  N N 323 
PRO OXT    O  N N 324 
PRO H      H  N N 325 
PRO HA     H  N N 326 
PRO HB2    H  N N 327 
PRO HB3    H  N N 328 
PRO HG2    H  N N 329 
PRO HG3    H  N N 330 
PRO HD2    H  N N 331 
PRO HD3    H  N N 332 
PRO HXT    H  N N 333 
SER N      N  N N 334 
SER CA     C  N S 335 
SER C      C  N N 336 
SER O      O  N N 337 
SER CB     C  N N 338 
SER OG     O  N N 339 
SER OXT    O  N N 340 
SER H      H  N N 341 
SER H2     H  N N 342 
SER HA     H  N N 343 
SER HB2    H  N N 344 
SER HB3    H  N N 345 
SER HG     H  N N 346 
SER HXT    H  N N 347 
THR N      N  N N 348 
THR CA     C  N S 349 
THR C      C  N N 350 
THR O      O  N N 351 
THR CB     C  N R 352 
THR OG1    O  N N 353 
THR CG2    C  N N 354 
THR OXT    O  N N 355 
THR H      H  N N 356 
THR H2     H  N N 357 
THR HA     H  N N 358 
THR HB     H  N N 359 
THR HG1    H  N N 360 
THR HG21   H  N N 361 
THR HG22   H  N N 362 
THR HG23   H  N N 363 
THR HXT    H  N N 364 
TRP N      N  N N 365 
TRP CA     C  N S 366 
TRP C      C  N N 367 
TRP O      O  N N 368 
TRP CB     C  N N 369 
TRP CG     C  Y N 370 
TRP CD1    C  Y N 371 
TRP CD2    C  Y N 372 
TRP NE1    N  Y N 373 
TRP CE2    C  Y N 374 
TRP CE3    C  Y N 375 
TRP CZ2    C  Y N 376 
TRP CZ3    C  Y N 377 
TRP CH2    C  Y N 378 
TRP OXT    O  N N 379 
TRP H      H  N N 380 
TRP H2     H  N N 381 
TRP HA     H  N N 382 
TRP HB2    H  N N 383 
TRP HB3    H  N N 384 
TRP HD1    H  N N 385 
TRP HE1    H  N N 386 
TRP HE3    H  N N 387 
TRP HZ2    H  N N 388 
TRP HZ3    H  N N 389 
TRP HH2    H  N N 390 
TRP HXT    H  N N 391 
TYR N      N  N N 392 
TYR CA     C  N S 393 
TYR C      C  N N 394 
TYR O      O  N N 395 
TYR CB     C  N N 396 
TYR CG     C  Y N 397 
TYR CD1    C  Y N 398 
TYR CD2    C  Y N 399 
TYR CE1    C  Y N 400 
TYR CE2    C  Y N 401 
TYR CZ     C  Y N 402 
TYR OH     O  N N 403 
TYR OXT    O  N N 404 
TYR H      H  N N 405 
TYR H2     H  N N 406 
TYR HA     H  N N 407 
TYR HB2    H  N N 408 
TYR HB3    H  N N 409 
TYR HD1    H  N N 410 
TYR HD2    H  N N 411 
TYR HE1    H  N N 412 
TYR HE2    H  N N 413 
TYR HH     H  N N 414 
TYR HXT    H  N N 415 
VAL N      N  N N 416 
VAL CA     C  N S 417 
VAL C      C  N N 418 
VAL O      O  N N 419 
VAL CB     C  N N 420 
VAL CG1    C  N N 421 
VAL CG2    C  N N 422 
VAL OXT    O  N N 423 
VAL H      H  N N 424 
VAL H2     H  N N 425 
VAL HA     H  N N 426 
VAL HB     H  N N 427 
VAL HG11   H  N N 428 
VAL HG12   H  N N 429 
VAL HG13   H  N N 430 
VAL HG21   H  N N 431 
VAL HG22   H  N N 432 
VAL HG23   H  N N 433 
VAL HXT    H  N N 434 
# 
loop_
_chem_comp_bond.comp_id 
_chem_comp_bond.atom_id_1 
_chem_comp_bond.atom_id_2 
_chem_comp_bond.value_order 
_chem_comp_bond.pdbx_aromatic_flag 
_chem_comp_bond.pdbx_stereo_config 
_chem_comp_bond.pdbx_ordinal 
ALA N     CA     sing N N 1   
ALA N     H      sing N N 2   
ALA N     H2     sing N N 3   
ALA CA    C      sing N N 4   
ALA CA    CB     sing N N 5   
ALA CA    HA     sing N N 6   
ALA C     O      doub N N 7   
ALA C     OXT    sing N N 8   
ALA CB    HB1    sing N N 9   
ALA CB    HB2    sing N N 10  
ALA CB    HB3    sing N N 11  
ALA OXT   HXT    sing N N 12  
ARG N     CA     sing N N 13  
ARG N     H      sing N N 14  
ARG N     H2     sing N N 15  
ARG CA    C      sing N N 16  
ARG CA    CB     sing N N 17  
ARG CA    HA     sing N N 18  
ARG C     O      doub N N 19  
ARG C     OXT    sing N N 20  
ARG CB    CG     sing N N 21  
ARG CB    HB2    sing N N 22  
ARG CB    HB3    sing N N 23  
ARG CG    CD     sing N N 24  
ARG CG    HG2    sing N N 25  
ARG CG    HG3    sing N N 26  
ARG CD    NE     sing N N 27  
ARG CD    HD2    sing N N 28  
ARG CD    HD3    sing N N 29  
ARG NE    CZ     sing N N 30  
ARG NE    HE     sing N N 31  
ARG CZ    NH1    sing N N 32  
ARG CZ    NH2    doub N N 33  
ARG NH1   HH11   sing N N 34  
ARG NH1   HH12   sing N N 35  
ARG NH2   HH21   sing N N 36  
ARG NH2   HH22   sing N N 37  
ARG OXT   HXT    sing N N 38  
ASN N     CA     sing N N 39  
ASN N     H      sing N N 40  
ASN N     H2     sing N N 41  
ASN CA    C      sing N N 42  
ASN CA    CB     sing N N 43  
ASN CA    HA     sing N N 44  
ASN C     O      doub N N 45  
ASN C     OXT    sing N N 46  
ASN CB    CG     sing N N 47  
ASN CB    HB2    sing N N 48  
ASN CB    HB3    sing N N 49  
ASN CG    OD1    doub N N 50  
ASN CG    ND2    sing N N 51  
ASN ND2   HD21   sing N N 52  
ASN ND2   HD22   sing N N 53  
ASN OXT   HXT    sing N N 54  
ASP N     CA     sing N N 55  
ASP N     H      sing N N 56  
ASP N     H2     sing N N 57  
ASP CA    C      sing N N 58  
ASP CA    CB     sing N N 59  
ASP CA    HA     sing N N 60  
ASP C     O      doub N N 61  
ASP C     OXT    sing N N 62  
ASP CB    CG     sing N N 63  
ASP CB    HB2    sing N N 64  
ASP CB    HB3    sing N N 65  
ASP CG    OD1    doub N N 66  
ASP CG    OD2    sing N N 67  
ASP OD2   HD2    sing N N 68  
ASP OXT   HXT    sing N N 69  
CYS N     CA     sing N N 70  
CYS N     H      sing N N 71  
CYS N     H2     sing N N 72  
CYS CA    C      sing N N 73  
CYS CA    CB     sing N N 74  
CYS CA    HA     sing N N 75  
CYS C     O      doub N N 76  
CYS C     OXT    sing N N 77  
CYS CB    SG     sing N N 78  
CYS CB    HB2    sing N N 79  
CYS CB    HB3    sing N N 80  
CYS SG    HG     sing N N 81  
CYS OXT   HXT    sing N N 82  
GDP PB    O1B    doub N N 83  
GDP PB    O2B    sing N N 84  
GDP PB    O3B    sing N N 85  
GDP PB    O3A    sing N N 86  
GDP O2B   HOB2   sing N N 87  
GDP O3B   HOB3   sing N N 88  
GDP O3A   PA     sing N N 89  
GDP PA    O1A    doub N N 90  
GDP PA    O2A    sing N N 91  
GDP PA    "O5'"  sing N N 92  
GDP O2A   HOA2   sing N N 93  
GDP "O5'" "C5'"  sing N N 94  
GDP "C5'" "C4'"  sing N N 95  
GDP "C5'" "H5'"  sing N N 96  
GDP "C5'" "H5''" sing N N 97  
GDP "C4'" "O4'"  sing N N 98  
GDP "C4'" "C3'"  sing N N 99  
GDP "C4'" "H4'"  sing N N 100 
GDP "O4'" "C1'"  sing N N 101 
GDP "C3'" "O3'"  sing N N 102 
GDP "C3'" "C2'"  sing N N 103 
GDP "C3'" "H3'"  sing N N 104 
GDP "O3'" "HO3'" sing N N 105 
GDP "C2'" "O2'"  sing N N 106 
GDP "C2'" "C1'"  sing N N 107 
GDP "C2'" "H2'"  sing N N 108 
GDP "O2'" "HO2'" sing N N 109 
GDP "C1'" N9     sing N N 110 
GDP "C1'" "H1'"  sing N N 111 
GDP N9    C8     sing Y N 112 
GDP N9    C4     sing Y N 113 
GDP C8    N7     doub Y N 114 
GDP C8    H8     sing N N 115 
GDP N7    C5     sing Y N 116 
GDP C5    C6     sing N N 117 
GDP C5    C4     doub Y N 118 
GDP C6    O6     doub N N 119 
GDP C6    N1     sing N N 120 
GDP N1    C2     sing N N 121 
GDP N1    HN1    sing N N 122 
GDP C2    N2     sing N N 123 
GDP C2    N3     doub N N 124 
GDP N2    HN21   sing N N 125 
GDP N2    HN22   sing N N 126 
GDP N3    C4     sing N N 127 
GLN N     CA     sing N N 128 
GLN N     H      sing N N 129 
GLN N     H2     sing N N 130 
GLN CA    C      sing N N 131 
GLN CA    CB     sing N N 132 
GLN CA    HA     sing N N 133 
GLN C     O      doub N N 134 
GLN C     OXT    sing N N 135 
GLN CB    CG     sing N N 136 
GLN CB    HB2    sing N N 137 
GLN CB    HB3    sing N N 138 
GLN CG    CD     sing N N 139 
GLN CG    HG2    sing N N 140 
GLN CG    HG3    sing N N 141 
GLN CD    OE1    doub N N 142 
GLN CD    NE2    sing N N 143 
GLN NE2   HE21   sing N N 144 
GLN NE2   HE22   sing N N 145 
GLN OXT   HXT    sing N N 146 
GLU N     CA     sing N N 147 
GLU N     H      sing N N 148 
GLU N     H2     sing N N 149 
GLU CA    C      sing N N 150 
GLU CA    CB     sing N N 151 
GLU CA    HA     sing N N 152 
GLU C     O      doub N N 153 
GLU C     OXT    sing N N 154 
GLU CB    CG     sing N N 155 
GLU CB    HB2    sing N N 156 
GLU CB    HB3    sing N N 157 
GLU CG    CD     sing N N 158 
GLU CG    HG2    sing N N 159 
GLU CG    HG3    sing N N 160 
GLU CD    OE1    doub N N 161 
GLU CD    OE2    sing N N 162 
GLU OE2   HE2    sing N N 163 
GLU OXT   HXT    sing N N 164 
GLY N     CA     sing N N 165 
GLY N     H      sing N N 166 
GLY N     H2     sing N N 167 
GLY CA    C      sing N N 168 
GLY CA    HA2    sing N N 169 
GLY CA    HA3    sing N N 170 
GLY C     O      doub N N 171 
GLY C     OXT    sing N N 172 
GLY OXT   HXT    sing N N 173 
HIS N     CA     sing N N 174 
HIS N     H      sing N N 175 
HIS N     H2     sing N N 176 
HIS CA    C      sing N N 177 
HIS CA    CB     sing N N 178 
HIS CA    HA     sing N N 179 
HIS C     O      doub N N 180 
HIS C     OXT    sing N N 181 
HIS CB    CG     sing N N 182 
HIS CB    HB2    sing N N 183 
HIS CB    HB3    sing N N 184 
HIS CG    ND1    sing Y N 185 
HIS CG    CD2    doub Y N 186 
HIS ND1   CE1    doub Y N 187 
HIS ND1   HD1    sing N N 188 
HIS CD2   NE2    sing Y N 189 
HIS CD2   HD2    sing N N 190 
HIS CE1   NE2    sing Y N 191 
HIS CE1   HE1    sing N N 192 
HIS NE2   HE2    sing N N 193 
HIS OXT   HXT    sing N N 194 
HOH O     H1     sing N N 195 
HOH O     H2     sing N N 196 
ILE N     CA     sing N N 197 
ILE N     H      sing N N 198 
ILE N     H2     sing N N 199 
ILE CA    C      sing N N 200 
ILE CA    CB     sing N N 201 
ILE CA    HA     sing N N 202 
ILE C     O      doub N N 203 
ILE C     OXT    sing N N 204 
ILE CB    CG1    sing N N 205 
ILE CB    CG2    sing N N 206 
ILE CB    HB     sing N N 207 
ILE CG1   CD1    sing N N 208 
ILE CG1   HG12   sing N N 209 
ILE CG1   HG13   sing N N 210 
ILE CG2   HG21   sing N N 211 
ILE CG2   HG22   sing N N 212 
ILE CG2   HG23   sing N N 213 
ILE CD1   HD11   sing N N 214 
ILE CD1   HD12   sing N N 215 
ILE CD1   HD13   sing N N 216 
ILE OXT   HXT    sing N N 217 
LEU N     CA     sing N N 218 
LEU N     H      sing N N 219 
LEU N     H2     sing N N 220 
LEU CA    C      sing N N 221 
LEU CA    CB     sing N N 222 
LEU CA    HA     sing N N 223 
LEU C     O      doub N N 224 
LEU C     OXT    sing N N 225 
LEU CB    CG     sing N N 226 
LEU CB    HB2    sing N N 227 
LEU CB    HB3    sing N N 228 
LEU CG    CD1    sing N N 229 
LEU CG    CD2    sing N N 230 
LEU CG    HG     sing N N 231 
LEU CD1   HD11   sing N N 232 
LEU CD1   HD12   sing N N 233 
LEU CD1   HD13   sing N N 234 
LEU CD2   HD21   sing N N 235 
LEU CD2   HD22   sing N N 236 
LEU CD2   HD23   sing N N 237 
LEU OXT   HXT    sing N N 238 
LYS N     CA     sing N N 239 
LYS N     H      sing N N 240 
LYS N     H2     sing N N 241 
LYS CA    C      sing N N 242 
LYS CA    CB     sing N N 243 
LYS CA    HA     sing N N 244 
LYS C     O      doub N N 245 
LYS C     OXT    sing N N 246 
LYS CB    CG     sing N N 247 
LYS CB    HB2    sing N N 248 
LYS CB    HB3    sing N N 249 
LYS CG    CD     sing N N 250 
LYS CG    HG2    sing N N 251 
LYS CG    HG3    sing N N 252 
LYS CD    CE     sing N N 253 
LYS CD    HD2    sing N N 254 
LYS CD    HD3    sing N N 255 
LYS CE    NZ     sing N N 256 
LYS CE    HE2    sing N N 257 
LYS CE    HE3    sing N N 258 
LYS NZ    HZ1    sing N N 259 
LYS NZ    HZ2    sing N N 260 
LYS NZ    HZ3    sing N N 261 
LYS OXT   HXT    sing N N 262 
MET N     CA     sing N N 263 
MET N     H      sing N N 264 
MET N     H2     sing N N 265 
MET CA    C      sing N N 266 
MET CA    CB     sing N N 267 
MET CA    HA     sing N N 268 
MET C     O      doub N N 269 
MET C     OXT    sing N N 270 
MET CB    CG     sing N N 271 
MET CB    HB2    sing N N 272 
MET CB    HB3    sing N N 273 
MET CG    SD     sing N N 274 
MET CG    HG2    sing N N 275 
MET CG    HG3    sing N N 276 
MET SD    CE     sing N N 277 
MET CE    HE1    sing N N 278 
MET CE    HE2    sing N N 279 
MET CE    HE3    sing N N 280 
MET OXT   HXT    sing N N 281 
PHE N     CA     sing N N 282 
PHE N     H      sing N N 283 
PHE N     H2     sing N N 284 
PHE CA    C      sing N N 285 
PHE CA    CB     sing N N 286 
PHE CA    HA     sing N N 287 
PHE C     O      doub N N 288 
PHE C     OXT    sing N N 289 
PHE CB    CG     sing N N 290 
PHE CB    HB2    sing N N 291 
PHE CB    HB3    sing N N 292 
PHE CG    CD1    doub Y N 293 
PHE CG    CD2    sing Y N 294 
PHE CD1   CE1    sing Y N 295 
PHE CD1   HD1    sing N N 296 
PHE CD2   CE2    doub Y N 297 
PHE CD2   HD2    sing N N 298 
PHE CE1   CZ     doub Y N 299 
PHE CE1   HE1    sing N N 300 
PHE CE2   CZ     sing Y N 301 
PHE CE2   HE2    sing N N 302 
PHE CZ    HZ     sing N N 303 
PHE OXT   HXT    sing N N 304 
PRO N     CA     sing N N 305 
PRO N     CD     sing N N 306 
PRO N     H      sing N N 307 
PRO CA    C      sing N N 308 
PRO CA    CB     sing N N 309 
PRO CA    HA     sing N N 310 
PRO C     O      doub N N 311 
PRO C     OXT    sing N N 312 
PRO CB    CG     sing N N 313 
PRO CB    HB2    sing N N 314 
PRO CB    HB3    sing N N 315 
PRO CG    CD     sing N N 316 
PRO CG    HG2    sing N N 317 
PRO CG    HG3    sing N N 318 
PRO CD    HD2    sing N N 319 
PRO CD    HD3    sing N N 320 
PRO OXT   HXT    sing N N 321 
SER N     CA     sing N N 322 
SER N     H      sing N N 323 
SER N     H2     sing N N 324 
SER CA    C      sing N N 325 
SER CA    CB     sing N N 326 
SER CA    HA     sing N N 327 
SER C     O      doub N N 328 
SER C     OXT    sing N N 329 
SER CB    OG     sing N N 330 
SER CB    HB2    sing N N 331 
SER CB    HB3    sing N N 332 
SER OG    HG     sing N N 333 
SER OXT   HXT    sing N N 334 
THR N     CA     sing N N 335 
THR N     H      sing N N 336 
THR N     H2     sing N N 337 
THR CA    C      sing N N 338 
THR CA    CB     sing N N 339 
THR CA    HA     sing N N 340 
THR C     O      doub N N 341 
THR C     OXT    sing N N 342 
THR CB    OG1    sing N N 343 
THR CB    CG2    sing N N 344 
THR CB    HB     sing N N 345 
THR OG1   HG1    sing N N 346 
THR CG2   HG21   sing N N 347 
THR CG2   HG22   sing N N 348 
THR CG2   HG23   sing N N 349 
THR OXT   HXT    sing N N 350 
TRP N     CA     sing N N 351 
TRP N     H      sing N N 352 
TRP N     H2     sing N N 353 
TRP CA    C      sing N N 354 
TRP CA    CB     sing N N 355 
TRP CA    HA     sing N N 356 
TRP C     O      doub N N 357 
TRP C     OXT    sing N N 358 
TRP CB    CG     sing N N 359 
TRP CB    HB2    sing N N 360 
TRP CB    HB3    sing N N 361 
TRP CG    CD1    doub Y N 362 
TRP CG    CD2    sing Y N 363 
TRP CD1   NE1    sing Y N 364 
TRP CD1   HD1    sing N N 365 
TRP CD2   CE2    doub Y N 366 
TRP CD2   CE3    sing Y N 367 
TRP NE1   CE2    sing Y N 368 
TRP NE1   HE1    sing N N 369 
TRP CE2   CZ2    sing Y N 370 
TRP CE3   CZ3    doub Y N 371 
TRP CE3   HE3    sing N N 372 
TRP CZ2   CH2    doub Y N 373 
TRP CZ2   HZ2    sing N N 374 
TRP CZ3   CH2    sing Y N 375 
TRP CZ3   HZ3    sing N N 376 
TRP CH2   HH2    sing N N 377 
TRP OXT   HXT    sing N N 378 
TYR N     CA     sing N N 379 
TYR N     H      sing N N 380 
TYR N     H2     sing N N 381 
TYR CA    C      sing N N 382 
TYR CA    CB     sing N N 383 
TYR CA    HA     sing N N 384 
TYR C     O      doub N N 385 
TYR C     OXT    sing N N 386 
TYR CB    CG     sing N N 387 
TYR CB    HB2    sing N N 388 
TYR CB    HB3    sing N N 389 
TYR CG    CD1    doub Y N 390 
TYR CG    CD2    sing Y N 391 
TYR CD1   CE1    sing Y N 392 
TYR CD1   HD1    sing N N 393 
TYR CD2   CE2    doub Y N 394 
TYR CD2   HD2    sing N N 395 
TYR CE1   CZ     doub Y N 396 
TYR CE1   HE1    sing N N 397 
TYR CE2   CZ     sing Y N 398 
TYR CE2   HE2    sing N N 399 
TYR CZ    OH     sing N N 400 
TYR OH    HH     sing N N 401 
TYR OXT   HXT    sing N N 402 
VAL N     CA     sing N N 403 
VAL N     H      sing N N 404 
VAL N     H2     sing N N 405 
VAL CA    C      sing N N 406 
VAL CA    CB     sing N N 407 
VAL CA    HA     sing N N 408 
VAL C     O      doub N N 409 
VAL C     OXT    sing N N 410 
VAL CB    CG1    sing N N 411 
VAL CB    CG2    sing N N 412 
VAL CB    HB     sing N N 413 
VAL CG1   HG11   sing N N 414 
VAL CG1   HG12   sing N N 415 
VAL CG1   HG13   sing N N 416 
VAL CG2   HG21   sing N N 417 
VAL CG2   HG22   sing N N 418 
VAL CG2   HG23   sing N N 419 
VAL OXT   HXT    sing N N 420 
# 
_pdbx_initial_refinement_model.accession_code   ? 
_pdbx_initial_refinement_model.id               1 
_pdbx_initial_refinement_model.entity_id_list   ? 
_pdbx_initial_refinement_model.type             'in silico model' 
_pdbx_initial_refinement_model.source_name      Other 
_pdbx_initial_refinement_model.details          'homology based model' 
# 
_atom_sites.entry_id                    2Q3H 
_atom_sites.fract_transf_matrix[1][1]   -0.01047059 
_atom_sites.fract_transf_matrix[1][2]   0.00016329 
_atom_sites.fract_transf_matrix[1][3]   0.00914754 
_atom_sites.fract_transf_matrix[2][1]   -0.00317839 
_atom_sites.fract_transf_matrix[2][2]   -0.01808287 
_atom_sites.fract_transf_matrix[2][3]   -0.00331531 
_atom_sites.fract_transf_matrix[3][1]   0.00409423 
_atom_sites.fract_transf_matrix[3][2]   -0.00442347 
_atom_sites.fract_transf_matrix[3][3]   0.02020200 
_atom_sites.fract_transf_vector[1]      0.266606 
_atom_sites.fract_transf_vector[2]      -0.048898 
_atom_sites.fract_transf_vector[3]      0.259428 
# 
loop_
_atom_type.symbol 
C  
MG 
N  
O  
P  
S  
# 
loop_
_atom_site.group_PDB 
_atom_site.id 
_atom_site.type_symbol 
_atom_site.label_atom_id 
_atom_site.label_alt_id 
_atom_site.label_comp_id 
_atom_site.label_asym_id 
_atom_site.label_entity_id 
_atom_site.label_seq_id 
_atom_site.pdbx_PDB_ins_code 
_atom_site.Cartn_x 
_atom_site.Cartn_y 
_atom_site.Cartn_z 
_atom_site.occupancy 
_atom_site.B_iso_or_equiv 
_atom_site.pdbx_formal_charge 
_atom_site.auth_seq_id 
_atom_site.auth_comp_id 
_atom_site.auth_asym_id 
_atom_site.auth_atom_id 
_atom_site.pdbx_PDB_model_num 
ATOM   1    N  N     . GLY A 1 20  ? 8.313   -18.089 -3.408  1.00 53.36 ? 49   GLY A N     1 
ATOM   2    C  CA    . GLY A 1 20  ? 8.659   -16.639 -3.178  1.00 50.94 ? 49   GLY A CA    1 
ATOM   3    C  C     . GLY A 1 20  ? 7.723   -15.669 -3.893  1.00 48.05 ? 49   GLY A C     1 
ATOM   4    O  O     . GLY A 1 20  ? 7.403   -15.863 -5.065  1.00 52.03 ? 49   GLY A O     1 
ATOM   5    N  N     . VAL A 1 21  ? 7.333   -14.599 -3.204  1.00 42.67 ? 50   VAL A N     1 
ATOM   6    C  CA    . VAL A 1 21  ? 6.234   -13.755 -3.605  1.00 38.06 ? 50   VAL A CA    1 
ATOM   7    C  C     . VAL A 1 21  ? 6.740   -12.358 -3.933  1.00 43.12 ? 50   VAL A C     1 
ATOM   8    O  O     . VAL A 1 21  ? 7.497   -11.775 -3.153  1.00 42.53 ? 50   VAL A O     1 
ATOM   9    C  CB    . VAL A 1 21  ? 5.235   -13.662 -2.440  1.00 40.32 ? 50   VAL A CB    1 
ATOM   10   C  CG1   . VAL A 1 21  ? 4.174   -12.563 -2.677  1.00 42.91 ? 50   VAL A CG1   1 
ATOM   11   C  CG2   . VAL A 1 21  ? 4.634   -15.030 -2.218  1.00 47.15 ? 50   VAL A CG2   1 
ATOM   12   N  N     . LYS A 1 22  ? 6.324   -11.818 -5.083  1.00 42.72 ? 51   LYS A N     1 
ATOM   13   C  CA    . LYS A 1 22  ? 6.703   -10.466 -5.467  1.00 42.71 ? 51   LYS A CA    1 
ATOM   14   C  C     . LYS A 1 22  ? 5.579   -9.497  -5.105  1.00 45.95 ? 51   LYS A C     1 
ATOM   15   O  O     . LYS A 1 22  ? 4.446   -9.598  -5.611  1.00 42.54 ? 51   LYS A O     1 
ATOM   16   C  CB    . LYS A 1 22  ? 7.032   -10.340 -6.954  1.00 42.88 ? 51   LYS A CB    1 
ATOM   17   C  CG    . LYS A 1 22  ? 7.573   -8.956  -7.323  1.00 43.76 ? 51   LYS A CG    1 
ATOM   18   C  CD    . LYS A 1 22  ? 7.834   -8.816  -8.802  1.00 39.54 ? 51   LYS A CD    1 
ATOM   19   C  CE    . LYS A 1 22  ? 8.103   -7.359  -9.193  1.00 46.47 ? 51   LYS A CE    1 
ATOM   20   N  NZ    . LYS A 1 22  ? 8.831   -7.239  -10.502 1.00 47.81 ? 51   LYS A NZ    1 
ATOM   21   N  N     . CYS A 1 23  ? 5.909   -8.567  -4.211  1.00 41.68 ? 52   CYS A N     1 
ATOM   22   C  CA    . CYS A 1 23  ? 4.986   -7.572  -3.762  1.00 42.90 ? 52   CYS A CA    1 
ATOM   23   C  C     . CYS A 1 23  ? 5.460   -6.179  -4.186  1.00 46.44 ? 52   CYS A C     1 
ATOM   24   O  O     . CYS A 1 23  ? 6.602   -5.798  -3.929  1.00 46.97 ? 52   CYS A O     1 
ATOM   25   C  CB    . CYS A 1 23  ? 4.899   -7.653  -2.245  1.00 38.42 ? 52   CYS A CB    1 
ATOM   26   S  SG    . CYS A 1 23  ? 3.852   -6.412  -1.504  1.00 45.10 ? 52   CYS A SG    1 
ATOM   27   N  N     . VAL A 1 24  ? 4.587   -5.420  -4.850  1.00 44.31 ? 53   VAL A N     1 
ATOM   28   C  CA    . VAL A 1 24  ? 4.915   -4.046  -5.249  1.00 43.10 ? 53   VAL A CA    1 
ATOM   29   C  C     . VAL A 1 24  ? 4.013   -3.030  -4.533  1.00 38.89 ? 53   VAL A C     1 
ATOM   30   O  O     . VAL A 1 24  ? 2.796   -3.189  -4.479  1.00 44.02 ? 53   VAL A O     1 
ATOM   31   C  CB    . VAL A 1 24  ? 4.807   -3.879  -6.794  1.00 43.47 ? 53   VAL A CB    1 
ATOM   32   C  CG1   . VAL A 1 24  ? 5.052   -2.434  -7.197  1.00 42.74 ? 53   VAL A CG1   1 
ATOM   33   C  CG2   . VAL A 1 24  ? 5.784   -4.841  -7.537  1.00 39.87 ? 53   VAL A CG2   1 
ATOM   34   N  N     . LEU A 1 25  ? 4.628   -2.000  -3.960  1.00 40.61 ? 54   LEU A N     1 
ATOM   35   C  CA    . LEU A 1 25  ? 3.902   -0.973  -3.243  1.00 44.21 ? 54   LEU A CA    1 
ATOM   36   C  C     . LEU A 1 25  ? 3.798   0.219   -4.168  1.00 40.99 ? 54   LEU A C     1 
ATOM   37   O  O     . LEU A 1 25  ? 4.810   0.643   -4.715  1.00 41.78 ? 54   LEU A O     1 
ATOM   38   C  CB    . LEU A 1 25  ? 4.637   -0.530  -1.987  1.00 46.60 ? 54   LEU A CB    1 
ATOM   39   C  CG    . LEU A 1 25  ? 4.798   -1.562  -0.873  1.00 45.16 ? 54   LEU A CG    1 
ATOM   40   C  CD1   . LEU A 1 25  ? 6.075   -2.339  -1.083  1.00 44.20 ? 54   LEU A CD1   1 
ATOM   41   C  CD2   . LEU A 1 25  ? 4.818   -0.857  0.438   1.00 43.66 ? 54   LEU A CD2   1 
ATOM   42   N  N     . VAL A 1 26  ? 2.592   0.736   -4.329  1.00 42.81 ? 55   VAL A N     1 
ATOM   43   C  CA    . VAL A 1 26  ? 2.348   1.913   -5.138  1.00 42.22 ? 55   VAL A CA    1 
ATOM   44   C  C     . VAL A 1 26  ? 1.420   2.839   -4.381  1.00 42.95 ? 55   VAL A C     1 
ATOM   45   O  O     . VAL A 1 26  ? 0.731   2.433   -3.435  1.00 46.69 ? 55   VAL A O     1 
ATOM   46   C  CB    . VAL A 1 26  ? 1.727   1.567   -6.505  1.00 44.99 ? 55   VAL A CB    1 
ATOM   47   C  CG1   . VAL A 1 26  ? 2.682   0.657   -7.268  1.00 39.90 ? 55   VAL A CG1   1 
ATOM   48   C  CG2   . VAL A 1 26  ? 0.347   0.927   -6.361  1.00 43.22 ? 55   VAL A CG2   1 
ATOM   49   N  N     . GLY A 1 27  ? 1.415   4.088   -4.799  1.00 36.75 ? 56   GLY A N     1 
ATOM   50   C  CA    . GLY A 1 27  ? 0.545   5.079   -4.195  1.00 38.68 ? 56   GLY A CA    1 
ATOM   51   C  C     . GLY A 1 27  ? 1.232   6.425   -4.228  1.00 42.46 ? 56   GLY A C     1 
ATOM   52   O  O     . GLY A 1 27  ? 2.427   6.517   -4.490  1.00 41.80 ? 56   GLY A O     1 
ATOM   53   N  N     . ASP A 1 28  ? 0.488   7.479   -3.952  1.00 42.71 ? 57   ASP A N     1 
ATOM   54   C  CA    . ASP A 1 28  ? 1.035   8.835   -3.987  1.00 42.53 ? 57   ASP A CA    1 
ATOM   55   C  C     . ASP A 1 28  ? 2.310   9.012   -3.183  1.00 48.40 ? 57   ASP A C     1 
ATOM   56   O  O     . ASP A 1 28  ? 2.526   8.340   -2.179  1.00 42.48 ? 57   ASP A O     1 
ATOM   57   C  CB    . ASP A 1 28  ? 0.044   9.835   -3.452  1.00 41.48 ? 57   ASP A CB    1 
ATOM   58   C  CG    . ASP A 1 28  ? -1.119  10.062  -4.361  1.00 41.87 ? 57   ASP A CG    1 
ATOM   59   O  OD1   . ASP A 1 28  ? -1.209  9.430   -5.432  1.00 39.66 ? 57   ASP A OD1   1 
ATOM   60   O  OD2   . ASP A 1 28  ? -1.949  10.948  -4.019  1.00 38.55 ? 57   ASP A OD2   1 
ATOM   61   N  N     . GLY A 1 29  ? 3.123   9.973   -3.608  1.00 45.02 ? 58   GLY A N     1 
ATOM   62   C  CA    . GLY A 1 29  ? 4.291   10.379  -2.843  1.00 46.49 ? 58   GLY A CA    1 
ATOM   63   C  C     . GLY A 1 29  ? 3.862   10.799  -1.455  1.00 45.88 ? 58   GLY A C     1 
ATOM   64   O  O     . GLY A 1 29  ? 2.769   11.363  -1.282  1.00 45.96 ? 58   GLY A O     1 
ATOM   65   N  N     . ALA A 1 30  ? 4.694   10.456  -0.471  1.00 43.53 ? 59   ALA A N     1 
ATOM   66   C  CA    . ALA A 1 30  ? 4.552   10.868  0.919   1.00 46.92 ? 59   ALA A CA    1 
ATOM   67   C  C     . ALA A 1 30  ? 3.491   10.147  1.759   1.00 45.34 ? 59   ALA A C     1 
ATOM   68   O  O     . ALA A 1 30  ? 3.244   10.557  2.894   1.00 47.34 ? 59   ALA A O     1 
ATOM   69   C  CB    . ALA A 1 30  ? 4.327   12.423  1.007   1.00 43.28 ? 59   ALA A CB    1 
ATOM   70   N  N     . VAL A 1 31  ? 2.831   9.122   1.223   1.00 44.57 ? 60   VAL A N     1 
ATOM   71   C  CA    . VAL A 1 31  ? 1.845   8.381   1.989   1.00 42.40 ? 60   VAL A CA    1 
ATOM   72   C  C     . VAL A 1 31  ? 2.474   7.469   3.043   1.00 43.53 ? 60   VAL A C     1 
ATOM   73   O  O     . VAL A 1 31  ? 1.803   7.122   4.016   1.00 44.17 ? 60   VAL A O     1 
ATOM   74   C  CB    . VAL A 1 31  ? 0.822   7.591   1.101   1.00 42.17 ? 60   VAL A CB    1 
ATOM   75   C  CG1   . VAL A 1 31  ? 0.073   8.553   0.149   1.00 41.12 ? 60   VAL A CG1   1 
ATOM   76   C  CG2   . VAL A 1 31  ? 1.442   6.492   0.318   1.00 39.92 ? 60   VAL A CG2   1 
ATOM   77   N  N     . GLY A 1 32  ? 3.713   7.053   2.806   1.00 43.07 ? 61   GLY A N     1 
ATOM   78   C  CA    . GLY A 1 32  ? 4.447   6.181   3.752   1.00 44.55 ? 61   GLY A CA    1 
ATOM   79   C  C     . GLY A 1 32  ? 4.842   4.792   3.243   1.00 43.68 ? 61   GLY A C     1 
ATOM   80   O  O     . GLY A 1 32  ? 5.058   3.879   4.084   1.00 45.34 ? 61   GLY A O     1 
ATOM   81   N  N     . LYS A 1 33  ? 4.969   4.639   1.928   1.00 45.44 ? 62   LYS A N     1 
ATOM   82   C  CA    . LYS A 1 33  ? 5.341   3.346   1.314   1.00 41.00 ? 62   LYS A CA    1 
ATOM   83   C  C     . LYS A 1 33  ? 6.694   2.847   1.789   1.00 42.58 ? 62   LYS A C     1 
ATOM   84   O  O     . LYS A 1 33  ? 6.833   1.716   2.257   1.00 44.31 ? 62   LYS A O     1 
ATOM   85   C  CB    . LYS A 1 33  ? 5.298   3.417   -0.222  1.00 45.68 ? 62   LYS A CB    1 
ATOM   86   C  CG    . LYS A 1 33  ? 3.961   3.923   -0.809  1.00 42.99 ? 62   LYS A CG    1 
ATOM   87   C  CD    . LYS A 1 33  ? 4.014   4.001   -2.334  1.00 48.31 ? 62   LYS A CD    1 
ATOM   88   C  CE    . LYS A 1 33  ? 4.919   5.145   -2.865  1.00 48.53 ? 62   LYS A CE    1 
ATOM   89   N  NZ    . LYS A 1 33  ? 4.552   6.520   -2.379  1.00 44.29 ? 62   LYS A NZ    1 
ATOM   90   N  N     . THR A 1 34  ? 7.701   3.696   1.684   1.00 43.33 ? 63   THR A N     1 
ATOM   91   C  CA    . THR A 1 34  ? 9.064   3.326   2.040   1.00 44.83 ? 63   THR A CA    1 
ATOM   92   C  C     . THR A 1 34  ? 9.177   3.008   3.553   1.00 41.10 ? 63   THR A C     1 
ATOM   93   O  O     . THR A 1 34  ? 9.757   2.001   3.954   1.00 41.48 ? 63   THR A O     1 
ATOM   94   C  CB    . THR A 1 34  ? 10.049  4.432   1.630   1.00 46.15 ? 63   THR A CB    1 
ATOM   95   O  OG1   . THR A 1 34  ? 9.986   4.694   0.193   1.00 41.51 ? 63   THR A OG1   1 
ATOM   96   C  CG2   . THR A 1 34  ? 11.498  3.981   1.993   1.00 46.63 ? 63   THR A CG2   1 
ATOM   97   N  N     . SER A 1 35  ? 8.552   3.848   4.374   1.00 41.28 ? 64   SER A N     1 
ATOM   98   C  CA    . SER A 1 35  ? 8.439   3.630   5.811   1.00 41.43 ? 64   SER A CA    1 
ATOM   99   C  C     . SER A 1 35  ? 7.790   2.316   6.190   1.00 43.91 ? 64   SER A C     1 
ATOM   100  O  O     . SER A 1 35  ? 8.191   1.661   7.132   1.00 43.51 ? 64   SER A O     1 
ATOM   101  C  CB    . SER A 1 35  ? 7.640   4.774   6.455   1.00 41.38 ? 64   SER A CB    1 
ATOM   102  O  OG    . SER A 1 35  ? 8.299   6.015   6.320   1.00 43.90 ? 64   SER A OG    1 
ATOM   103  N  N     . LEU A 1 36  ? 6.789   1.915   5.440   1.00 42.10 ? 65   LEU A N     1 
ATOM   104  C  CA    . LEU A 1 36  ? 6.111   0.628   5.707   1.00 45.07 ? 65   LEU A CA    1 
ATOM   105  C  C     . LEU A 1 36  ? 7.100   -0.515  5.556   1.00 43.43 ? 65   LEU A C     1 
ATOM   106  O  O     . LEU A 1 36  ? 7.223   -1.344  6.436   1.00 42.37 ? 65   LEU A O     1 
ATOM   107  C  CB    . LEU A 1 36  ? 4.959   0.474   4.715   1.00 49.31 ? 65   LEU A CB    1 
ATOM   108  C  CG    . LEU A 1 36  ? 3.828   -0.496  4.869   1.00 65.95 ? 65   LEU A CG    1 
ATOM   109  C  CD1   . LEU A 1 36  ? 3.237   -0.366  6.260   1.00 65.77 ? 65   LEU A CD1   1 
ATOM   110  C  CD2   . LEU A 1 36  ? 2.837   -0.111  3.784   1.00 57.54 ? 65   LEU A CD2   1 
ATOM   111  N  N     . VAL A 1 37  ? 7.848   -0.517  4.467   1.00 43.80 ? 66   VAL A N     1 
ATOM   112  C  CA    . VAL A 1 37  ? 8.748   -1.634  4.193   1.00 44.49 ? 66   VAL A CA    1 
ATOM   113  C  C     . VAL A 1 37  ? 9.954   -1.605  5.123   1.00 43.92 ? 66   VAL A C     1 
ATOM   114  O  O     . VAL A 1 37  ? 10.346  -2.638  5.643   1.00 41.70 ? 66   VAL A O     1 
ATOM   115  C  CB    A VAL A 1 37  ? 9.223   -1.660  2.725   0.50 47.55 ? 66   VAL A CB    1 
ATOM   116  C  CB    B VAL A 1 37  ? 9.247   -1.666  2.741   0.50 47.74 ? 66   VAL A CB    1 
ATOM   117  C  CG1   A VAL A 1 37  ? 9.738   -0.298  2.291   0.50 46.82 ? 66   VAL A CG1   1 
ATOM   118  C  CG1   B VAL A 1 37  ? 10.057  -2.941  2.517   0.50 49.56 ? 66   VAL A CG1   1 
ATOM   119  C  CG2   A VAL A 1 37  ? 10.317  -2.701  2.550   0.50 46.96 ? 66   VAL A CG2   1 
ATOM   120  C  CG2   B VAL A 1 37  ? 8.093   -1.572  1.760   0.50 42.88 ? 66   VAL A CG2   1 
ATOM   121  N  N     . VAL A 1 38  ? 10.542  -0.429  5.330   1.00 42.68 ? 67   VAL A N     1 
ATOM   122  C  CA    . VAL A 1 38  ? 11.670  -0.333  6.242   1.00 42.91 ? 67   VAL A CA    1 
ATOM   123  C  C     . VAL A 1 38  ? 11.268  -0.676  7.690   1.00 39.71 ? 67   VAL A C     1 
ATOM   124  O  O     . VAL A 1 38  ? 12.004  -1.386  8.383   1.00 41.91 ? 67   VAL A O     1 
ATOM   125  C  CB    . VAL A 1 38  ? 12.315  1.080   6.227   1.00 40.55 ? 67   VAL A CB    1 
ATOM   126  C  CG1   . VAL A 1 38  ? 13.470  1.101   7.242   1.00 36.41 ? 67   VAL A CG1   1 
ATOM   127  C  CG2   . VAL A 1 38  ? 12.862  1.406   4.800   1.00 39.31 ? 67   VAL A CG2   1 
ATOM   128  N  N     . SER A 1 39  ? 10.129  -0.165  8.166   1.00 40.52 ? 68   SER A N     1 
ATOM   129  C  CA    . SER A 1 39  ? 9.713   -0.463  9.542   1.00 38.84 ? 68   SER A CA    1 
ATOM   130  C  C     . SER A 1 39  ? 9.587   -1.979  9.737   1.00 42.68 ? 68   SER A C     1 
ATOM   131  O  O     . SER A 1 39  ? 10.021  -2.542  10.742  1.00 41.95 ? 68   SER A O     1 
ATOM   132  C  CB    . SER A 1 39  ? 8.402   0.260   9.853   1.00 44.59 ? 68   SER A CB    1 
ATOM   133  O  OG    . SER A 1 39  ? 7.964   -0.027  11.181  1.00 50.26 ? 68   SER A OG    1 
ATOM   134  N  N     . TYR A 1 40  ? 9.004   -2.623  8.728   1.00 39.06 ? 69   TYR A N     1 
ATOM   135  C  CA    . TYR A 1 40  ? 8.692   -4.059  8.763   1.00 40.69 ? 69   TYR A CA    1 
ATOM   136  C  C     . TYR A 1 40  ? 9.920   -4.916  8.666   1.00 43.44 ? 69   TYR A C     1 
ATOM   137  O  O     . TYR A 1 40  ? 10.033  -5.955  9.332   1.00 43.77 ? 69   TYR A O     1 
ATOM   138  C  CB    . TYR A 1 40  ? 7.778   -4.376  7.621   1.00 42.85 ? 69   TYR A CB    1 
ATOM   139  C  CG    . TYR A 1 40  ? 7.395   -5.825  7.502   1.00 45.25 ? 69   TYR A CG    1 
ATOM   140  C  CD1   . TYR A 1 40  ? 6.639   -6.432  8.464   1.00 40.35 ? 69   TYR A CD1   1 
ATOM   141  C  CD2   . TYR A 1 40  ? 7.788   -6.583  6.393   1.00 45.00 ? 69   TYR A CD2   1 
ATOM   142  C  CE1   . TYR A 1 40  ? 6.280   -7.819  8.354   1.00 43.20 ? 69   TYR A CE1   1 
ATOM   143  C  CE2   . TYR A 1 40  ? 7.416   -7.888  6.270   1.00 45.12 ? 69   TYR A CE2   1 
ATOM   144  C  CZ    . TYR A 1 40  ? 6.662   -8.500  7.238   1.00 42.60 ? 69   TYR A CZ    1 
ATOM   145  O  OH    . TYR A 1 40  ? 6.293   -9.812  7.094   1.00 44.33 ? 69   TYR A OH    1 
ATOM   146  N  N     . THR A 1 41  ? 10.859  -4.500  7.821   1.00 43.95 ? 70   THR A N     1 
ATOM   147  C  CA    . THR A 1 41  ? 12.064  -5.325  7.570   1.00 45.90 ? 70   THR A CA    1 
ATOM   148  C  C     . THR A 1 41  ? 13.229  -4.957  8.458   1.00 52.39 ? 70   THR A C     1 
ATOM   149  O  O     . THR A 1 41  ? 14.309  -5.542  8.348   1.00 55.57 ? 70   THR A O     1 
ATOM   150  C  CB    . THR A 1 41  ? 12.540  -5.208  6.121   1.00 43.06 ? 70   THR A CB    1 
ATOM   151  O  OG1   . THR A 1 41  ? 12.883  -3.849  5.843   1.00 49.01 ? 70   THR A OG1   1 
ATOM   152  C  CG2   . THR A 1 41  ? 11.469  -5.706  5.133   1.00 43.85 ? 70   THR A CG2   1 
ATOM   153  N  N     . THR A 1 42  ? 13.025  -4.023  9.369   1.00 51.74 ? 71   THR A N     1 
ATOM   154  C  CA    . THR A 1 42  ? 14.060  -3.720  10.342  1.00 57.62 ? 71   THR A CA    1 
ATOM   155  C  C     . THR A 1 42  ? 13.487  -3.808  11.747  1.00 57.63 ? 71   THR A C     1 
ATOM   156  O  O     . THR A 1 42  ? 13.293  -4.900  12.259  1.00 69.12 ? 71   THR A O     1 
ATOM   157  C  CB    . THR A 1 42  ? 14.641  -2.334  10.087  1.00 58.48 ? 71   THR A CB    1 
ATOM   158  O  OG1   . THR A 1 42  ? 13.672  -1.344  10.418  1.00 56.49 ? 71   THR A OG1   1 
ATOM   159  C  CG2   . THR A 1 42  ? 15.032  -2.172  8.612   1.00 66.37 ? 71   THR A CG2   1 
ATOM   160  N  N     . PRO A 1 51  ? 18.531  4.978   0.692   1.00 61.48 ? 80   PRO A N     1 
ATOM   161  C  CA    . PRO A 1 51  ? 17.696  6.165   0.942   1.00 66.44 ? 80   PRO A CA    1 
ATOM   162  C  C     . PRO A 1 51  ? 17.504  6.961   -0.355  1.00 67.27 ? 80   PRO A C     1 
ATOM   163  O  O     . PRO A 1 51  ? 18.321  7.837   -0.687  1.00 70.06 ? 80   PRO A O     1 
ATOM   164  C  CB    . PRO A 1 51  ? 18.478  6.938   2.022   1.00 67.22 ? 80   PRO A CB    1 
ATOM   165  C  CG    . PRO A 1 51  ? 19.738  6.061   2.346   1.00 72.70 ? 80   PRO A CG    1 
ATOM   166  C  CD    . PRO A 1 51  ? 19.460  4.700   1.803   1.00 62.74 ? 80   PRO A CD    1 
ATOM   167  N  N     . THR A 1 52  ? 16.428  6.642   -1.077  1.00 66.38 ? 81   THR A N     1 
ATOM   168  C  CA    . THR A 1 52  ? 16.385  6.830   -2.535  1.00 69.71 ? 81   THR A CA    1 
ATOM   169  C  C     . THR A 1 52  ? 14.977  6.617   -3.127  1.00 67.17 ? 81   THR A C     1 
ATOM   170  O  O     . THR A 1 52  ? 14.015  6.375   -2.389  1.00 72.59 ? 81   THR A O     1 
ATOM   171  C  CB    . THR A 1 52  ? 17.381  5.839   -3.217  1.00 61.59 ? 81   THR A CB    1 
ATOM   172  O  OG1   . THR A 1 52  ? 17.479  6.104   -4.623  1.00 80.37 ? 81   THR A OG1   1 
ATOM   173  C  CG2   . THR A 1 52  ? 16.929  4.400   -2.992  1.00 65.10 ? 81   THR A CG2   1 
ATOM   174  N  N     . ALA A 1 53  ? 14.881  6.694   -4.459  1.00 71.09 ? 82   ALA A N     1 
ATOM   175  C  CA    . ALA A 1 53  ? 13.596  6.705   -5.183  1.00 69.01 ? 82   ALA A CA    1 
ATOM   176  C  C     . ALA A 1 53  ? 12.949  5.324   -5.309  1.00 65.84 ? 82   ALA A C     1 
ATOM   177  O  O     . ALA A 1 53  ? 11.823  5.106   -4.846  1.00 71.49 ? 82   ALA A O     1 
ATOM   178  C  CB    . ALA A 1 53  ? 13.786  7.319   -6.580  1.00 68.51 ? 82   ALA A CB    1 
ATOM   179  N  N     . PHE A 1 54  ? 13.647  4.411   -5.978  1.00 64.58 ? 83   PHE A N     1 
ATOM   180  C  CA    . PHE A 1 54  ? 13.179  3.039   -6.115  1.00 54.84 ? 83   PHE A CA    1 
ATOM   181  C  C     . PHE A 1 54  ? 14.134  2.148   -5.342  1.00 52.93 ? 83   PHE A C     1 
ATOM   182  O  O     . PHE A 1 54  ? 15.359  2.303   -5.429  1.00 51.14 ? 83   PHE A O     1 
ATOM   183  C  CB    . PHE A 1 54  ? 13.140  2.620   -7.584  1.00 59.40 ? 83   PHE A CB    1 
ATOM   184  C  CG    . PHE A 1 54  ? 12.053  3.292   -8.398  1.00 57.63 ? 83   PHE A CG    1 
ATOM   185  C  CD1   . PHE A 1 54  ? 12.194  4.609   -8.824  1.00 73.78 ? 83   PHE A CD1   1 
ATOM   186  C  CD2   . PHE A 1 54  ? 10.908  2.591   -8.775  1.00 50.42 ? 83   PHE A CD2   1 
ATOM   187  C  CE1   . PHE A 1 54  ? 11.195  5.225   -9.579  1.00 59.74 ? 83   PHE A CE1   1 
ATOM   188  C  CE2   . PHE A 1 54  ? 9.904   3.201   -9.528  1.00 56.35 ? 83   PHE A CE2   1 
ATOM   189  C  CZ    . PHE A 1 54  ? 10.052  4.516   -9.935  1.00 49.85 ? 83   PHE A CZ    1 
ATOM   190  N  N     . ASP A 1 55  ? 13.593  1.214   -4.574  1.00 45.78 ? 84   ASP A N     1 
ATOM   191  C  CA    . ASP A 1 55  ? 14.458  0.253   -3.907  1.00 48.12 ? 84   ASP A CA    1 
ATOM   192  C  C     . ASP A 1 55  ? 13.741  -1.059  -3.700  1.00 36.37 ? 84   ASP A C     1 
ATOM   193  O  O     . ASP A 1 55  ? 12.519  -1.094  -3.566  1.00 42.95 ? 84   ASP A O     1 
ATOM   194  C  CB    . ASP A 1 55  ? 14.976  0.831   -2.580  1.00 47.77 ? 84   ASP A CB    1 
ATOM   195  C  CG    . ASP A 1 55  ? 16.378  0.347   -2.233  1.00 63.75 ? 84   ASP A CG    1 
ATOM   196  O  OD1   . ASP A 1 55  ? 17.176  0.053   -3.158  1.00 81.64 ? 84   ASP A OD1   1 
ATOM   197  O  OD2   . ASP A 1 55  ? 16.696  0.281   -1.024  1.00 63.34 ? 84   ASP A OD2   1 
ATOM   198  N  N     . ASN A 1 56  ? 14.538  -2.123  -3.660  1.00 42.42 ? 85   ASN A N     1 
ATOM   199  C  CA    . ASN A 1 56  ? 14.075  -3.498  -3.432  1.00 42.70 ? 85   ASN A CA    1 
ATOM   200  C  C     . ASN A 1 56  ? 14.525  -4.043  -2.085  1.00 40.82 ? 85   ASN A C     1 
ATOM   201  O  O     . ASN A 1 56  ? 15.675  -3.834  -1.662  1.00 43.72 ? 85   ASN A O     1 
ATOM   202  C  CB    . ASN A 1 56  ? 14.656  -4.427  -4.496  1.00 46.56 ? 85   ASN A CB    1 
ATOM   203  C  CG    . ASN A 1 56  ? 14.049  -4.205  -5.852  1.00 54.03 ? 85   ASN A CG    1 
ATOM   204  O  OD1   . ASN A 1 56  ? 12.854  -4.376  -6.030  1.00 52.31 ? 85   ASN A OD1   1 
ATOM   205  N  ND2   . ASN A 1 56  ? 14.879  -3.851  -6.827  1.00 58.18 ? 85   ASN A ND2   1 
ATOM   206  N  N     . PHE A 1 57  ? 13.625  -4.769  -1.437  1.00 47.19 ? 86   PHE A N     1 
ATOM   207  C  CA    . PHE A 1 57  ? 13.909  -5.405  -0.160  1.00 46.86 ? 86   PHE A CA    1 
ATOM   208  C  C     . PHE A 1 57  ? 13.493  -6.877  -0.256  1.00 51.48 ? 86   PHE A C     1 
ATOM   209  O  O     . PHE A 1 57  ? 12.632  -7.250  -1.052  1.00 46.63 ? 86   PHE A O     1 
ATOM   210  C  CB    . PHE A 1 57  ? 13.149  -4.717  0.969   1.00 46.64 ? 86   PHE A CB    1 
ATOM   211  C  CG    . PHE A 1 57  ? 13.350  -3.225  1.031   1.00 51.02 ? 86   PHE A CG    1 
ATOM   212  C  CD1   . PHE A 1 57  ? 12.702  -2.380  0.130   1.00 53.91 ? 86   PHE A CD1   1 
ATOM   213  C  CD2   . PHE A 1 57  ? 14.172  -2.660  2.006   1.00 53.87 ? 86   PHE A CD2   1 
ATOM   214  C  CE1   . PHE A 1 57  ? 12.877  -1.007  0.194   1.00 49.04 ? 86   PHE A CE1   1 
ATOM   215  C  CE2   . PHE A 1 57  ? 14.358  -1.292  2.074   1.00 53.11 ? 86   PHE A CE2   1 
ATOM   216  C  CZ    . PHE A 1 57  ? 13.711  -0.460  1.170   1.00 46.22 ? 86   PHE A CZ    1 
ATOM   217  N  N     . SER A 1 58  ? 14.133  -7.711  0.547   1.00 49.97 ? 87   SER A N     1 
ATOM   218  C  CA    . SER A 1 58  ? 13.817  -9.130  0.564   1.00 52.36 ? 87   SER A CA    1 
ATOM   219  C  C     . SER A 1 58  ? 13.817  -9.565  2.008   1.00 52.34 ? 87   SER A C     1 
ATOM   220  O  O     . SER A 1 58  ? 14.746  -9.227  2.750   1.00 55.43 ? 87   SER A O     1 
ATOM   221  C  CB    . SER A 1 58  ? 14.824  -9.946  -0.219  1.00 52.79 ? 87   SER A CB    1 
ATOM   222  O  OG    . SER A 1 58  ? 14.428  -11.314 -0.225  1.00 58.73 ? 87   SER A OG    1 
ATOM   223  N  N     . ALA A 1 59  ? 12.774  -10.289 2.401   1.00 48.15 ? 88   ALA A N     1 
ATOM   224  C  CA    . ALA A 1 59  ? 12.685  -10.851 3.742   1.00 46.14 ? 88   ALA A CA    1 
ATOM   225  C  C     . ALA A 1 59  ? 12.068  -12.234 3.700   1.00 45.00 ? 88   ALA A C     1 
ATOM   226  O  O     . ALA A 1 59  ? 11.237  -12.525 2.846   1.00 49.36 ? 88   ALA A O     1 
ATOM   227  C  CB    . ALA A 1 59  ? 11.857  -9.962  4.608   1.00 44.55 ? 88   ALA A CB    1 
ATOM   228  N  N     . VAL A 1 60  ? 12.488  -13.081 4.630   1.00 41.38 ? 89   VAL A N     1 
ATOM   229  C  CA    . VAL A 1 60  ? 11.792  -14.334 4.866   1.00 42.06 ? 89   VAL A CA    1 
ATOM   230  C  C     . VAL A 1 60  ? 10.796  -14.105 6.016   1.00 42.37 ? 89   VAL A C     1 
ATOM   231  O  O     . VAL A 1 60  ? 11.189  -13.660 7.091   1.00 42.81 ? 89   VAL A O     1 
ATOM   232  C  CB    . VAL A 1 60  ? 12.765  -15.411 5.176   1.00 38.47 ? 89   VAL A CB    1 
ATOM   233  C  CG1   . VAL A 1 60  ? 12.055  -16.774 5.430   1.00 41.37 ? 89   VAL A CG1   1 
ATOM   234  C  CG2   . VAL A 1 60  ? 13.781  -15.574 3.986   1.00 36.58 ? 89   VAL A CG2   1 
ATOM   235  N  N     . VAL A 1 61  ? 9.541   -14.490 5.805   1.00 38.35 ? 90   VAL A N     1 
ATOM   236  C  CA    . VAL A 1 61  ? 8.438   -14.203 6.732   1.00 39.57 ? 90   VAL A CA    1 
ATOM   237  C  C     . VAL A 1 61  ? 7.720   -15.487 7.120   1.00 45.14 ? 90   VAL A C     1 
ATOM   238  O  O     . VAL A 1 61  ? 7.475   -16.355 6.277   1.00 40.06 ? 90   VAL A O     1 
ATOM   239  C  CB    . VAL A 1 61  ? 7.412   -13.276 6.051   1.00 43.73 ? 90   VAL A CB    1 
ATOM   240  C  CG1   . VAL A 1 61  ? 6.306   -12.777 7.056   1.00 44.69 ? 90   VAL A CG1   1 
ATOM   241  C  CG2   . VAL A 1 61  ? 8.081   -12.074 5.380   1.00 41.95 ? 90   VAL A CG2   1 
ATOM   242  N  N     . SER A 1 62  ? 7.382   -15.620 8.402   1.00 39.80 ? 91   SER A N     1 
ATOM   243  C  CA    . SER A 1 62  ? 6.624   -16.784 8.874   1.00 39.86 ? 91   SER A CA    1 
ATOM   244  C  C     . SER A 1 62  ? 5.161   -16.490 8.703   1.00 41.76 ? 91   SER A C     1 
ATOM   245  O  O     . SER A 1 62  ? 4.638   -15.593 9.365   1.00 43.02 ? 91   SER A O     1 
ATOM   246  C  CB    . SER A 1 62  ? 6.886   -17.067 10.337  1.00 35.86 ? 91   SER A CB    1 
ATOM   247  O  OG    . SER A 1 62  ? 6.263   -18.262 10.709  1.00 38.16 ? 91   SER A OG    1 
ATOM   248  N  N     . VAL A 1 63  ? 4.508   -17.224 7.817   1.00 44.76 ? 92   VAL A N     1 
ATOM   249  C  CA    . VAL A 1 63  ? 3.093   -17.046 7.513   1.00 46.02 ? 92   VAL A CA    1 
ATOM   250  C  C     . VAL A 1 63  ? 2.394   -18.374 7.750   1.00 45.85 ? 92   VAL A C     1 
ATOM   251  O  O     . VAL A 1 63  ? 2.770   -19.446 7.206   1.00 39.56 ? 92   VAL A O     1 
ATOM   252  C  CB    . VAL A 1 63  ? 2.887   -16.544 6.056   1.00 47.58 ? 92   VAL A CB    1 
ATOM   253  C  CG1   . VAL A 1 63  ? 1.391   -16.416 5.700   1.00 49.01 ? 92   VAL A CG1   1 
ATOM   254  C  CG2   . VAL A 1 63  ? 3.564   -15.235 5.871   1.00 44.78 ? 92   VAL A CG2   1 
ATOM   255  N  N     . ASP A 1 64  ? 1.418   -18.352 8.654   1.00 41.99 ? 93   ASP A N     1 
ATOM   256  C  CA    . ASP A 1 64  ? 0.742   -19.580 9.007   1.00 42.61 ? 93   ASP A CA    1 
ATOM   257  C  C     . ASP A 1 64  ? 1.706   -20.756 9.274   1.00 35.23 ? 93   ASP A C     1 
ATOM   258  O  O     . ASP A 1 64  ? 1.453   -21.912 8.965   1.00 39.80 ? 93   ASP A O     1 
ATOM   259  C  CB    . ASP A 1 64  ? -0.289  -19.870 7.912   1.00 43.70 ? 93   ASP A CB    1 
ATOM   260  C  CG    . ASP A 1 64  ? -1.297  -18.743 7.811   1.00 49.47 ? 93   ASP A CG    1 
ATOM   261  O  OD1   . ASP A 1 64  ? -1.611  -18.224 8.884   1.00 54.59 ? 93   ASP A OD1   1 
ATOM   262  O  OD2   . ASP A 1 64  ? -1.698  -18.309 6.709   1.00 52.78 ? 93   ASP A OD2   1 
ATOM   263  N  N     . GLY A 1 65  ? 2.803   -20.405 9.940   1.00 40.39 ? 94   GLY A N     1 
ATOM   264  C  CA    . GLY A 1 65  ? 3.685   -21.395 10.469  1.00 38.85 ? 94   GLY A CA    1 
ATOM   265  C  C     . GLY A 1 65  ? 4.811   -21.840 9.548   1.00 31.97 ? 94   GLY A C     1 
ATOM   266  O  O     . GLY A 1 65  ? 5.559   -22.734 9.898   1.00 37.19 ? 94   GLY A O     1 
ATOM   267  N  N     . ARG A 1 66  ? 4.911   -21.266 8.355   1.00 41.95 ? 95   ARG A N     1 
ATOM   268  C  CA    . ARG A 1 66  ? 6.032   -21.712 7.479   1.00 37.39 ? 95   ARG A CA    1 
ATOM   269  C  C     . ARG A 1 66  ? 6.684   -20.484 6.834   1.00 36.98 ? 95   ARG A C     1 
ATOM   270  O  O     . ARG A 1 66  ? 6.069   -19.468 6.664   1.00 34.96 ? 95   ARG A O     1 
ATOM   271  C  CB    . ARG A 1 66  ? 5.607   -22.766 6.467   1.00 37.90 ? 95   ARG A CB    1 
ATOM   272  C  CG    . ARG A 1 66  ? 4.353   -22.454 5.669   1.00 37.66 ? 95   ARG A CG    1 
ATOM   273  C  CD    . ARG A 1 66  ? 4.560   -21.349 4.702   1.00 44.26 ? 95   ARG A CD    1 
ATOM   274  N  NE    . ARG A 1 66  ? 3.639   -21.444 3.558   1.00 54.64 ? 95   ARG A NE    1 
ATOM   275  C  CZ    . ARG A 1 66  ? 2.471   -20.799 3.451   1.00 58.14 ? 95   ARG A CZ    1 
ATOM   276  N  NH1   . ARG A 1 66  ? 1.731   -20.956 2.356   1.00 52.45 ? 95   ARG A NH1   1 
ATOM   277  N  NH2   . ARG A 1 66  ? 2.027   -20.006 4.420   1.00 50.25 ? 95   ARG A NH2   1 
ATOM   278  N  N     . PRO A 1 67  ? 7.983   -20.594 6.510   1.00 38.25 ? 96   PRO A N     1 
ATOM   279  C  CA    . PRO A 1 67  ? 8.672   -19.420 5.954   1.00 33.60 ? 96   PRO A CA    1 
ATOM   280  C  C     . PRO A 1 67  ? 8.364   -19.199 4.471   1.00 29.54 ? 96   PRO A C     1 
ATOM   281  O  O     . PRO A 1 67  ? 8.307   -20.174 3.710   1.00 34.46 ? 96   PRO A O     1 
ATOM   282  C  CB    . PRO A 1 67  ? 10.150  -19.797 6.116   1.00 31.66 ? 96   PRO A CB    1 
ATOM   283  C  CG    . PRO A 1 67  ? 10.204  -21.215 6.249   1.00 34.59 ? 96   PRO A CG    1 
ATOM   284  C  CD    . PRO A 1 67  ? 8.870   -21.722 6.712   1.00 36.47 ? 96   PRO A CD    1 
ATOM   285  N  N     . VAL A 1 68  ? 8.248   -17.940 4.087   1.00 33.88 ? 97   VAL A N     1 
ATOM   286  C  CA    . VAL A 1 68  ? 8.033   -17.549 2.698   1.00 37.63 ? 97   VAL A CA    1 
ATOM   287  C  C     . VAL A 1 68  ? 8.949   -16.407 2.338   1.00 38.88 ? 97   VAL A C     1 
ATOM   288  O  O     . VAL A 1 68  ? 9.104   -15.448 3.119   1.00 39.42 ? 97   VAL A O     1 
ATOM   289  C  CB    . VAL A 1 68  ? 6.587   -17.114 2.464   1.00 37.80 ? 97   VAL A CB    1 
ATOM   290  C  CG1   . VAL A 1 68  ? 6.379   -16.679 0.975   1.00 41.12 ? 97   VAL A CG1   1 
ATOM   291  C  CG2   . VAL A 1 68  ? 5.605   -18.213 2.913   1.00 40.95 ? 97   VAL A CG2   1 
ATOM   292  N  N     . ARG A 1 69  ? 9.569   -16.482 1.165   1.00 35.68 ? 98   ARG A N     1 
ATOM   293  C  CA    . ARG A 1 69  ? 10.391  -15.360 0.716   1.00 35.30 ? 98   ARG A CA    1 
ATOM   294  C  C     . ARG A 1 69  ? 9.518   -14.294 0.095   1.00 37.26 ? 98   ARG A C     1 
ATOM   295  O  O     . ARG A 1 69  ? 8.705   -14.572 -0.775  1.00 37.85 ? 98   ARG A O     1 
ATOM   296  C  CB    . ARG A 1 69  ? 11.479  -15.822 -0.283  1.00 37.02 ? 98   ARG A CB    1 
ATOM   297  C  CG    . ARG A 1 69  ? 12.627  -14.813 -0.355  1.00 49.19 ? 98   ARG A CG    1 
ATOM   298  C  CD    . ARG A 1 69  ? 13.729  -15.187 -1.312  1.00 48.08 ? 98   ARG A CD    1 
ATOM   299  N  NE    . ARG A 1 69  ? 14.229  -16.550 -1.167  1.00 74.35 ? 98   ARG A NE    1 
ATOM   300  C  CZ    . ARG A 1 69  ? 15.124  -16.948 -0.261  1.00 74.25 ? 98   ARG A CZ    1 
ATOM   301  N  NH1   . ARG A 1 69  ? 15.607  -16.087 0.636   1.00 77.21 ? 98   ARG A NH1   1 
ATOM   302  N  NH2   . ARG A 1 69  ? 15.514  -18.218 -0.236  1.00 64.89 ? 98   ARG A NH2   1 
ATOM   303  N  N     . LEU A 1 70  ? 9.678   -13.064 0.576   1.00 37.76 ? 99   LEU A N     1 
ATOM   304  C  CA    . LEU A 1 70  ? 8.893   -11.923 0.120   1.00 36.07 ? 99   LEU A CA    1 
ATOM   305  C  C     . LEU A 1 70  ? 9.868   -10.899 -0.448  1.00 41.77 ? 99   LEU A C     1 
ATOM   306  O  O     . LEU A 1 70  ? 10.837  -10.543 0.212   1.00 42.00 ? 99   LEU A O     1 
ATOM   307  C  CB    . LEU A 1 70  ? 8.124   -11.337 1.297   1.00 40.71 ? 99   LEU A CB    1 
ATOM   308  C  CG    . LEU A 1 70  ? 7.263   -10.107 1.053   1.00 43.10 ? 99   LEU A CG    1 
ATOM   309  C  CD1   . LEU A 1 70  ? 6.139   -10.387 0.055   1.00 42.35 ? 99   LEU A CD1   1 
ATOM   310  C  CD2   . LEU A 1 70  ? 6.693   -9.633  2.392   1.00 45.33 ? 99   LEU A CD2   1 
ATOM   311  N  N     . GLN A 1 71  ? 9.669   -10.520 -1.710  1.00 44.12 ? 100  GLN A N     1 
ATOM   312  C  CA    . GLN A 1 71  ? 10.436  -9.472  -2.358  1.00 45.32 ? 100  GLN A CA    1 
ATOM   313  C  C     . GLN A 1 71  ? 9.558   -8.245  -2.330  1.00 43.63 ? 100  GLN A C     1 
ATOM   314  O  O     . GLN A 1 71  ? 8.400   -8.308  -2.733  1.00 44.22 ? 100  GLN A O     1 
ATOM   315  C  CB    . GLN A 1 71  ? 10.782  -9.837  -3.810  1.00 50.43 ? 100  GLN A CB    1 
ATOM   316  C  CG    . GLN A 1 71  ? 11.290  -8.635  -4.636  1.00 53.48 ? 100  GLN A CG    1 
ATOM   317  C  CD    . GLN A 1 71  ? 11.446  -8.913  -6.133  1.00 52.63 ? 100  GLN A CD    1 
ATOM   318  O  OE1   . GLN A 1 71  ? 11.419  -10.062 -6.588  1.00 72.17 ? 100  GLN A OE1   1 
ATOM   319  N  NE2   . GLN A 1 71  ? 11.598  -7.844  -6.899  1.00 62.25 ? 100  GLN A NE2   1 
ATOM   320  N  N     . LEU A 1 72  ? 10.068  -7.144  -1.801  1.00 45.35 ? 101  LEU A N     1 
ATOM   321  C  CA    . LEU A 1 72  ? 9.295   -5.892  -1.739  1.00 40.69 ? 101  LEU A CA    1 
ATOM   322  C  C     . LEU A 1 72  ? 9.922   -4.869  -2.679  1.00 42.68 ? 101  LEU A C     1 
ATOM   323  O  O     . LEU A 1 72  ? 11.129  -4.598  -2.623  1.00 51.33 ? 101  LEU A O     1 
ATOM   324  C  CB    . LEU A 1 72  ? 9.217   -5.372  -0.308  1.00 48.85 ? 101  LEU A CB    1 
ATOM   325  C  CG    . LEU A 1 72  ? 8.469   -6.318  0.629   1.00 51.64 ? 101  LEU A CG    1 
ATOM   326  C  CD1   . LEU A 1 72  ? 8.709   -5.958  2.095   1.00 58.33 ? 101  LEU A CD1   1 
ATOM   327  C  CD2   . LEU A 1 72  ? 6.977   -6.289  0.305   1.00 47.99 ? 101  LEU A CD2   1 
ATOM   328  N  N     . CYS A 1 73  ? 9.111   -4.368  -3.606  1.00 44.09 ? 102  CYS A N     1 
ATOM   329  C  CA    A CYS A 1 73  ? 9.560   -3.359  -4.558  0.70 39.61 ? 102  CYS A CA    1 
ATOM   330  C  CA    B CYS A 1 73  ? 9.562   -3.353  -4.559  0.30 39.51 ? 102  CYS A CA    1 
ATOM   331  C  C     . CYS A 1 73  ? 8.850   -2.062  -4.215  1.00 36.08 ? 102  CYS A C     1 
ATOM   332  O  O     . CYS A 1 73  ? 7.627   -1.984  -4.254  1.00 44.83 ? 102  CYS A O     1 
ATOM   333  C  CB    A CYS A 1 73  ? 9.224   -3.788  -5.973  0.70 40.31 ? 102  CYS A CB    1 
ATOM   334  C  CB    B CYS A 1 73  ? 9.266   -3.732  -6.009  0.30 39.33 ? 102  CYS A CB    1 
ATOM   335  S  SG    A CYS A 1 73  ? 9.846   -5.425  -6.304  0.70 49.57 ? 102  CYS A SG    1 
ATOM   336  S  SG    B CYS A 1 73  ? 9.839   -2.478  -7.210  0.30 36.53 ? 102  CYS A SG    1 
ATOM   337  N  N     . ASP A 1 74  ? 9.644   -1.070  -3.861  1.00 42.99 ? 103  ASP A N     1 
ATOM   338  C  CA    . ASP A 1 74  ? 9.128   0.205   -3.405  1.00 35.15 ? 103  ASP A CA    1 
ATOM   339  C  C     . ASP A 1 74  ? 9.254   1.096   -4.623  1.00 40.17 ? 103  ASP A C     1 
ATOM   340  O  O     . ASP A 1 74  ? 10.304  1.118   -5.263  1.00 46.60 ? 103  ASP A O     1 
ATOM   341  C  CB    . ASP A 1 74  ? 10.012  0.683   -2.283  1.00 41.56 ? 103  ASP A CB    1 
ATOM   342  C  CG    . ASP A 1 74  ? 9.528   1.937   -1.667  1.00 37.97 ? 103  ASP A CG    1 
ATOM   343  O  OD1   . ASP A 1 74  ? 8.335   2.268   -1.861  1.00 44.25 ? 103  ASP A OD1   1 
ATOM   344  O  OD2   . ASP A 1 74  ? 10.390  2.605   -1.060  1.00 51.41 ? 103  ASP A OD2   1 
ATOM   345  N  N     . THR A 1 75  ? 8.185   1.783   -4.982  1.00 43.55 ? 104  THR A N     1 
ATOM   346  C  CA    . THR A 1 75  ? 8.167   2.591   -6.200  1.00 44.78 ? 104  THR A CA    1 
ATOM   347  C  C     . THR A 1 75  ? 7.915   4.046   -5.844  1.00 44.01 ? 104  THR A C     1 
ATOM   348  O  O     . THR A 1 75  ? 7.307   4.325   -4.819  1.00 41.90 ? 104  THR A O     1 
ATOM   349  C  CB    . THR A 1 75  ? 7.058   2.112   -7.159  1.00 41.95 ? 104  THR A CB    1 
ATOM   350  O  OG1   . THR A 1 75  ? 5.763   2.360   -6.598  1.00 43.07 ? 104  THR A OG1   1 
ATOM   351  C  CG2   . THR A 1 75  ? 7.198   0.652   -7.477  1.00 47.97 ? 104  THR A CG2   1 
ATOM   352  N  N     . ALA A 1 76  ? 8.403   4.967   -6.673  1.00 43.57 ? 105  ALA A N     1 
ATOM   353  C  CA    . ALA A 1 76  ? 8.051   6.397   -6.567  1.00 46.13 ? 105  ALA A CA    1 
ATOM   354  C  C     . ALA A 1 76  ? 6.687   6.639   -7.212  1.00 46.21 ? 105  ALA A C     1 
ATOM   355  O  O     . ALA A 1 76  ? 6.439   6.175   -8.315  1.00 44.13 ? 105  ALA A O     1 
ATOM   356  C  CB    . ALA A 1 76  ? 9.106   7.252   -7.266  1.00 47.77 ? 105  ALA A CB    1 
ATOM   357  N  N     . GLY A 1 77  ? 5.824   7.402   -6.549  1.00 43.97 ? 106  GLY A N     1 
ATOM   358  C  CA    . GLY A 1 77  ? 4.448   7.587   -6.997  1.00 40.91 ? 106  GLY A CA    1 
ATOM   359  C  C     . GLY A 1 77  ? 4.226   8.885   -7.768  1.00 42.48 ? 106  GLY A C     1 
ATOM   360  O  O     . GLY A 1 77  ? 3.125   9.143   -8.230  1.00 41.30 ? 106  GLY A O     1 
ATOM   361  N  N     . GLN A 1 78  ? 5.272   9.690   -7.935  1.00 41.66 ? 107  GLN A N     1 
ATOM   362  C  CA    . GLN A 1 78  ? 5.103   11.004  -8.564  1.00 44.28 ? 107  GLN A CA    1 
ATOM   363  C  C     . GLN A 1 78  ? 4.810   10.826  -10.028 1.00 43.90 ? 107  GLN A C     1 
ATOM   364  O  O     . GLN A 1 78  ? 5.202   9.822   -10.625 1.00 43.30 ? 107  GLN A O     1 
ATOM   365  C  CB    . GLN A 1 78  ? 6.315   11.910  -8.336  1.00 48.82 ? 107  GLN A CB    1 
ATOM   366  C  CG    . GLN A 1 78  ? 6.455   12.362  -6.855  1.00 51.17 ? 107  GLN A CG    1 
ATOM   367  C  CD    . GLN A 1 78  ? 7.002   11.251  -5.942  1.00 58.52 ? 107  GLN A CD    1 
ATOM   368  O  OE1   . GLN A 1 78  ? 7.472   10.221  -6.414  1.00 65.52 ? 107  GLN A OE1   1 
ATOM   369  N  NE2   . GLN A 1 78  ? 6.927   11.464  -4.633  1.00 62.69 ? 107  GLN A NE2   1 
ATOM   370  N  N     . ASP A 1 79  ? 4.105   11.808  -10.591 1.00 48.62 ? 108  ASP A N     1 
ATOM   371  C  CA    . ASP A 1 79  ? 3.680   11.784  -11.988 1.00 49.13 ? 108  ASP A CA    1 
ATOM   372  C  C     . ASP A 1 79  ? 4.881   11.722  -12.930 1.00 46.63 ? 108  ASP A C     1 
ATOM   373  O  O     . ASP A 1 79  ? 4.754   11.217  -14.040 1.00 45.99 ? 108  ASP A O     1 
ATOM   374  C  CB    . ASP A 1 79  ? 2.803   13.012  -12.337 1.00 52.62 ? 108  ASP A CB    1 
ATOM   375  C  CG    . ASP A 1 79  ? 1.363   12.911  -11.809 1.00 58.19 ? 108  ASP A CG    1 
ATOM   376  O  OD1   . ASP A 1 79  ? 0.996   11.903  -11.191 1.00 48.88 ? 108  ASP A OD1   1 
ATOM   377  O  OD2   . ASP A 1 79  ? 0.581   13.855  -12.032 1.00 56.99 ? 108  ASP A OD2   1 
ATOM   378  N  N     . GLU A 1 80  ? 6.049   12.209  -12.493 1.00 43.51 ? 109  GLU A N     1 
ATOM   379  C  CA    . GLU A 1 80  ? 7.284   12.100  -13.292 1.00 48.53 ? 109  GLU A CA    1 
ATOM   380  C  C     . GLU A 1 80  ? 7.526   10.659  -13.718 1.00 46.42 ? 109  GLU A C     1 
ATOM   381  O  O     . GLU A 1 80  ? 8.173   10.405  -14.721 1.00 47.18 ? 109  GLU A O     1 
ATOM   382  C  CB    . GLU A 1 80  ? 8.527   12.541  -12.503 1.00 54.29 ? 109  GLU A CB    1 
ATOM   383  C  CG    . GLU A 1 80  ? 8.526   13.965  -11.974 1.00 54.77 ? 109  GLU A CG    1 
ATOM   384  C  CD    . GLU A 1 80  ? 8.758   14.007  -10.462 1.00 77.82 ? 109  GLU A CD    1 
ATOM   385  O  OE1   . GLU A 1 80  ? 7.854   14.486  -9.725  1.00 53.55 ? 109  GLU A OE1   1 
ATOM   386  O  OE2   . GLU A 1 80  ? 9.832   13.535  -10.018 1.00 77.57 ? 109  GLU A OE2   1 
ATOM   387  N  N     . PHE A 1 81  ? 7.040   9.708   -12.928 1.00 40.52 ? 110  PHE A N     1 
ATOM   388  C  CA    . PHE A 1 81  ? 7.221   8.292   -13.282 1.00 42.80 ? 110  PHE A CA    1 
ATOM   389  C  C     . PHE A 1 81  ? 5.953   7.787   -14.001 1.00 46.73 ? 110  PHE A C     1 
ATOM   390  O  O     . PHE A 1 81  ? 5.137   8.602   -14.469 1.00 51.71 ? 110  PHE A O     1 
ATOM   391  C  CB    . PHE A 1 81  ? 7.666   7.510   -12.056 1.00 53.90 ? 110  PHE A CB    1 
ATOM   392  C  CG    . PHE A 1 81  ? 8.866   8.127   -11.382 1.00 56.99 ? 110  PHE A CG    1 
ATOM   393  C  CD1   . PHE A 1 81  ? 8.709   9.032   -10.345 1.00 44.64 ? 110  PHE A CD1   1 
ATOM   394  C  CD2   . PHE A 1 81  ? 10.150  7.848   -11.834 1.00 65.19 ? 110  PHE A CD2   1 
ATOM   395  C  CE1   . PHE A 1 81  ? 9.807   9.630   -9.747  1.00 56.29 ? 110  PHE A CE1   1 
ATOM   396  C  CE2   . PHE A 1 81  ? 11.260  8.434   -11.239 1.00 57.86 ? 110  PHE A CE2   1 
ATOM   397  C  CZ    . PHE A 1 81  ? 11.094  9.321   -10.198 1.00 49.30 ? 110  PHE A CZ    1 
ATOM   398  N  N     . ASP A 1 82  ? 5.820   6.472   -14.176 1.00 58.78 ? 111  ASP A N     1 
ATOM   399  C  CA    . ASP A 1 82  ? 5.058   5.949   -15.343 1.00 58.70 ? 111  ASP A CA    1 
ATOM   400  C  C     . ASP A 1 82  ? 5.816   6.345   -16.591 1.00 66.56 ? 111  ASP A C     1 
ATOM   401  O  O     . ASP A 1 82  ? 5.544   5.871   -17.713 1.00 72.19 ? 111  ASP A O     1 
ATOM   402  C  CB    . ASP A 1 82  ? 3.593   6.414   -15.372 1.00 63.92 ? 111  ASP A CB    1 
ATOM   403  C  CG    . ASP A 1 82  ? 2.662   5.375   -16.015 1.00 65.35 ? 111  ASP A CG    1 
ATOM   404  O  OD1   . ASP A 1 82  ? 1.415   5.456   -15.802 1.00 77.41 ? 111  ASP A OD1   1 
ATOM   405  O  OD2   . ASP A 1 82  ? 3.162   4.476   -16.728 1.00 53.05 ? 111  ASP A OD2   1 
ATOM   406  N  N     . LYS A 1 83  ? 6.779   7.235   -16.388 1.00 62.76 ? 112  LYS A N     1 
ATOM   407  C  CA    . LYS A 1 83  ? 8.068   7.033   -16.982 1.00 60.67 ? 112  LYS A CA    1 
ATOM   408  C  C     . LYS A 1 83  ? 8.422   5.578   -16.632 1.00 57.17 ? 112  LYS A C     1 
ATOM   409  O  O     . LYS A 1 83  ? 7.850   4.632   -17.224 1.00 56.72 ? 112  LYS A O     1 
ATOM   410  C  CB    . LYS A 1 83  ? 9.089   8.016   -16.395 1.00 60.63 ? 112  LYS A CB    1 
ATOM   411  N  N     . LEU A 1 84  ? 9.327   5.387   -15.642 1.00 55.74 ? 113  LEU A N     1 
ATOM   412  C  CA    . LEU A 1 84  ? 9.843   4.060   -15.356 1.00 54.50 ? 113  LEU A CA    1 
ATOM   413  C  C     . LEU A 1 84  ? 8.846   3.126   -14.620 1.00 51.09 ? 113  LEU A C     1 
ATOM   414  O  O     . LEU A 1 84  ? 8.874   1.898   -14.836 1.00 51.90 ? 113  LEU A O     1 
ATOM   415  C  CB    . LEU A 1 84  ? 11.133  4.198   -14.520 1.00 64.32 ? 113  LEU A CB    1 
ATOM   416  N  N     . ARG A 1 85  ? 7.981   3.693   -13.759 1.00 48.75 ? 114  ARG A N     1 
ATOM   417  C  CA    . ARG A 1 85  ? 7.374   2.895   -12.667 1.00 41.37 ? 114  ARG A CA    1 
ATOM   418  C  C     . ARG A 1 85  ? 6.853   1.518   -13.071 1.00 44.94 ? 114  ARG A C     1 
ATOM   419  O  O     . ARG A 1 85  ? 7.263   0.523   -12.476 1.00 49.58 ? 114  ARG A O     1 
ATOM   420  C  CB    . ARG A 1 85  ? 6.293   3.674   -11.920 1.00 43.42 ? 114  ARG A CB    1 
ATOM   421  C  CG    . ARG A 1 85  ? 5.683   2.900   -10.751 1.00 41.99 ? 114  ARG A CG    1 
ATOM   422  C  CD    . ARG A 1 85  ? 4.413   3.598   -10.238 1.00 45.20 ? 114  ARG A CD    1 
ATOM   423  N  NE    . ARG A 1 85  ? 4.630   5.051   -10.221 1.00 45.17 ? 114  ARG A NE    1 
ATOM   424  C  CZ    . ARG A 1 85  ? 3.963   6.023   -10.945 1.00 32.81 ? 114  ARG A CZ    1 
ATOM   425  N  NH1   . ARG A 1 85  ? 4.314   7.295   -10.784 1.00 63.48 ? 114  ARG A NH1   1 
ATOM   426  N  NH2   . ARG A 1 85  ? 2.982   5.769   -11.847 1.00 54.26 ? 114  ARG A NH2   1 
ATOM   427  N  N     . PRO A 1 86  ? 5.994   1.426   -14.126 1.00 48.24 ? 115  PRO A N     1 
ATOM   428  C  CA    . PRO A 1 86  ? 5.485   0.097   -14.554 1.00 45.54 ? 115  PRO A CA    1 
ATOM   429  C  C     . PRO A 1 86  ? 6.519   -0.960  -15.004 1.00 43.97 ? 115  PRO A C     1 
ATOM   430  O  O     . PRO A 1 86  ? 6.151   -2.133  -15.133 1.00 53.07 ? 115  PRO A O     1 
ATOM   431  C  CB    . PRO A 1 86  ? 4.492   0.423   -15.709 1.00 46.36 ? 115  PRO A CB    1 
ATOM   432  C  CG    . PRO A 1 86  ? 4.109   1.822   -15.437 1.00 52.31 ? 115  PRO A CG    1 
ATOM   433  C  CD    . PRO A 1 86  ? 5.374   2.492   -14.935 1.00 51.05 ? 115  PRO A CD    1 
ATOM   434  N  N     . LEU A 1 87  ? 7.775   -0.570  -15.255 1.00 46.07 ? 116  LEU A N     1 
ATOM   435  C  CA    . LEU A 1 87  ? 8.845   -1.541  -15.509 1.00 45.13 ? 116  LEU A CA    1 
ATOM   436  C  C     . LEU A 1 87  ? 9.144   -2.422  -14.286 1.00 42.67 ? 116  LEU A C     1 
ATOM   437  O  O     . LEU A 1 87  ? 9.744   -3.514  -14.427 1.00 41.53 ? 116  LEU A O     1 
ATOM   438  C  CB    . LEU A 1 87  ? 10.136  -0.825  -15.902 1.00 46.84 ? 116  LEU A CB    1 
ATOM   439  C  CG    . LEU A 1 87  ? 10.085  0.026   -17.167 1.00 56.24 ? 116  LEU A CG    1 
ATOM   440  C  CD1   . LEU A 1 87  ? 11.441  0.753   -17.348 1.00 54.31 ? 116  LEU A CD1   1 
ATOM   441  C  CD2   . LEU A 1 87  ? 9.751   -0.888  -18.379 1.00 53.30 ? 116  LEU A CD2   1 
ATOM   442  N  N     . CYS A 1 88  ? 8.769   -1.920  -13.105 1.00 42.52 ? 117  CYS A N     1 
ATOM   443  C  CA    . CYS A 1 88  ? 8.880   -2.651  -11.844 1.00 44.00 ? 117  CYS A CA    1 
ATOM   444  C  C     . CYS A 1 88  ? 7.782   -3.720  -11.689 1.00 48.77 ? 117  CYS A C     1 
ATOM   445  O  O     . CYS A 1 88  ? 7.812   -4.502  -10.743 1.00 47.30 ? 117  CYS A O     1 
ATOM   446  C  CB    . CYS A 1 88  ? 8.782   -1.664  -10.658 1.00 50.89 ? 117  CYS A CB    1 
ATOM   447  S  SG    . CYS A 1 88  ? 10.094  -0.367  -10.600 1.00 50.74 ? 117  CYS A SG    1 
ATOM   448  N  N     . TYR A 1 89  ? 6.793   -3.738  -12.591 1.00 40.88 ? 118  TYR A N     1 
ATOM   449  C  CA    . TYR A 1 89  ? 5.578   -4.536  -12.358 1.00 43.12 ? 118  TYR A CA    1 
ATOM   450  C  C     . TYR A 1 89  ? 5.630   -5.952  -12.870 1.00 43.98 ? 118  TYR A C     1 
ATOM   451  O  O     . TYR A 1 89  ? 4.700   -6.731  -12.637 1.00 44.66 ? 118  TYR A O     1 
ATOM   452  C  CB    . TYR A 1 89  ? 4.368   -3.867  -13.007 1.00 41.26 ? 118  TYR A CB    1 
ATOM   453  C  CG    . TYR A 1 89  ? 3.895   -2.588  -12.368 1.00 51.31 ? 118  TYR A CG    1 
ATOM   454  C  CD1   . TYR A 1 89  ? 4.573   -2.004  -11.295 1.00 45.22 ? 118  TYR A CD1   1 
ATOM   455  C  CD2   . TYR A 1 89  ? 2.779   -1.941  -12.872 1.00 43.20 ? 118  TYR A CD2   1 
ATOM   456  C  CE1   . TYR A 1 89  ? 4.139   -0.831  -10.739 1.00 37.01 ? 118  TYR A CE1   1 
ATOM   457  C  CE2   . TYR A 1 89  ? 2.326   -0.765  -12.319 1.00 42.71 ? 118  TYR A CE2   1 
ATOM   458  C  CZ    . TYR A 1 89  ? 3.014   -0.214  -11.261 1.00 41.95 ? 118  TYR A CZ    1 
ATOM   459  O  OH    . TYR A 1 89  ? 2.582   0.946   -10.716 1.00 42.22 ? 118  TYR A OH    1 
ATOM   460  N  N     . THR A 1 90  ? 6.689   -6.296  -13.585 1.00 40.62 ? 119  THR A N     1 
ATOM   461  C  CA    . THR A 1 90  ? 6.721   -7.583  -14.262 1.00 47.19 ? 119  THR A CA    1 
ATOM   462  C  C     . THR A 1 90  ? 6.624   -8.684  -13.214 1.00 46.20 ? 119  THR A C     1 
ATOM   463  O  O     . THR A 1 90  ? 7.340   -8.642  -12.213 1.00 46.58 ? 119  THR A O     1 
ATOM   464  C  CB    . THR A 1 90  ? 7.977   -7.752  -15.116 1.00 47.40 ? 119  THR A CB    1 
ATOM   465  O  OG1   . THR A 1 90  ? 8.091   -6.655  -16.027 1.00 51.30 ? 119  THR A OG1   1 
ATOM   466  C  CG2   . THR A 1 90  ? 7.909   -9.051  -15.913 1.00 51.33 ? 119  THR A CG2   1 
ATOM   467  N  N     . ASN A 1 91  ? 5.677   -9.602  -13.418 1.00 43.92 ? 120  ASN A N     1 
ATOM   468  C  CA    . ASN A 1 91  ? 5.520   -10.808 -12.596 1.00 48.86 ? 120  ASN A CA    1 
ATOM   469  C  C     . ASN A 1 91  ? 5.175   -10.496 -11.142 1.00 45.19 ? 120  ASN A C     1 
ATOM   470  O  O     . ASN A 1 91  ? 5.606   -11.194 -10.226 1.00 45.42 ? 120  ASN A O     1 
ATOM   471  C  CB    . ASN A 1 91  ? 6.773   -11.673 -12.642 1.00 47.72 ? 120  ASN A CB    1 
ATOM   472  C  CG    . ASN A 1 91  ? 7.044   -12.232 -14.021 1.00 57.97 ? 120  ASN A CG    1 
ATOM   473  O  OD1   . ASN A 1 91  ? 6.122   -12.484 -14.802 1.00 58.01 ? 120  ASN A OD1   1 
ATOM   474  N  ND2   . ASN A 1 91  ? 8.311   -12.428 -14.329 1.00 46.14 ? 120  ASN A ND2   1 
ATOM   475  N  N     . THR A 1 92  ? 4.394   -9.447  -10.943 1.00 44.65 ? 121  THR A N     1 
ATOM   476  C  CA    . THR A 1 92  ? 3.957   -9.082  -9.617  1.00 40.81 ? 121  THR A CA    1 
ATOM   477  C  C     . THR A 1 92  ? 2.846   -10.025 -9.159  1.00 46.93 ? 121  THR A C     1 
ATOM   478  O  O     . THR A 1 92  ? 1.913   -10.299 -9.910  1.00 43.50 ? 121  THR A O     1 
ATOM   479  C  CB    . THR A 1 92  ? 3.460   -7.616  -9.554  1.00 42.68 ? 121  THR A CB    1 
ATOM   480  O  OG1   . THR A 1 92  ? 4.495   -6.744  -10.024 1.00 43.18 ? 121  THR A OG1   1 
ATOM   481  C  CG2   . THR A 1 92  ? 3.087   -7.227  -8.122  1.00 41.33 ? 121  THR A CG2   1 
ATOM   482  N  N     . ASP A 1 93  ? 2.956   -10.501 -7.913  1.00 42.86 ? 122  ASP A N     1 
ATOM   483  C  CA    . ASP A 1 93  ? 1.997   -11.439 -7.344  1.00 39.96 ? 122  ASP A CA    1 
ATOM   484  C  C     . ASP A 1 93  ? 0.948   -10.729 -6.513  1.00 42.38 ? 122  ASP A C     1 
ATOM   485  O  O     . ASP A 1 93  ? -0.155  -11.241 -6.340  1.00 40.75 ? 122  ASP A O     1 
ATOM   486  C  CB    . ASP A 1 93  ? 2.726   -12.467 -6.464  1.00 45.60 ? 122  ASP A CB    1 
ATOM   487  C  CG    . ASP A 1 93  ? 3.652   -13.360 -7.240  1.00 50.73 ? 122  ASP A CG    1 
ATOM   488  O  OD1   . ASP A 1 93  ? 3.207   -13.950 -8.251  1.00 44.63 ? 122  ASP A OD1   1 
ATOM   489  O  OD2   . ASP A 1 93  ? 4.833   -13.521 -6.831  1.00 40.26 ? 122  ASP A OD2   1 
ATOM   490  N  N     . ILE A 1 94  ? 1.317   -9.575  -5.958  1.00 42.32 ? 123  ILE A N     1 
ATOM   491  C  CA    . ILE A 1 94  ? 0.431   -8.781  -5.110  1.00 41.22 ? 123  ILE A CA    1 
ATOM   492  C  C     . ILE A 1 94  ? 0.868   -7.311  -5.135  1.00 41.63 ? 123  ILE A C     1 
ATOM   493  O  O     . ILE A 1 94  ? 2.069   -6.997  -5.018  1.00 45.68 ? 123  ILE A O     1 
ATOM   494  C  CB    . ILE A 1 94  ? 0.395   -9.341  -3.664  1.00 39.72 ? 123  ILE A CB    1 
ATOM   495  C  CG1   . ILE A 1 94  ? -0.388  -8.408  -2.713  1.00 40.74 ? 123  ILE A CG1   1 
ATOM   496  C  CG2   . ILE A 1 94  ? 1.804   -9.551  -3.141  1.00 41.19 ? 123  ILE A CG2   1 
ATOM   497  C  CD1   . ILE A 1 94  ? -1.910  -8.371  -2.957  1.00 43.12 ? 123  ILE A CD1   1 
ATOM   498  N  N     . PHE A 1 95  ? -0.117  -6.421  -5.306  1.00 42.63 ? 124  PHE A N     1 
ATOM   499  C  CA    . PHE A 1 95  ? 0.053   -4.969  -5.146  1.00 45.03 ? 124  PHE A CA    1 
ATOM   500  C  C     . PHE A 1 95  ? -0.524  -4.512  -3.824  1.00 43.90 ? 124  PHE A C     1 
ATOM   501  O  O     . PHE A 1 95  ? -1.631  -4.917  -3.461  1.00 42.61 ? 124  PHE A O     1 
ATOM   502  C  CB    . PHE A 1 95  ? -0.676  -4.198  -6.267  1.00 41.96 ? 124  PHE A CB    1 
ATOM   503  C  CG    . PHE A 1 95  ? 0.013   -4.301  -7.607  1.00 40.90 ? 124  PHE A CG    1 
ATOM   504  C  CD1   . PHE A 1 95  ? 0.972   -3.361  -7.983  1.00 45.35 ? 124  PHE A CD1   1 
ATOM   505  C  CD2   . PHE A 1 95  ? -0.261  -5.355  -8.474  1.00 53.27 ? 124  PHE A CD2   1 
ATOM   506  C  CE1   . PHE A 1 95  ? 1.623   -3.453  -9.209  1.00 44.89 ? 124  PHE A CE1   1 
ATOM   507  C  CE2   . PHE A 1 95  ? 0.387   -5.457  -9.733  1.00 44.00 ? 124  PHE A CE2   1 
ATOM   508  C  CZ    . PHE A 1 95  ? 1.336   -4.506  -10.096 1.00 42.71 ? 124  PHE A CZ    1 
ATOM   509  N  N     . LEU A 1 96  ? 0.261   -3.702  -3.113  1.00 39.56 ? 125  LEU A N     1 
ATOM   510  C  CA    . LEU A 1 96  ? -0.213  -2.953  -1.982  1.00 40.13 ? 125  LEU A CA    1 
ATOM   511  C  C     . LEU A 1 96  ? -0.459  -1.555  -2.496  1.00 41.62 ? 125  LEU A C     1 
ATOM   512  O  O     . LEU A 1 96  ? 0.474   -0.810  -2.815  1.00 43.38 ? 125  LEU A O     1 
ATOM   513  C  CB    . LEU A 1 96  ? 0.791   -2.949  -0.834  1.00 46.04 ? 125  LEU A CB    1 
ATOM   514  C  CG    . LEU A 1 96  ? 1.132   -4.350  -0.314  1.00 48.95 ? 125  LEU A CG    1 
ATOM   515  C  CD1   . LEU A 1 96  ? 2.140   -4.229  0.841   1.00 48.79 ? 125  LEU A CD1   1 
ATOM   516  C  CD2   . LEU A 1 96  ? -0.110  -5.090  0.141   1.00 43.94 ? 125  LEU A CD2   1 
ATOM   517  N  N     . LEU A 1 97  ? -1.728  -1.214  -2.600  1.00 44.72 ? 126  LEU A N     1 
ATOM   518  C  CA    . LEU A 1 97  ? -2.113  0.086   -3.092  1.00 43.06 ? 126  LEU A CA    1 
ATOM   519  C  C     . LEU A 1 97  ? -2.339  1.012   -1.883  1.00 41.23 ? 126  LEU A C     1 
ATOM   520  O  O     . LEU A 1 97  ? -3.334  0.884   -1.177  1.00 44.34 ? 126  LEU A O     1 
ATOM   521  C  CB    . LEU A 1 97  ? -3.376  -0.036  -3.909  1.00 44.04 ? 126  LEU A CB    1 
ATOM   522  C  CG    . LEU A 1 97  ? -3.561  1.119   -4.902  1.00 46.52 ? 126  LEU A CG    1 
ATOM   523  C  CD1   . LEU A 1 97  ? -4.769  0.841   -5.756  1.00 42.83 ? 126  LEU A CD1   1 
ATOM   524  C  CD2   . LEU A 1 97  ? -3.658  2.488   -4.162  1.00 44.59 ? 126  LEU A CD2   1 
ATOM   525  N  N     . CYS A 1 98  ? -1.408  1.921   -1.664  1.00 42.60 ? 127  CYS A N     1 
ATOM   526  C  CA    . CYS A 1 98  ? -1.360  2.666   -0.397  1.00 42.89 ? 127  CYS A CA    1 
ATOM   527  C  C     . CYS A 1 98  ? -1.959  4.045   -0.558  1.00 41.87 ? 127  CYS A C     1 
ATOM   528  O  O     . CYS A 1 98  ? -1.729  4.709   -1.573  1.00 42.21 ? 127  CYS A O     1 
ATOM   529  C  CB    . CYS A 1 98  ? 0.092   2.819   0.048   1.00 40.78 ? 127  CYS A CB    1 
ATOM   530  S  SG    . CYS A 1 98  ? 0.981   1.212   0.288   1.00 42.01 ? 127  CYS A SG    1 
ATOM   531  N  N     . PHE A 1 99  ? -2.701  4.495   0.462   1.00 39.86 ? 128  PHE A N     1 
ATOM   532  C  CA    . PHE A 1 99  ? -3.076  5.919   0.556   1.00 40.20 ? 128  PHE A CA    1 
ATOM   533  C  C     . PHE A 1 99  ? -2.933  6.233   2.062   1.00 40.26 ? 128  PHE A C     1 
ATOM   534  O  O     . PHE A 1 99  ? -3.081  5.325   2.900   1.00 42.79 ? 128  PHE A O     1 
ATOM   535  C  CB    . PHE A 1 99  ? -4.492  6.114   0.088   1.00 44.82 ? 128  PHE A CB    1 
ATOM   536  C  CG    . PHE A 1 99  ? -5.501  5.529   1.012   1.00 42.28 ? 128  PHE A CG    1 
ATOM   537  C  CD1   . PHE A 1 99  ? -5.859  4.200   0.917   1.00 42.09 ? 128  PHE A CD1   1 
ATOM   538  C  CD2   . PHE A 1 99  ? -6.061  6.306   2.017   1.00 46.06 ? 128  PHE A CD2   1 
ATOM   539  C  CE1   . PHE A 1 99  ? -6.775  3.658   1.768   1.00 45.30 ? 128  PHE A CE1   1 
ATOM   540  C  CE2   . PHE A 1 99  ? -6.978  5.764   2.861   1.00 46.51 ? 128  PHE A CE2   1 
ATOM   541  C  CZ    . PHE A 1 99  ? -7.314  4.419   2.742   1.00 41.24 ? 128  PHE A CZ    1 
ATOM   542  N  N     . SER A 1 100 ? -2.680  7.483   2.403   1.00 40.21 ? 129  SER A N     1 
ATOM   543  C  CA    . SER A 1 100 ? -2.649  7.868   3.803   1.00 42.40 ? 129  SER A CA    1 
ATOM   544  C  C     . SER A 1 100 ? -4.063  8.214   4.284   1.00 39.98 ? 129  SER A C     1 
ATOM   545  O  O     . SER A 1 100 ? -4.806  8.926   3.603   1.00 41.07 ? 129  SER A O     1 
ATOM   546  C  CB    . SER A 1 100 ? -1.762  9.100   3.975   1.00 44.55 ? 129  SER A CB    1 
ATOM   547  O  OG    . SER A 1 100 ? -1.967  9.647   5.283   1.00 40.97 ? 129  SER A OG    1 
ATOM   548  N  N     . VAL A 1 101 ? -4.413  7.721   5.465   1.00 41.02 ? 130  VAL A N     1 
ATOM   549  C  CA    . VAL A 1 101 ? -5.774  7.968   6.009   1.00 38.61 ? 130  VAL A CA    1 
ATOM   550  C  C     . VAL A 1 101 ? -5.960  9.420   6.421   1.00 42.89 ? 130  VAL A C     1 
ATOM   551  O  O     . VAL A 1 101 ? -7.083  9.851   6.628   1.00 42.46 ? 130  VAL A O     1 
ATOM   552  C  CB    . VAL A 1 101 ? -6.110  7.019   7.189   1.00 40.61 ? 130  VAL A CB    1 
ATOM   553  C  CG1   . VAL A 1 101 ? -5.992  5.548   6.782   1.00 39.89 ? 130  VAL A CG1   1 
ATOM   554  C  CG2   . VAL A 1 101 ? -5.282  7.364   8.468   1.00 41.95 ? 130  VAL A CG2   1 
ATOM   555  N  N     . VAL A 1 102 ? -4.858  10.186  6.510   1.00 40.01 ? 131  VAL A N     1 
ATOM   556  C  CA    . VAL A 1 102 ? -4.948  11.624  6.739   1.00 40.61 ? 131  VAL A CA    1 
ATOM   557  C  C     . VAL A 1 102 ? -4.681  12.451  5.471   1.00 41.11 ? 131  VAL A C     1 
ATOM   558  O  O     . VAL A 1 102 ? -4.518  13.655  5.560   1.00 42.64 ? 131  VAL A O     1 
ATOM   559  C  CB    . VAL A 1 102 ? -4.089  12.091  7.936   1.00 43.03 ? 131  VAL A CB    1 
ATOM   560  C  CG1   . VAL A 1 102 ? -4.592  11.449  9.205   1.00 43.61 ? 131  VAL A CG1   1 
ATOM   561  C  CG2   . VAL A 1 102 ? -2.606  11.785  7.727   1.00 42.74 ? 131  VAL A CG2   1 
ATOM   562  N  N     . SER A 1 103 ? -4.782  11.787  4.304   1.00 40.89 ? 132  SER A N     1 
ATOM   563  C  CA    . SER A 1 103 ? -4.755  12.449  2.996   1.00 42.17 ? 132  SER A CA    1 
ATOM   564  C  C     . SER A 1 103 ? -5.912  12.021  2.117   1.00 42.33 ? 132  SER A C     1 
ATOM   565  O  O     . SER A 1 103 ? -5.826  11.065  1.333   1.00 44.00 ? 132  SER A O     1 
ATOM   566  C  CB    . SER A 1 103 ? -3.442  12.188  2.280   1.00 41.57 ? 132  SER A CB    1 
ATOM   567  O  OG    . SER A 1 103 ? -3.529  12.804  1.028   1.00 43.35 ? 132  SER A OG    1 
ATOM   568  N  N     . PRO A 1 104 ? -7.030  12.738  2.243   1.00 42.15 ? 133  PRO A N     1 
ATOM   569  C  CA    . PRO A 1 104 ? -8.102  12.427  1.312   1.00 43.78 ? 133  PRO A CA    1 
ATOM   570  C  C     . PRO A 1 104 ? -7.733  12.473  -0.157  1.00 47.41 ? 133  PRO A C     1 
ATOM   571  O  O     . PRO A 1 104 ? -8.273  11.677  -0.934  1.00 42.37 ? 133  PRO A O     1 
ATOM   572  C  CB    . PRO A 1 104 ? -9.190  13.440  1.679   1.00 47.19 ? 133  PRO A CB    1 
ATOM   573  C  CG    . PRO A 1 104 ? -8.914  13.780  3.128   1.00 48.22 ? 133  PRO A CG    1 
ATOM   574  C  CD    . PRO A 1 104 ? -7.417  13.771  3.235   1.00 47.88 ? 133  PRO A CD    1 
ATOM   575  N  N     . SER A 1 105 ? -6.832  13.363  -0.558  1.00 44.09 ? 134  SER A N     1 
ATOM   576  C  CA    . SER A 1 105 ? -6.432  13.420  -1.966  1.00 45.85 ? 134  SER A CA    1 
ATOM   577  C  C     . SER A 1 105 ? -5.803  12.099  -2.382  1.00 43.06 ? 134  SER A C     1 
ATOM   578  O  O     . SER A 1 105 ? -6.052  11.606  -3.476  1.00 44.82 ? 134  SER A O     1 
ATOM   579  C  CB    . SER A 1 105 ? -5.416  14.529  -2.235  1.00 50.52 ? 134  SER A CB    1 
ATOM   580  O  OG    . SER A 1 105 ? -4.187  14.257  -1.568  1.00 59.31 ? 134  SER A OG    1 
ATOM   581  N  N     . SER A 1 106 ? -4.975  11.526  -1.507  1.00 44.94 ? 135  SER A N     1 
ATOM   582  C  CA    . SER A 1 106 ? -4.344  10.252  -1.813  1.00 41.12 ? 135  SER A CA    1 
ATOM   583  C  C     . SER A 1 106 ? -5.351  9.110   -1.919  1.00 42.33 ? 135  SER A C     1 
ATOM   584  O  O     . SER A 1 106 ? -5.124  8.196   -2.705  1.00 42.31 ? 135  SER A O     1 
ATOM   585  C  CB    . SER A 1 106 ? -3.233  9.885   -0.816  1.00 44.27 ? 135  SER A CB    1 
ATOM   586  O  OG    . SER A 1 106 ? -3.786  9.404   0.387   1.00 43.77 ? 135  SER A OG    1 
ATOM   587  N  N     . PHE A 1 107 ? -6.437  9.176   -1.132  1.00 39.29 ? 136  PHE A N     1 
ATOM   588  C  CA    . PHE A 1 107 ? -7.547  8.227   -1.215  1.00 39.87 ? 136  PHE A CA    1 
ATOM   589  C  C     . PHE A 1 107 ? -8.273  8.376   -2.538  1.00 43.52 ? 136  PHE A C     1 
ATOM   590  O  O     . PHE A 1 107 ? -8.563  7.408   -3.211  1.00 42.64 ? 136  PHE A O     1 
ATOM   591  C  CB    . PHE A 1 107 ? -8.519  8.469   -0.033  1.00 41.82 ? 136  PHE A CB    1 
ATOM   592  C  CG    . PHE A 1 107 ? -9.647  7.481   0.053   1.00 42.45 ? 136  PHE A CG    1 
ATOM   593  C  CD1   . PHE A 1 107 ? -9.413  6.146   0.309   1.00 39.65 ? 136  PHE A CD1   1 
ATOM   594  C  CD2   . PHE A 1 107 ? -10.961 7.917   -0.011  1.00 42.83 ? 136  PHE A CD2   1 
ATOM   595  C  CE1   . PHE A 1 107 ? -10.475 5.235   0.436   1.00 44.11 ? 136  PHE A CE1   1 
ATOM   596  C  CE2   . PHE A 1 107 ? -11.999 7.022   0.112   1.00 45.65 ? 136  PHE A CE2   1 
ATOM   597  C  CZ    . PHE A 1 107 ? -11.759 5.691   0.349   1.00 44.67 ? 136  PHE A CZ    1 
ATOM   598  N  N     . GLN A 1 108 ? -8.570  9.611   -2.917  1.00 40.93 ? 137  GLN A N     1 
ATOM   599  C  CA    . GLN A 1 108 ? -9.229  9.890   -4.228  1.00 40.74 ? 137  GLN A CA    1 
ATOM   600  C  C     . GLN A 1 108 ? -8.385  9.383   -5.418  1.00 41.87 ? 137  GLN A C     1 
ATOM   601  O  O     . GLN A 1 108 ? -8.919  8.811   -6.374  1.00 45.23 ? 137  GLN A O     1 
ATOM   602  C  CB    . GLN A 1 108 ? -9.560  11.365  -4.326  1.00 43.71 ? 137  GLN A CB    1 
ATOM   603  C  CG    . GLN A 1 108 ? -10.773 11.775  -3.421  1.00 40.14 ? 137  GLN A CG    1 
ATOM   604  N  N     . ASN A 1 109 ? -7.060  9.465   -5.295  1.00 42.19 ? 138  ASN A N     1 
ATOM   605  C  CA    . ASN A 1 109 ? -6.168  8.948   -6.318  1.00 41.82 ? 138  ASN A CA    1 
ATOM   606  C  C     . ASN A 1 109 ? -6.147  7.426   -6.461  1.00 44.24 ? 138  ASN A C     1 
ATOM   607  O  O     . ASN A 1 109 ? -5.652  6.925   -7.454  1.00 42.12 ? 138  ASN A O     1 
ATOM   608  C  CB    . ASN A 1 109 ? -4.754  9.475   -6.128  1.00 45.61 ? 138  ASN A CB    1 
ATOM   609  C  CG    . ASN A 1 109 ? -4.547  10.805  -6.770  1.00 57.38 ? 138  ASN A CG    1 
ATOM   610  O  OD1   . ASN A 1 109 ? -4.105  11.763  -6.130  1.00 61.74 ? 138  ASN A OD1   1 
ATOM   611  N  ND2   . ASN A 1 109 ? -4.871  10.886  -8.056  1.00 52.10 ? 138  ASN A ND2   1 
ATOM   612  N  N     . VAL A 1 110 ? -6.659  6.700   -5.467  1.00 42.04 ? 139  VAL A N     1 
ATOM   613  C  CA    . VAL A 1 110 ? -6.745  5.244   -5.542  1.00 39.42 ? 139  VAL A CA    1 
ATOM   614  C  C     . VAL A 1 110 ? -7.616  4.868   -6.741  1.00 40.09 ? 139  VAL A C     1 
ATOM   615  O  O     . VAL A 1 110 ? -7.196  4.093   -7.579  1.00 44.57 ? 139  VAL A O     1 
ATOM   616  C  CB    . VAL A 1 110 ? -7.331  4.650   -4.214  1.00 40.47 ? 139  VAL A CB    1 
ATOM   617  C  CG1   . VAL A 1 110 ? -7.720  3.163   -4.398  1.00 40.60 ? 139  VAL A CG1   1 
ATOM   618  C  CG2   . VAL A 1 110 ? -6.359  4.885   -3.093  1.00 43.10 ? 139  VAL A CG2   1 
ATOM   619  N  N     . SER A 1 111 ? -8.796  5.483   -6.833  1.00 44.45 ? 140  SER A N     1 
ATOM   620  C  CA    . SER A 1 111 ? -9.715  5.320   -7.974  1.00 39.89 ? 140  SER A CA    1 
ATOM   621  C  C     . SER A 1 111 ? -9.228  5.990   -9.266  1.00 45.44 ? 140  SER A C     1 
ATOM   622  O  O     . SER A 1 111 ? -9.338  5.424   -10.361 1.00 46.83 ? 140  SER A O     1 
ATOM   623  C  CB    . SER A 1 111 ? -11.079 5.930   -7.635  1.00 47.79 ? 140  SER A CB    1 
ATOM   624  O  OG    . SER A 1 111 ? -11.681 5.295   -6.532  1.00 62.42 ? 140  SER A OG    1 
ATOM   625  N  N     . GLU A 1 112 ? -8.731  7.213   -9.149  1.00 43.20 ? 141  GLU A N     1 
ATOM   626  C  CA    . GLU A 1 112 ? -8.429  8.012   -10.334 1.00 48.58 ? 141  GLU A CA    1 
ATOM   627  C  C     . GLU A 1 112 ? -7.124  7.641   -11.033 1.00 43.71 ? 141  GLU A C     1 
ATOM   628  O  O     . GLU A 1 112 ? -7.036  7.736   -12.267 1.00 45.46 ? 141  GLU A O     1 
ATOM   629  C  CB    . GLU A 1 112 ? -8.379  9.475   -9.953  1.00 44.16 ? 141  GLU A CB    1 
ATOM   630  C  CG    . GLU A 1 112 ? -9.691  9.999   -9.410  1.00 56.82 ? 141  GLU A CG    1 
ATOM   631  C  CD    . GLU A 1 112 ? -9.817  11.473  -9.626  1.00 56.20 ? 141  GLU A CD    1 
ATOM   632  O  OE1   . GLU A 1 112 ? -9.398  11.935  -10.724 1.00 80.20 ? 141  GLU A OE1   1 
ATOM   633  O  OE2   . GLU A 1 112 ? -10.337 12.162  -8.716  1.00 61.64 ? 141  GLU A OE2   1 
ATOM   634  N  N     . LYS A 1 113 ? -6.100  7.260   -10.268 1.00 39.32 ? 142  LYS A N     1 
ATOM   635  C  CA    . LYS A 1 113 ? -4.806  6.905   -10.849 1.00 39.53 ? 142  LYS A CA    1 
ATOM   636  C  C     . LYS A 1 113 ? -4.423  5.447   -10.634 1.00 40.74 ? 142  LYS A C     1 
ATOM   637  O  O     . LYS A 1 113 ? -4.100  4.742   -11.593 1.00 37.75 ? 142  LYS A O     1 
ATOM   638  C  CB    . LYS A 1 113 ? -3.692  7.771   -10.254 1.00 37.50 ? 142  LYS A CB    1 
ATOM   639  C  CG    . LYS A 1 113 ? -2.308  7.480   -10.819 1.00 44.65 ? 142  LYS A CG    1 
ATOM   640  C  CD    . LYS A 1 113 ? -1.287  8.470   -10.286 1.00 45.57 ? 142  LYS A CD    1 
ATOM   641  C  CE    . LYS A 1 113 ? 0.092   8.218   -10.870 1.00 54.92 ? 142  LYS A CE    1 
ATOM   642  N  NZ    . LYS A 1 113 ? 1.059   9.262   -10.428 1.00 63.85 ? 142  LYS A NZ    1 
ATOM   643  N  N     . TRP A 1 114 ? -4.459  4.979   -9.383  1.00 43.38 ? 143  TRP A N     1 
ATOM   644  C  CA    . TRP A 1 114 ? -3.743  3.745   -9.055  1.00 40.91 ? 143  TRP A CA    1 
ATOM   645  C  C     . TRP A 1 114 ? -4.431  2.477   -9.533  1.00 37.90 ? 143  TRP A C     1 
ATOM   646  O  O     . TRP A 1 114 ? -3.778  1.648   -10.102 1.00 40.82 ? 143  TRP A O     1 
ATOM   647  C  CB    . TRP A 1 114 ? -3.328  3.682   -7.567  1.00 41.80 ? 143  TRP A CB    1 
ATOM   648  C  CG    . TRP A 1 114 ? -2.393  4.812   -7.244  1.00 40.10 ? 143  TRP A CG    1 
ATOM   649  C  CD1   . TRP A 1 114 ? -2.657  5.904   -6.469  1.00 41.80 ? 143  TRP A CD1   1 
ATOM   650  C  CD2   . TRP A 1 114 ? -1.079  5.010   -7.782  1.00 40.86 ? 143  TRP A CD2   1 
ATOM   651  N  NE1   . TRP A 1 114 ? -1.574  6.758   -6.479  1.00 43.56 ? 143  TRP A NE1   1 
ATOM   652  C  CE2   . TRP A 1 114 ? -0.593  6.226   -7.273  1.00 41.58 ? 143  TRP A CE2   1 
ATOM   653  C  CE3   . TRP A 1 114 ? -0.269  4.276   -8.650  1.00 39.14 ? 143  TRP A CE3   1 
ATOM   654  C  CZ2   . TRP A 1 114 ? 0.681   6.718   -7.598  1.00 42.59 ? 143  TRP A CZ2   1 
ATOM   655  C  CZ3   . TRP A 1 114 ? 0.998   4.760   -8.959  1.00 42.35 ? 143  TRP A CZ3   1 
ATOM   656  C  CH2   . TRP A 1 114 ? 1.457   5.959   -8.421  1.00 43.90 ? 143  TRP A CH2   1 
ATOM   657  N  N     . VAL A 1 115 ? -5.746  2.361   -9.370  1.00 42.91 ? 144  VAL A N     1 
ATOM   658  C  CA    . VAL A 1 115 ? -6.430  1.134   -9.803  1.00 43.37 ? 144  VAL A CA    1 
ATOM   659  C  C     . VAL A 1 115 ? -6.395  0.973   -11.332 1.00 43.85 ? 144  VAL A C     1 
ATOM   660  O  O     . VAL A 1 115 ? -6.140  -0.110  -11.818 1.00 41.51 ? 144  VAL A O     1 
ATOM   661  C  CB    . VAL A 1 115 ? -7.874  1.053   -9.236  1.00 46.05 ? 144  VAL A CB    1 
ATOM   662  C  CG1   . VAL A 1 115 ? -8.664  -0.046  -9.899  1.00 42.63 ? 144  VAL A CG1   1 
ATOM   663  C  CG2   . VAL A 1 115 ? -7.842  0.849   -7.702  1.00 44.77 ? 144  VAL A CG2   1 
ATOM   664  N  N     . PRO A 1 116 ? -6.700  2.046   -12.088 1.00 40.01 ? 145  PRO A N     1 
ATOM   665  C  CA    . PRO A 1 116 ? -6.479  2.038   -13.527 1.00 42.43 ? 145  PRO A CA    1 
ATOM   666  C  C     . PRO A 1 116 ? -5.033  1.690   -13.936 1.00 45.03 ? 145  PRO A C     1 
ATOM   667  O  O     . PRO A 1 116 ? -4.838  0.886   -14.835 1.00 41.43 ? 145  PRO A O     1 
ATOM   668  C  CB    . PRO A 1 116 ? -6.848  3.467   -13.946 1.00 39.15 ? 145  PRO A CB    1 
ATOM   669  C  CG    . PRO A 1 116 ? -7.787  3.931   -12.915 1.00 46.26 ? 145  PRO A CG    1 
ATOM   670  C  CD    . PRO A 1 116 ? -7.308  3.311   -11.635 1.00 43.13 ? 145  PRO A CD    1 
ATOM   671  N  N     . GLU A 1 117 ? -4.020  2.254   -13.276 1.00 47.51 ? 146  GLU A N     1 
ATOM   672  C  CA    . GLU A 1 117 ? -2.641  1.921   -13.688 1.00 42.87 ? 146  GLU A CA    1 
ATOM   673  C  C     . GLU A 1 117 ? -2.316  0.462   -13.442 1.00 41.85 ? 146  GLU A C     1 
ATOM   674  O  O     . GLU A 1 117 ? -1.714  -0.182  -14.299 1.00 44.87 ? 146  GLU A O     1 
ATOM   675  C  CB    . GLU A 1 117 ? -1.593  2.795   -13.003 1.00 43.73 ? 146  GLU A CB    1 
ATOM   676  C  CG    . GLU A 1 117 ? -0.197  2.507   -13.490 1.00 42.14 ? 146  GLU A CG    1 
ATOM   677  C  CD    . GLU A 1 117 ? 0.809   3.468   -12.949 1.00 48.30 ? 146  GLU A CD    1 
ATOM   678  O  OE1   . GLU A 1 117 ? 0.685   4.679   -13.225 1.00 46.41 ? 146  GLU A OE1   1 
ATOM   679  O  OE2   . GLU A 1 117 ? 1.731   3.013   -12.229 1.00 45.53 ? 146  GLU A OE2   1 
ATOM   680  N  N     . ILE A 1 118 ? -2.680  -0.052  -12.270 1.00 43.03 ? 147  ILE A N     1 
ATOM   681  C  CA    . ILE A 1 118 ? -2.390  -1.452  -11.925 1.00 44.54 ? 147  ILE A CA    1 
ATOM   682  C  C     . ILE A 1 118 ? -3.139  -2.380  -12.897 1.00 47.15 ? 147  ILE A C     1 
ATOM   683  O  O     . ILE A 1 118 ? -2.593  -3.380  -13.377 1.00 45.45 ? 147  ILE A O     1 
ATOM   684  C  CB    . ILE A 1 118 ? -2.785  -1.788  -10.452 1.00 46.60 ? 147  ILE A CB    1 
ATOM   685  C  CG1   . ILE A 1 118 ? -1.786  -1.174  -9.467  1.00 48.98 ? 147  ILE A CG1   1 
ATOM   686  C  CG2   . ILE A 1 118 ? -2.818  -3.297  -10.204 1.00 46.08 ? 147  ILE A CG2   1 
ATOM   687  C  CD1   . ILE A 1 118 ? -2.334  -1.003  -7.994  1.00 44.77 ? 147  ILE A CD1   1 
ATOM   688  N  N     . ARG A 1 119 ? -4.390  -2.027  -13.192 1.00 46.23 ? 148  ARG A N     1 
ATOM   689  C  CA    . ARG A 1 119 ? -5.242  -2.876  -14.012 1.00 46.73 ? 148  ARG A CA    1 
ATOM   690  C  C     . ARG A 1 119 ? -4.818  -2.839  -15.497 1.00 46.89 ? 148  ARG A C     1 
ATOM   691  O  O     . ARG A 1 119 ? -4.971  -3.825  -16.222 1.00 41.25 ? 148  ARG A O     1 
ATOM   692  C  CB    . ARG A 1 119 ? -6.711  -2.515  -13.810 1.00 51.17 ? 148  ARG A CB    1 
ATOM   693  C  CG    . ARG A 1 119 ? -7.226  -2.828  -12.414 1.00 49.35 ? 148  ARG A CG    1 
ATOM   694  C  CD    . ARG A 1 119 ? -7.785  -4.227  -12.304 1.00 54.63 ? 148  ARG A CD    1 
ATOM   695  N  NE    . ARG A 1 119 ? -7.833  -4.718  -10.922 1.00 52.70 ? 148  ARG A NE    1 
ATOM   696  C  CZ    . ARG A 1 119 ? -8.738  -4.370  -10.007 1.00 58.31 ? 148  ARG A CZ    1 
ATOM   697  N  NH1   . ARG A 1 119 ? -9.694  -3.469  -10.270 1.00 49.45 ? 148  ARG A NH1   1 
ATOM   698  N  NH2   . ARG A 1 119 ? -8.673  -4.917  -8.801  1.00 55.91 ? 148  ARG A NH2   1 
ATOM   699  N  N     . CYS A 1 120 ? -4.232  -1.719  -15.915 1.00 45.25 ? 149  CYS A N     1 
ATOM   700  C  CA    . CYS A 1 120 ? -3.641  -1.579  -17.252 1.00 47.55 ? 149  CYS A CA    1 
ATOM   701  C  C     . CYS A 1 120 ? -2.491  -2.550  -17.478 1.00 44.30 ? 149  CYS A C     1 
ATOM   702  O  O     . CYS A 1 120 ? -2.427  -3.211  -18.519 1.00 46.91 ? 149  CYS A O     1 
ATOM   703  C  CB    . CYS A 1 120 ? -3.115  -0.158  -17.430 1.00 47.93 ? 149  CYS A CB    1 
ATOM   704  S  SG    . CYS A 1 120 ? -2.501  0.254   -19.036 1.00 51.55 ? 149  CYS A SG    1 
ATOM   705  N  N     . HIS A 1 121 ? -1.595  -2.648  -16.495 1.00 42.87 ? 150  HIS A N     1 
ATOM   706  C  CA    . HIS A 1 121 ? -0.362  -3.411  -16.642 1.00 42.71 ? 150  HIS A CA    1 
ATOM   707  C  C     . HIS A 1 121 ? -0.484  -4.840  -16.163 1.00 41.49 ? 150  HIS A C     1 
ATOM   708  O  O     . HIS A 1 121 ? -0.003  -5.759  -16.837 1.00 46.54 ? 150  HIS A O     1 
ATOM   709  C  CB    . HIS A 1 121 ? 0.789   -2.718  -15.937 1.00 47.43 ? 150  HIS A CB    1 
ATOM   710  C  CG    . HIS A 1 121 ? 1.250   -1.479  -16.637 1.00 55.00 ? 150  HIS A CG    1 
ATOM   711  N  ND1   . HIS A 1 121 ? 0.793   -0.218  -16.305 1.00 57.33 ? 150  HIS A ND1   1 
ATOM   712  C  CD2   . HIS A 1 121 ? 2.110   -1.311  -17.670 1.00 44.95 ? 150  HIS A CD2   1 
ATOM   713  C  CE1   . HIS A 1 121 ? 1.364   0.675   -17.098 1.00 57.27 ? 150  HIS A CE1   1 
ATOM   714  N  NE2   . HIS A 1 121 ? 2.169   0.038   -17.932 1.00 58.82 ? 150  HIS A NE2   1 
ATOM   715  N  N     . CYS A 1 122 ? -1.178  -5.026  -15.054 1.00 48.98 ? 151  CYS A N     1 
ATOM   716  C  CA    . CYS A 1 122 ? -1.378  -6.334  -14.459 1.00 48.01 ? 151  CYS A CA    1 
ATOM   717  C  C     . CYS A 1 122 ? -2.849  -6.486  -14.083 1.00 48.85 ? 151  CYS A C     1 
ATOM   718  O  O     . CYS A 1 122 ? -3.190  -6.374  -12.925 1.00 45.54 ? 151  CYS A O     1 
ATOM   719  C  CB    . CYS A 1 122 ? -0.517  -6.463  -13.192 1.00 45.83 ? 151  CYS A CB    1 
ATOM   720  S  SG    . CYS A 1 122 ? 1.212   -5.924  -13.367 1.00 54.38 ? 151  CYS A SG    1 
ATOM   721  N  N     . PRO A 1 123 ? -3.729  -6.750  -15.057 1.00 45.26 ? 152  PRO A N     1 
ATOM   722  C  CA    . PRO A 1 123 ? -5.165  -6.817  -14.745 1.00 50.31 ? 152  PRO A CA    1 
ATOM   723  C  C     . PRO A 1 123 ? -5.627  -7.961  -13.829 1.00 52.01 ? 152  PRO A C     1 
ATOM   724  O  O     . PRO A 1 123 ? -6.729  -7.872  -13.260 1.00 58.28 ? 152  PRO A O     1 
ATOM   725  C  CB    . PRO A 1 123 ? -5.814  -6.966  -16.116 1.00 51.53 ? 152  PRO A CB    1 
ATOM   726  C  CG    . PRO A 1 123 ? -4.764  -7.506  -16.981 1.00 47.34 ? 152  PRO A CG    1 
ATOM   727  C  CD    . PRO A 1 123 ? -3.463  -6.985  -16.485 1.00 52.17 ? 152  PRO A CD    1 
ATOM   728  N  N     . LYS A 1 124 ? -4.802  -9.005  -13.696 1.00 47.10 ? 153  LYS A N     1 
ATOM   729  C  CA    . LYS A 1 124 ? -5.133  -10.202 -12.910 1.00 47.95 ? 153  LYS A CA    1 
ATOM   730  C  C     . LYS A 1 124 ? -4.687  -10.136 -11.443 1.00 50.82 ? 153  LYS A C     1 
ATOM   731  O  O     . LYS A 1 124 ? -5.277  -10.779 -10.568 1.00 52.95 ? 153  LYS A O     1 
ATOM   732  C  CB    . LYS A 1 124 ? -4.443  -11.406 -13.530 1.00 48.05 ? 153  LYS A CB    1 
ATOM   733  N  N     . ALA A 1 125 ? -3.625  -9.388  -11.188 1.00 50.09 ? 154  ALA A N     1 
ATOM   734  C  CA    . ALA A 1 125 ? -2.956  -9.431  -9.889  1.00 43.43 ? 154  ALA A CA    1 
ATOM   735  C  C     . ALA A 1 125 ? -3.897  -8.985  -8.765  1.00 48.05 ? 154  ALA A C     1 
ATOM   736  O  O     . ALA A 1 125 ? -4.655  -8.011  -8.935  1.00 44.40 ? 154  ALA A O     1 
ATOM   737  C  CB    . ALA A 1 125 ? -1.735  -8.544  -9.917  1.00 48.25 ? 154  ALA A CB    1 
ATOM   738  N  N     . PRO A 1 126 ? -3.859  -9.680  -7.610  1.00 44.25 ? 155  PRO A N     1 
ATOM   739  C  CA    . PRO A 1 126 ? -4.656  -9.194  -6.491  1.00 44.59 ? 155  PRO A CA    1 
ATOM   740  C  C     . PRO A 1 126 ? -4.120  -7.872  -5.971  1.00 41.83 ? 155  PRO A C     1 
ATOM   741  O  O     . PRO A 1 126 ? -2.936  -7.555  -6.169  1.00 43.10 ? 155  PRO A O     1 
ATOM   742  C  CB    . PRO A 1 126 ? -4.490  -10.285 -5.430  1.00 47.89 ? 155  PRO A CB    1 
ATOM   743  C  CG    . PRO A 1 126 ? -3.181  -10.877 -5.739  1.00 49.53 ? 155  PRO A CG    1 
ATOM   744  C  CD    . PRO A 1 126 ? -3.128  -10.902 -7.244  1.00 38.31 ? 155  PRO A CD    1 
ATOM   745  N  N     . ILE A 1 127 ? -5.024  -7.103  -5.379  1.00 40.76 ? 156  ILE A N     1 
ATOM   746  C  CA    . ILE A 1 127 ? -4.724  -5.808  -4.773  1.00 41.05 ? 156  ILE A CA    1 
ATOM   747  C  C     . ILE A 1 127 ? -5.167  -5.851  -3.307  1.00 47.10 ? 156  ILE A C     1 
ATOM   748  O  O     . ILE A 1 127 ? -6.265  -6.313  -2.993  1.00 45.98 ? 156  ILE A O     1 
ATOM   749  C  CB    . ILE A 1 127 ? -5.461  -4.638  -5.461  1.00 47.14 ? 156  ILE A CB    1 
ATOM   750  C  CG1   . ILE A 1 127 ? -4.946  -4.419  -6.888  1.00 51.24 ? 156  ILE A CG1   1 
ATOM   751  C  CG2   . ILE A 1 127 ? -5.287  -3.359  -4.699  1.00 43.79 ? 156  ILE A CG2   1 
ATOM   752  C  CD1   . ILE A 1 127 ? -5.717  -3.330  -7.679  1.00 44.73 ? 156  ILE A CD1   1 
ATOM   753  N  N     . ILE A 1 128 ? -4.308  -5.382  -2.407  1.00 42.09 ? 157  ILE A N     1 
ATOM   754  C  CA    . ILE A 1 128 ? -4.774  -5.024  -1.068  1.00 42.75 ? 157  ILE A CA    1 
ATOM   755  C  C     . ILE A 1 128 ? -4.697  -3.509  -0.931  1.00 44.53 ? 157  ILE A C     1 
ATOM   756  O  O     . ILE A 1 128 ? -3.671  -2.860  -1.231  1.00 44.66 ? 157  ILE A O     1 
ATOM   757  C  CB    . ILE A 1 128 ? -3.975  -5.754  0.037   1.00 41.30 ? 157  ILE A CB    1 
ATOM   758  C  CG1   . ILE A 1 128 ? -4.223  -7.252  -0.044  1.00 44.82 ? 157  ILE A CG1   1 
ATOM   759  C  CG2   . ILE A 1 128 ? -4.353  -5.276  1.485   1.00 43.60 ? 157  ILE A CG2   1 
ATOM   760  C  CD1   . ILE A 1 128 ? -3.180  -8.006  0.661   1.00 48.80 ? 157  ILE A CD1   1 
ATOM   761  N  N     . LEU A 1 129 ? -5.796  -2.936  -0.471  1.00 42.46 ? 158  LEU A N     1 
ATOM   762  C  CA    . LEU A 1 129 ? -5.882  -1.509  -0.225  1.00 40.96 ? 158  LEU A CA    1 
ATOM   763  C  C     . LEU A 1 129 ? -5.320  -1.244  1.175   1.00 41.22 ? 158  LEU A C     1 
ATOM   764  O  O     . LEU A 1 129 ? -5.823  -1.819  2.141   1.00 44.81 ? 158  LEU A O     1 
ATOM   765  C  CB    . LEU A 1 129 ? -7.330  -1.039  -0.306  1.00 42.18 ? 158  LEU A CB    1 
ATOM   766  C  CG    . LEU A 1 129 ? -7.509  0.478   -0.193  1.00 44.01 ? 158  LEU A CG    1 
ATOM   767  C  CD1   . LEU A 1 129 ? -6.811  1.165   -1.401  1.00 46.06 ? 158  LEU A CD1   1 
ATOM   768  C  CD2   . LEU A 1 129 ? -8.994  0.895   -0.094  1.00 43.56 ? 158  LEU A CD2   1 
ATOM   769  N  N     . VAL A 1 130 ? -4.255  -0.444  1.258   1.00 39.95 ? 159  VAL A N     1 
ATOM   770  C  CA    . VAL A 1 130 ? -3.525  -0.239  2.510   1.00 42.18 ? 159  VAL A CA    1 
ATOM   771  C  C     . VAL A 1 130 ? -3.662  1.226   2.921   1.00 45.44 ? 159  VAL A C     1 
ATOM   772  O  O     . VAL A 1 130 ? -3.200  2.117   2.212   1.00 42.87 ? 159  VAL A O     1 
ATOM   773  C  CB    . VAL A 1 130 ? -2.019  -0.632  2.440   1.00 42.42 ? 159  VAL A CB    1 
ATOM   774  C  CG1   . VAL A 1 130 ? -1.338  -0.307  3.805   1.00 40.83 ? 159  VAL A CG1   1 
ATOM   775  C  CG2   . VAL A 1 130 ? -1.855  -2.080  2.037   1.00 39.59 ? 159  VAL A CG2   1 
ATOM   776  N  N     . GLY A 1 131 ? -4.265  1.460   4.099   1.00 43.96 ? 160  GLY A N     1 
ATOM   777  C  CA    . GLY A 1 131 ? -4.366  2.811   4.654   1.00 42.63 ? 160  GLY A CA    1 
ATOM   778  C  C     . GLY A 1 131 ? -3.193  2.983   5.572   1.00 45.12 ? 160  GLY A C     1 
ATOM   779  O  O     . GLY A 1 131 ? -3.022  2.190   6.509   1.00 43.94 ? 160  GLY A O     1 
ATOM   780  N  N     . THR A 1 132 ? -2.378  4.001   5.314   1.00 40.82 ? 161  THR A N     1 
ATOM   781  C  CA    . THR A 1 132 ? -1.173  4.262   6.083   1.00 41.20 ? 161  THR A CA    1 
ATOM   782  C  C     . THR A 1 132 ? -1.291  5.435   7.069   1.00 40.49 ? 161  THR A C     1 
ATOM   783  O  O     . THR A 1 132 ? -2.261  6.187   7.024   1.00 39.87 ? 161  THR A O     1 
ATOM   784  C  CB    . THR A 1 132 ? 0.010   4.580   5.146   1.00 42.87 ? 161  THR A CB    1 
ATOM   785  O  OG1   . THR A 1 132 ? -0.300  5.754   4.382   1.00 43.39 ? 161  THR A OG1   1 
ATOM   786  C  CG2   . THR A 1 132 ? 0.235   3.430   4.166   1.00 39.47 ? 161  THR A CG2   1 
ATOM   787  N  N     . GLN A 1 133 ? -0.290  5.576   7.945   1.00 38.86 ? 162  GLN A N     1 
ATOM   788  C  CA    . GLN A 1 133 ? -0.235  6.681   8.867   1.00 39.68 ? 162  GLN A CA    1 
ATOM   789  C  C     . GLN A 1 133 ? -1.459  6.750   9.794   1.00 40.29 ? 162  GLN A C     1 
ATOM   790  O  O     . GLN A 1 133 ? -1.903  7.818   10.181  1.00 40.54 ? 162  GLN A O     1 
ATOM   791  C  CB    . GLN A 1 133 ? -0.034  7.996   8.151   1.00 43.30 ? 162  GLN A CB    1 
ATOM   792  C  CG    . GLN A 1 133 ? 1.152   8.008   7.176   1.00 41.84 ? 162  GLN A CG    1 
ATOM   793  C  CD    . GLN A 1 133 ? 1.406   9.376   6.579   1.00 39.77 ? 162  GLN A CD    1 
ATOM   794  O  OE1   . GLN A 1 133 ? 0.461   10.129  6.252   1.00 41.58 ? 162  GLN A OE1   1 
ATOM   795  N  NE2   . GLN A 1 133 ? 2.704   9.734   6.411   1.00 41.55 ? 162  GLN A NE2   1 
ATOM   796  N  N     . SER A 1 134 ? -1.913  5.601   10.230  1.00 41.08 ? 163  SER A N     1 
ATOM   797  C  CA    . SER A 1 134 ? -3.127  5.568   11.081  1.00 41.79 ? 163  SER A CA    1 
ATOM   798  C  C     . SER A 1 134 ? -3.022  6.328   12.363  1.00 40.62 ? 163  SER A C     1 
ATOM   799  O  O     . SER A 1 134 ? -4.041  6.854   12.868  1.00 40.38 ? 163  SER A O     1 
ATOM   800  C  CB    A SER A 1 134 ? -3.498  4.112   11.392  0.50 42.45 ? 163  SER A CB    1 
ATOM   801  C  CB    B SER A 1 134 ? -3.557  4.128   11.364  0.50 40.72 ? 163  SER A CB    1 
ATOM   802  O  OG    A SER A 1 134 ? -4.730  3.965   12.102  0.50 42.46 ? 163  SER A OG    1 
ATOM   803  O  OG    B SER A 1 134 ? -2.583  3.380   12.093  0.50 41.79 ? 163  SER A OG    1 
ATOM   804  N  N     . ASP A 1 135 ? -1.831  6.365   12.936  1.00 41.42 ? 164  ASP A N     1 
ATOM   805  C  CA    . ASP A 1 135 ? -1.634  7.159   14.167  1.00 40.69 ? 164  ASP A CA    1 
ATOM   806  C  C     . ASP A 1 135 ? -1.987  8.622   14.021  1.00 44.78 ? 164  ASP A C     1 
ATOM   807  O  O     . ASP A 1 135 ? -2.261  9.318   15.046  1.00 43.24 ? 164  ASP A O     1 
ATOM   808  C  CB    . ASP A 1 135 ? -0.219  6.996   14.619  1.00 40.52 ? 164  ASP A CB    1 
ATOM   809  C  CG    . ASP A 1 135 ? 0.810   7.510   13.573  1.00 41.75 ? 164  ASP A CG    1 
ATOM   810  O  OD1   . ASP A 1 135 ? 0.998   6.756   12.555  1.00 42.54 ? 164  ASP A OD1   1 
ATOM   811  O  OD2   . ASP A 1 135 ? 1.390   8.643   13.762  1.00 41.39 ? 164  ASP A OD2   1 
ATOM   812  N  N     . LEU A 1 136 ? -1.913  9.144   12.785  1.00 42.06 ? 165  LEU A N     1 
ATOM   813  C  CA    . LEU A 1 136 ? -2.159  10.565  12.596  1.00 43.75 ? 165  LEU A CA    1 
ATOM   814  C  C     . LEU A 1 136 ? -3.622  10.950  12.680  1.00 43.92 ? 165  LEU A C     1 
ATOM   815  O  O     . LEU A 1 136 ? -3.929  12.125  12.667  1.00 44.09 ? 165  LEU A O     1 
ATOM   816  C  CB    . LEU A 1 136 ? -1.549  11.042  11.310  1.00 42.48 ? 165  LEU A CB    1 
ATOM   817  C  CG    . LEU A 1 136 ? -0.034  11.042  11.343  1.00 44.60 ? 165  LEU A CG    1 
ATOM   818  C  CD1   . LEU A 1 136 ? 0.495   11.514  9.978   1.00 44.14 ? 165  LEU A CD1   1 
ATOM   819  C  CD2   . LEU A 1 136 ? 0.617   11.862  12.470  1.00 41.88 ? 165  LEU A CD2   1 
ATOM   820  N  N     . ARG A 1 137 ? -4.512  9.967   12.750  1.00 43.04 ? 166  ARG A N     1 
ATOM   821  C  CA    . ARG A 1 137 ? -5.940  10.249  12.957  1.00 43.63 ? 166  ARG A CA    1 
ATOM   822  C  C     . ARG A 1 137 ? -6.131  11.024  14.214  1.00 46.01 ? 166  ARG A C     1 
ATOM   823  O  O     . ARG A 1 137 ? -7.125  11.744  14.345  1.00 43.98 ? 166  ARG A O     1 
ATOM   824  C  CB    . ARG A 1 137 ? -6.750  8.973   13.048  1.00 46.42 ? 166  ARG A CB    1 
ATOM   825  C  CG    . ARG A 1 137 ? -6.922  8.198   11.749  1.00 42.55 ? 166  ARG A CG    1 
ATOM   826  C  CD    . ARG A 1 137 ? -7.744  6.977   11.971  1.00 45.79 ? 166  ARG A CD    1 
ATOM   827  N  NE    . ARG A 1 137 ? -8.067  6.200   10.790  1.00 44.26 ? 166  ARG A NE    1 
ATOM   828  C  CZ    . ARG A 1 137 ? -9.020  6.506   9.929   1.00 43.42 ? 166  ARG A CZ    1 
ATOM   829  N  NH1   . ARG A 1 137 ? -9.204  5.710   8.880   1.00 43.19 ? 166  ARG A NH1   1 
ATOM   830  N  NH2   . ARG A 1 137 ? -9.722  7.635   10.066  1.00 42.95 ? 166  ARG A NH2   1 
ATOM   831  N  N     . GLU A 1 138 ? -5.211  10.865  15.179  1.00 43.15 ? 167  GLU A N     1 
ATOM   832  C  CA    . GLU A 1 138 ? -5.330  11.521  16.503  1.00 41.72 ? 167  GLU A CA    1 
ATOM   833  C  C     . GLU A 1 138 ? -4.305  12.640  16.746  1.00 42.78 ? 167  GLU A C     1 
ATOM   834  O  O     . GLU A 1 138 ? -4.073  13.043  17.886  1.00 42.85 ? 167  GLU A O     1 
ATOM   835  C  CB    . GLU A 1 138 ? -5.233  10.448  17.603  1.00 45.23 ? 167  GLU A CB    1 
ATOM   836  C  CG    . GLU A 1 138 ? -6.342  9.435   17.525  1.00 42.47 ? 167  GLU A CG    1 
ATOM   837  C  CD    . GLU A 1 138 ? -6.274  8.322   18.521  1.00 49.17 ? 167  GLU A CD    1 
ATOM   838  O  OE1   . GLU A 1 138 ? -5.507  8.390   19.487  1.00 45.39 ? 167  GLU A OE1   1 
ATOM   839  O  OE2   . GLU A 1 138 ? -7.066  7.396   18.364  1.00 46.48 ? 167  GLU A OE2   1 
ATOM   840  N  N     . ASP A 1 139 ? -3.765  13.185  15.671  1.00 42.46 ? 168  ASP A N     1 
ATOM   841  C  CA    . ASP A 1 139 ? -2.746  14.183  15.764  1.00 43.98 ? 168  ASP A CA    1 
ATOM   842  C  C     . ASP A 1 139 ? -3.427  15.537  15.551  1.00 41.67 ? 168  ASP A C     1 
ATOM   843  O  O     . ASP A 1 139 ? -3.941  15.839  14.463  1.00 41.31 ? 168  ASP A O     1 
ATOM   844  C  CB    . ASP A 1 139 ? -1.654  13.948  14.735  1.00 44.29 ? 168  ASP A CB    1 
ATOM   845  C  CG    . ASP A 1 139 ? -0.525  14.973  14.845  1.00 54.00 ? 168  ASP A CG    1 
ATOM   846  O  OD1   . ASP A 1 139 ? -0.607  16.036  14.198  1.00 45.59 ? 168  ASP A OD1   1 
ATOM   847  O  OD2   . ASP A 1 139 ? 0.400   14.725  15.642  1.00 49.76 ? 168  ASP A OD2   1 
ATOM   848  N  N     . VAL A 1 140 ? -3.397  16.371  16.575  1.00 44.59 ? 169  VAL A N     1 
ATOM   849  C  CA    . VAL A 1 140 ? -4.098  17.672  16.549  1.00 40.96 ? 169  VAL A CA    1 
ATOM   850  C  C     . VAL A 1 140 ? -3.657  18.555  15.380  1.00 42.87 ? 169  VAL A C     1 
ATOM   851  O  O     . VAL A 1 140 ? -4.489  19.141  14.654  1.00 42.47 ? 169  VAL A O     1 
ATOM   852  C  CB    . VAL A 1 140 ? -3.955  18.402  17.900  1.00 38.72 ? 169  VAL A CB    1 
ATOM   853  C  CG1   . VAL A 1 140 ? -4.567  19.821  17.825  1.00 38.71 ? 169  VAL A CG1   1 
ATOM   854  C  CG2   . VAL A 1 140 ? -4.644  17.579  19.024  1.00 44.99 ? 169  VAL A CG2   1 
ATOM   855  N  N     . LYS A 1 141 ? -2.349  18.700  15.210  1.00 40.85 ? 170  LYS A N     1 
ATOM   856  C  CA    . LYS A 1 141 ? -1.817  19.539  14.129  1.00 40.43 ? 170  LYS A CA    1 
ATOM   857  C  C     . LYS A 1 141 ? -2.322  19.122  12.753  1.00 42.02 ? 170  LYS A C     1 
ATOM   858  O  O     . LYS A 1 141 ? -2.770  19.967  11.968  1.00 42.42 ? 170  LYS A O     1 
ATOM   859  C  CB    . LYS A 1 141 ? -0.305  19.585  14.200  1.00 44.44 ? 170  LYS A CB    1 
ATOM   860  C  CG    . LYS A 1 141 ? 0.177   20.438  15.350  1.00 49.46 ? 170  LYS A CG    1 
ATOM   861  N  N     . VAL A 1 142 ? -2.323  17.811  12.514  1.00 40.89 ? 171  VAL A N     1 
ATOM   862  C  CA    . VAL A 1 142 ? -2.772  17.259  11.258  1.00 42.35 ? 171  VAL A CA    1 
ATOM   863  C  C     . VAL A 1 142 ? -4.263  17.527  11.067  1.00 39.82 ? 171  VAL A C     1 
ATOM   864  O  O     . VAL A 1 142 ? -4.698  17.897  9.989   1.00 41.59 ? 171  VAL A O     1 
ATOM   865  C  CB    . VAL A 1 142 ? -2.465  15.747  11.168  1.00 44.22 ? 171  VAL A CB    1 
ATOM   866  C  CG1   . VAL A 1 142 ? -3.272  15.103  9.994   1.00 46.96 ? 171  VAL A CG1   1 
ATOM   867  C  CG2   . VAL A 1 142 ? -0.979  15.535  10.977  1.00 44.95 ? 171  VAL A CG2   1 
ATOM   868  N  N     . LEU A 1 143 ? -5.048  17.324  12.123  1.00 40.55 ? 172  LEU A N     1 
ATOM   869  C  CA    . LEU A 1 143 ? -6.507  17.495  12.032  1.00 41.14 ? 172  LEU A CA    1 
ATOM   870  C  C     . LEU A 1 143 ? -6.877  18.943  11.790  1.00 41.46 ? 172  LEU A C     1 
ATOM   871  O  O     . LEU A 1 143 ? -7.783  19.209  11.011  1.00 42.23 ? 172  LEU A O     1 
ATOM   872  C  CB    . LEU A 1 143 ? -7.193  16.967  13.293  1.00 42.32 ? 172  LEU A CB    1 
ATOM   873  C  CG    . LEU A 1 143 ? -7.143  15.448  13.525  1.00 40.60 ? 172  LEU A CG    1 
ATOM   874  C  CD1   . LEU A 1 143 ? -7.568  15.188  14.993  1.00 41.45 ? 172  LEU A CD1   1 
ATOM   875  C  CD2   . LEU A 1 143 ? -8.081  14.775  12.504  1.00 42.14 ? 172  LEU A CD2   1 
ATOM   876  N  N     . ILE A 1 144 ? -6.180  19.863  12.471  1.00 41.95 ? 173  ILE A N     1 
ATOM   877  C  CA    . ILE A 1 144 ? -6.351  21.304  12.293  1.00 40.06 ? 173  ILE A CA    1 
ATOM   878  C  C     . ILE A 1 144 ? -6.046  21.702  10.844  1.00 42.36 ? 173  ILE A C     1 
ATOM   879  O  O     . ILE A 1 144 ? -6.825  22.446  10.215  1.00 40.63 ? 173  ILE A O     1 
ATOM   880  C  CB    . ILE A 1 144 ? -5.483  22.084  13.319  1.00 39.33 ? 173  ILE A CB    1 
ATOM   881  C  CG1   . ILE A 1 144 ? -6.188  21.997  14.678  1.00 42.09 ? 173  ILE A CG1   1 
ATOM   882  C  CG2   . ILE A 1 144 ? -5.344  23.589  12.926  1.00 43.17 ? 173  ILE A CG2   1 
ATOM   883  C  CD1   . ILE A 1 144 ? -5.529  22.598  15.873  1.00 38.57 ? 173  ILE A CD1   1 
ATOM   884  N  N     . GLU A 1 145 ? -4.988  21.108  10.289  1.00 39.97 ? 174  GLU A N     1 
ATOM   885  C  CA    . GLU A 1 145 ? -4.604  21.427  8.946   1.00 44.26 ? 174  GLU A CA    1 
ATOM   886  C  C     . GLU A 1 145 ? -5.636  20.939  7.945   1.00 40.15 ? 174  GLU A C     1 
ATOM   887  O  O     . GLU A 1 145 ? -6.015  21.695  7.037   1.00 39.79 ? 174  GLU A O     1 
ATOM   888  C  CB    . GLU A 1 145 ? -3.181  20.948  8.624   1.00 45.12 ? 174  GLU A CB    1 
ATOM   889  C  CG    . GLU A 1 145 ? -2.088  21.795  9.236   1.00 61.79 ? 174  GLU A CG    1 
ATOM   890  C  CD    . GLU A 1 145 ? -2.262  23.279  8.989   1.00 66.92 ? 174  GLU A CD    1 
ATOM   891  O  OE1   . GLU A 1 145 ? -2.219  23.680  7.798   1.00 53.20 ? 174  GLU A OE1   1 
ATOM   892  O  OE2   . GLU A 1 145 ? -2.454  24.044  9.980   1.00 58.66 ? 174  GLU A OE2   1 
ATOM   893  N  N     . LEU A 1 146 ? -6.110  19.716  8.099   1.00 43.41 ? 175  LEU A N     1 
ATOM   894  C  CA    . LEU A 1 146 ? -7.135  19.202  7.214   1.00 41.92 ? 175  LEU A CA    1 
ATOM   895  C  C     . LEU A 1 146 ? -8.372  20.090  7.272   1.00 43.42 ? 175  LEU A C     1 
ATOM   896  O  O     . LEU A 1 146 ? -9.026  20.325  6.272   1.00 42.16 ? 175  LEU A O     1 
ATOM   897  C  CB    . LEU A 1 146 ? -7.502  17.761  7.584   1.00 42.71 ? 175  LEU A CB    1 
ATOM   898  C  CG    . LEU A 1 146 ? -6.523  16.658  7.196   1.00 44.08 ? 175  LEU A CG    1 
ATOM   899  C  CD1   . LEU A 1 146 ? -6.896  15.360  7.868   1.00 45.72 ? 175  LEU A CD1   1 
ATOM   900  C  CD2   . LEU A 1 146 ? -6.508  16.445  5.701   1.00 44.92 ? 175  LEU A CD2   1 
ATOM   901  N  N     . ASP A 1 147 ? -8.703  20.567  8.468   1.00 41.88 ? 176  ASP A N     1 
ATOM   902  C  CA    . ASP A 1 147 ? -9.968  21.312  8.637   1.00 45.73 ? 176  ASP A CA    1 
ATOM   903  C  C     . ASP A 1 147 ? -9.935  22.695  8.008   1.00 45.31 ? 176  ASP A C     1 
ATOM   904  O  O     . ASP A 1 147 ? -10.983 23.275  7.705   1.00 42.81 ? 176  ASP A O     1 
ATOM   905  C  CB    . ASP A 1 147 ? -10.326 21.374  10.113  1.00 43.25 ? 176  ASP A CB    1 
ATOM   906  C  CG    . ASP A 1 147 ? -11.653 22.033  10.364  1.00 48.41 ? 176  ASP A CG    1 
ATOM   907  O  OD1   . ASP A 1 147 ? -12.704 21.490  9.984   1.00 48.79 ? 176  ASP A OD1   1 
ATOM   908  O  OD2   . ASP A 1 147 ? -11.644 23.097  10.975  1.00 44.92 ? 176  ASP A OD2   1 
ATOM   909  N  N     . LYS A 1 148 ? -8.746  23.227  7.745   1.00 40.31 ? 177  LYS A N     1 
ATOM   910  C  CA    . LYS A 1 148 ? -8.662  24.501  7.024   1.00 40.84 ? 177  LYS A CA    1 
ATOM   911  C  C     . LYS A 1 148 ? -9.328  24.402  5.654   1.00 43.24 ? 177  LYS A C     1 
ATOM   912  O  O     . LYS A 1 148 ? -9.808  25.397  5.142   1.00 42.41 ? 177  LYS A O     1 
ATOM   913  C  CB    . LYS A 1 148 ? -7.217  24.905  6.821   1.00 43.75 ? 177  LYS A CB    1 
ATOM   914  C  CG    . LYS A 1 148 ? -6.446  25.245  8.078   1.00 51.25 ? 177  LYS A CG    1 
ATOM   915  C  CD    . LYS A 1 148 ? -4.959  25.216  7.759   1.00 52.90 ? 177  LYS A CD    1 
ATOM   916  C  CE    . LYS A 1 148 ? -4.152  26.196  8.587   1.00 52.56 ? 177  LYS A CE    1 
ATOM   917  N  NZ    . LYS A 1 148 ? -2.753  26.257  8.084   1.00 68.90 ? 177  LYS A NZ    1 
ATOM   918  N  N     . CYS A 1 149 ? -9.314  23.214  5.050   1.00 39.21 ? 178  CYS A N     1 
ATOM   919  C  CA    . CYS A 1 149 ? -10.026 22.978  3.797   1.00 44.64 ? 178  CYS A CA    1 
ATOM   920  C  C     . CYS A 1 149 ? -11.252 22.072  3.966   1.00 43.62 ? 178  CYS A C     1 
ATOM   921  O  O     . CYS A 1 149 ? -11.673 21.423  3.012   1.00 42.77 ? 178  CYS A O     1 
ATOM   922  C  CB    . CYS A 1 149 ? -9.038  22.395  2.798   1.00 44.51 ? 178  CYS A CB    1 
ATOM   923  S  SG    . CYS A 1 149 ? -7.872  23.723  2.385   1.00 56.24 ? 178  CYS A SG    1 
ATOM   924  N  N     . LYS A 1 150 ? -11.793 22.050  5.188   1.00 39.65 ? 179  LYS A N     1 
ATOM   925  C  CA    . LYS A 1 150 ? -12.988 21.281  5.538   1.00 43.92 ? 179  LYS A CA    1 
ATOM   926  C  C     . LYS A 1 150 ? -12.811 19.795  5.201   1.00 42.27 ? 179  LYS A C     1 
ATOM   927  O  O     . LYS A 1 150 ? -13.722 19.119  4.752   1.00 43.82 ? 179  LYS A O     1 
ATOM   928  C  CB    . LYS A 1 150 ? -14.222 21.887  4.872   1.00 44.94 ? 179  LYS A CB    1 
ATOM   929  C  CG    . LYS A 1 150 ? -14.558 23.305  5.386   1.00 46.46 ? 179  LYS A CG    1 
ATOM   930  C  CD    . LYS A 1 150 ? -15.279 23.254  6.738   1.00 63.38 ? 179  LYS A CD    1 
ATOM   931  C  CE    . LYS A 1 150 ? -14.350 23.377  7.946   1.00 68.37 ? 179  LYS A CE    1 
ATOM   932  N  NZ    . LYS A 1 150 ? -15.012 22.915  9.210   1.00 66.42 ? 179  LYS A NZ    1 
ATOM   933  N  N     . GLU A 1 151 ? -11.612 19.301  5.393   1.00 41.11 ? 180  GLU A N     1 
ATOM   934  C  CA    . GLU A 1 151 ? -11.346 17.903  5.190   1.00 38.70 ? 180  GLU A CA    1 
ATOM   935  C  C     . GLU A 1 151 ? -11.249 17.224  6.538   1.00 43.22 ? 180  GLU A C     1 
ATOM   936  O  O     . GLU A 1 151 ? -11.100 17.888  7.568   1.00 40.92 ? 180  GLU A O     1 
ATOM   937  C  CB    . GLU A 1 151 ? -10.044 17.723  4.386   1.00 38.95 ? 180  GLU A CB    1 
ATOM   938  C  CG    . GLU A 1 151 ? -10.194 18.160  2.929   1.00 47.28 ? 180  GLU A CG    1 
ATOM   939  C  CD    . GLU A 1 151 ? -9.077  17.666  1.989   1.00 45.71 ? 180  GLU A CD    1 
ATOM   940  O  OE1   . GLU A 1 151 ? -7.959  17.417  2.456   1.00 53.90 ? 180  GLU A OE1   1 
ATOM   941  O  OE2   . GLU A 1 151 ? -9.319  17.558  0.757   1.00 55.48 ? 180  GLU A OE2   1 
ATOM   942  N  N     . LYS A 1 152 ? -11.290 15.892  6.524   1.00 40.88 ? 181  LYS A N     1 
ATOM   943  C  CA    . LYS A 1 152 ? -11.208 15.087  7.717   1.00 41.17 ? 181  LYS A CA    1 
ATOM   944  C  C     . LYS A 1 152 ? -10.461 13.812  7.288   1.00 42.61 ? 181  LYS A C     1 
ATOM   945  O  O     . LYS A 1 152 ? -10.353 13.503  6.088   1.00 44.18 ? 181  LYS A O     1 
ATOM   946  C  CB    . LYS A 1 152 ? -12.598 14.640  8.171   1.00 42.16 ? 181  LYS A CB    1 
ATOM   947  C  CG    . LYS A 1 152 ? -13.626 15.728  8.289   1.00 62.39 ? 181  LYS A CG    1 
ATOM   948  C  CD    . LYS A 1 152 ? -14.093 15.910  9.658   1.00 60.83 ? 181  LYS A CD    1 
ATOM   949  C  CE    . LYS A 1 152 ? -15.146 16.990  9.735   1.00 64.56 ? 181  LYS A CE    1 
ATOM   950  N  NZ    . LYS A 1 152 ? -14.640 18.079  10.560  1.00 52.31 ? 181  LYS A NZ    1 
ATOM   951  N  N     . PRO A 1 153 ? -9.943  13.060  8.254   1.00 43.48 ? 182  PRO A N     1 
ATOM   952  C  CA    . PRO A 1 153 ? -9.372  11.774  7.837   1.00 40.06 ? 182  PRO A CA    1 
ATOM   953  C  C     . PRO A 1 153 ? -10.381 10.888  7.117   1.00 43.67 ? 182  PRO A C     1 
ATOM   954  O  O     . PRO A 1 153 ? -11.587 11.049  7.302   1.00 43.11 ? 182  PRO A O     1 
ATOM   955  C  CB    . PRO A 1 153 ? -8.945  11.136  9.163   1.00 46.92 ? 182  PRO A CB    1 
ATOM   956  C  CG    . PRO A 1 153 ? -8.792  12.302  10.127  1.00 45.22 ? 182  PRO A CG    1 
ATOM   957  C  CD    . PRO A 1 153 ? -9.829  13.307  9.696   1.00 42.56 ? 182  PRO A CD    1 
ATOM   958  N  N     . VAL A 1 154 ? -9.880  9.964   6.306   1.00 43.08 ? 183  VAL A N     1 
ATOM   959  C  CA    . VAL A 1 154 ? -10.739 9.043   5.536   1.00 41.44 ? 183  VAL A CA    1 
ATOM   960  C  C     . VAL A 1 154 ? -11.402 8.084   6.502   1.00 46.46 ? 183  VAL A C     1 
ATOM   961  O  O     . VAL A 1 154 ? -10.682 7.394   7.216   1.00 44.55 ? 183  VAL A O     1 
ATOM   962  C  CB    . VAL A 1 154 ? -9.903  8.184   4.545   1.00 37.83 ? 183  VAL A CB    1 
ATOM   963  C  CG1   . VAL A 1 154 ? -10.759 7.191   3.793   1.00 42.63 ? 183  VAL A CG1   1 
ATOM   964  C  CG2   . VAL A 1 154 ? -9.088  9.119   3.609   1.00 41.67 ? 183  VAL A CG2   1 
ATOM   965  N  N     . PRO A 1 155 ? -12.756 8.030   6.530   1.00 43.34 ? 184  PRO A N     1 
ATOM   966  C  CA    . PRO A 1 155 ? -13.371 7.038   7.423   1.00 44.59 ? 184  PRO A CA    1 
ATOM   967  C  C     . PRO A 1 155 ? -13.000 5.601   7.020   1.00 46.54 ? 184  PRO A C     1 
ATOM   968  O  O     . PRO A 1 155 ? -13.054 5.250   5.835   1.00 44.38 ? 184  PRO A O     1 
ATOM   969  C  CB    . PRO A 1 155 ? -14.867 7.265   7.232   1.00 48.73 ? 184  PRO A CB    1 
ATOM   970  C  CG    . PRO A 1 155 ? -14.992 8.659   6.649   1.00 46.02 ? 184  PRO A CG    1 
ATOM   971  C  CD    . PRO A 1 155 ? -13.767 8.860   5.843   1.00 42.19 ? 184  PRO A CD    1 
ATOM   972  N  N     . GLU A 1 156 ? -12.761 4.750   7.998   1.00 42.46 ? 185  GLU A N     1 
ATOM   973  C  CA    . GLU A 1 156 ? -12.443 3.360   7.721   1.00 41.02 ? 185  GLU A CA    1 
ATOM   974  C  C     . GLU A 1 156 ? -13.570 2.694   6.891   1.00 41.95 ? 185  GLU A C     1 
ATOM   975  O  O     . GLU A 1 156 ? -13.303 1.852   6.005   1.00 49.08 ? 185  GLU A O     1 
ATOM   976  C  CB    . GLU A 1 156 ? -12.243 2.678   9.086   1.00 50.91 ? 185  GLU A CB    1 
ATOM   977  C  CG    . GLU A 1 156 ? -11.710 1.280   9.120   1.00 52.98 ? 185  GLU A CG    1 
ATOM   978  C  CD    . GLU A 1 156 ? -12.068 0.537   10.429  1.00 69.45 ? 185  GLU A CD    1 
ATOM   979  O  OE1   . GLU A 1 156 ? -12.319 1.193   11.491  1.00 60.42 ? 185  GLU A OE1   1 
ATOM   980  O  OE2   . GLU A 1 156 ? -12.125 -0.719  10.382  1.00 72.74 ? 185  GLU A OE2   1 
ATOM   981  N  N     . GLU A 1 157 ? -14.817 3.028   7.206   1.00 44.42 ? 186  GLU A N     1 
ATOM   982  C  CA    . GLU A 1 157 ? -15.981 2.528   6.427   1.00 45.82 ? 186  GLU A CA    1 
ATOM   983  C  C     . GLU A 1 157 ? -15.859 2.860   4.942   1.00 45.95 ? 186  GLU A C     1 
ATOM   984  O  O     . GLU A 1 157 ? -16.221 2.059   4.094   1.00 47.35 ? 186  GLU A O     1 
ATOM   985  C  CB    . GLU A 1 157 ? -17.331 3.117   6.930   1.00 48.79 ? 186  GLU A CB    1 
ATOM   986  C  CG    . GLU A 1 157 ? -18.062 2.201   7.891   1.00 70.48 ? 186  GLU A CG    1 
ATOM   987  N  N     . ALA A 1 158 ? -15.414 4.061   4.626   1.00 43.52 ? 187  ALA A N     1 
ATOM   988  C  CA    . ALA A 1 158 ? -15.269 4.500   3.223   1.00 42.69 ? 187  ALA A CA    1 
ATOM   989  C  C     . ALA A 1 158 ? -14.209 3.681   2.497   1.00 44.17 ? 187  ALA A C     1 
ATOM   990  O  O     . ALA A 1 158 ? -14.367 3.325   1.338   1.00 40.93 ? 187  ALA A O     1 
ATOM   991  C  CB    . ALA A 1 158 ? -14.912 5.994   3.188   1.00 43.87 ? 187  ALA A CB    1 
ATOM   992  N  N     . ALA A 1 159 ? -13.095 3.438   3.185   1.00 40.40 ? 188  ALA A N     1 
ATOM   993  C  CA    . ALA A 1 159 ? -11.977 2.631   2.685   1.00 38.84 ? 188  ALA A CA    1 
ATOM   994  C  C     . ALA A 1 159 ? -12.412 1.221   2.436   1.00 42.98 ? 188  ALA A C     1 
ATOM   995  O  O     . ALA A 1 159 ? -12.001 0.574   1.437   1.00 44.66 ? 188  ALA A O     1 
ATOM   996  C  CB    . ALA A 1 159 ? -10.821 2.664   3.693   1.00 39.20 ? 188  ALA A CB    1 
ATOM   997  N  N     . LYS A 1 160 ? -13.222 0.698   3.348   1.00 42.48 ? 189  LYS A N     1 
ATOM   998  C  CA    . LYS A 1 160 ? -13.646 -0.711  3.245   1.00 47.53 ? 189  LYS A CA    1 
ATOM   999  C  C     . LYS A 1 160 ? -14.570 -0.835  2.047   1.00 46.71 ? 189  LYS A C     1 
ATOM   1000 O  O     . LYS A 1 160 ? -14.492 -1.814  1.297   1.00 46.33 ? 189  LYS A O     1 
ATOM   1001 C  CB    . LYS A 1 160 ? -14.427 -1.168  4.475   1.00 50.75 ? 189  LYS A CB    1 
ATOM   1002 C  CG    . LYS A 1 160 ? -13.599 -1.530  5.694   1.00 50.98 ? 189  LYS A CG    1 
ATOM   1003 C  CD    . LYS A 1 160 ? -14.536 -1.792  6.900   1.00 60.45 ? 189  LYS A CD    1 
ATOM   1004 C  CE    . LYS A 1 160 ? -13.747 -2.009  8.207   1.00 64.41 ? 189  LYS A CE    1 
ATOM   1005 N  N     . LEU A 1 161 ? -15.455 0.141   1.885   1.00 44.41 ? 190  LEU A N     1 
ATOM   1006 C  CA    . LEU A 1 161 ? -16.408 0.131   0.759   1.00 43.86 ? 190  LEU A CA    1 
ATOM   1007 C  C     . LEU A 1 161 ? -15.645 0.256   -0.562  1.00 46.38 ? 190  LEU A C     1 
ATOM   1008 O  O     . LEU A 1 161 ? -15.939 -0.465  -1.505  1.00 44.31 ? 190  LEU A O     1 
ATOM   1009 C  CB    . LEU A 1 161 ? -17.459 1.255   0.891   1.00 41.05 ? 190  LEU A CB    1 
ATOM   1010 C  CG    . LEU A 1 161 ? -18.444 1.452   -0.281  1.00 52.54 ? 190  LEU A CG    1 
ATOM   1011 C  CD1   . LEU A 1 161 ? -19.335 0.220   -0.466  1.00 57.32 ? 190  LEU A CD1   1 
ATOM   1012 C  CD2   . LEU A 1 161 ? -19.283 2.723   -0.110  1.00 51.20 ? 190  LEU A CD2   1 
ATOM   1013 N  N     . LEU A 1 162 ? -14.682 1.169   -0.642  1.00 43.92 ? 191  LEU A N     1 
ATOM   1014 C  CA    . LEU A 1 162 ? -13.857 1.247   -1.837  1.00 45.03 ? 191  LEU A CA    1 
ATOM   1015 C  C     . LEU A 1 162 ? -13.143 -0.064  -2.123  1.00 48.04 ? 191  LEU A C     1 
ATOM   1016 O  O     . LEU A 1 162 ? -13.090 -0.506  -3.263  1.00 46.43 ? 191  LEU A O     1 
ATOM   1017 C  CB    . LEU A 1 162 ? -12.832 2.359   -1.745  1.00 40.06 ? 191  LEU A CB    1 
ATOM   1018 C  CG    . LEU A 1 162 ? -11.982 2.636   -2.978  1.00 52.64 ? 191  LEU A CG    1 
ATOM   1019 C  CD1   . LEU A 1 162 ? -12.886 3.096   -4.168  1.00 45.64 ? 191  LEU A CD1   1 
ATOM   1020 C  CD2   . LEU A 1 162 ? -10.922 3.673   -2.618  1.00 39.90 ? 191  LEU A CD2   1 
ATOM   1021 N  N     . ALA A 1 163 ? -12.571 -0.690  -1.102  1.00 44.31 ? 192  ALA A N     1 
ATOM   1022 C  CA    . ALA A 1 163 ? -11.911 -1.965  -1.312  1.00 43.73 ? 192  ALA A CA    1 
ATOM   1023 C  C     . ALA A 1 163 ? -12.852 -2.929  -2.012  1.00 43.94 ? 192  ALA A C     1 
ATOM   1024 O  O     . ALA A 1 163 ? -12.479 -3.588  -2.980  1.00 45.76 ? 192  ALA A O     1 
ATOM   1025 C  CB    . ALA A 1 163 ? -11.424 -2.560  0.014   1.00 45.19 ? 192  ALA A CB    1 
ATOM   1026 N  N     . GLU A 1 164 ? -14.102 -2.968  -1.574  1.00 41.90 ? 193  GLU A N     1 
ATOM   1027 C  CA    . GLU A 1 164 ? -15.096 -3.782  -2.270  1.00 46.45 ? 193  GLU A CA    1 
ATOM   1028 C  C     . GLU A 1 164 ? -15.280 -3.298  -3.704  1.00 48.59 ? 193  GLU A C     1 
ATOM   1029 O  O     . GLU A 1 164 ? -15.269 -4.106  -4.631  1.00 49.08 ? 193  GLU A O     1 
ATOM   1030 C  CB    . GLU A 1 164 ? -16.445 -3.726  -1.567  1.00 53.17 ? 193  GLU A CB    1 
ATOM   1031 C  CG    . GLU A 1 164 ? -16.478 -4.362  -0.201  1.00 54.48 ? 193  GLU A CG    1 
ATOM   1032 C  CD    . GLU A 1 164 ? -17.805 -4.135  0.500   1.00 56.23 ? 193  GLU A CD    1 
ATOM   1033 O  OE1   . GLU A 1 164 ? -18.833 -3.930  -0.191  1.00 70.27 ? 193  GLU A OE1   1 
ATOM   1034 O  OE2   . GLU A 1 164 ? -17.811 -4.162  1.749   1.00 76.37 ? 193  GLU A OE2   1 
ATOM   1035 N  N     . GLU A 1 165 ? -15.442 -1.985  -3.897  1.00 45.58 ? 194  GLU A N     1 
ATOM   1036 C  CA    . GLU A 1 165 ? -15.756 -1.493  -5.247  1.00 48.25 ? 194  GLU A CA    1 
ATOM   1037 C  C     . GLU A 1 165 ? -14.660 -1.869  -6.251  1.00 49.04 ? 194  GLU A C     1 
ATOM   1038 O  O     . GLU A 1 165 ? -14.958 -2.347  -7.353  1.00 48.68 ? 194  GLU A O     1 
ATOM   1039 C  CB    . GLU A 1 165 ? -16.046 0.011   -5.274  1.00 44.31 ? 194  GLU A CB    1 
ATOM   1040 C  CG    . GLU A 1 165 ? -17.277 0.422   -4.462  1.00 57.25 ? 194  GLU A CG    1 
ATOM   1041 N  N     . ILE A 1 166 ? -13.399 -1.698  -5.850  1.00 46.36 ? 195  ILE A N     1 
ATOM   1042 C  CA    . ILE A 1 166 ? -12.275 -1.990  -6.724  1.00 44.58 ? 195  ILE A CA    1 
ATOM   1043 C  C     . ILE A 1 166 ? -11.904 -3.476  -6.740  1.00 42.35 ? 195  ILE A C     1 
ATOM   1044 O  O     . ILE A 1 166 ? -10.988 -3.870  -7.444  1.00 44.25 ? 195  ILE A O     1 
ATOM   1045 C  CB    . ILE A 1 166 ? -11.031 -1.107  -6.418  1.00 49.11 ? 195  ILE A CB    1 
ATOM   1046 C  CG1   . ILE A 1 166 ? -10.338 -1.519  -5.108  1.00 50.15 ? 195  ILE A CG1   1 
ATOM   1047 C  CG2   . ILE A 1 166 ? -11.409 0.371   -6.373  1.00 47.66 ? 195  ILE A CG2   1 
ATOM   1048 C  CD1   . ILE A 1 166 ? -9.224  -0.560  -4.718  1.00 50.36 ? 195  ILE A CD1   1 
ATOM   1049 N  N     . LYS A 1 167 ? -12.619 -4.300  -5.976  1.00 43.58 ? 196  LYS A N     1 
ATOM   1050 C  CA    . LYS A 1 167 ? -12.356 -5.739  -5.913  1.00 43.88 ? 196  LYS A CA    1 
ATOM   1051 C  C     . LYS A 1 167 ? -10.951 -6.020  -5.378  1.00 47.05 ? 196  LYS A C     1 
ATOM   1052 O  O     . LYS A 1 167 ? -10.201 -6.879  -5.892  1.00 43.71 ? 196  LYS A O     1 
ATOM   1053 C  CB    . LYS A 1 167 ? -12.588 -6.404  -7.262  1.00 53.15 ? 196  LYS A CB    1 
ATOM   1054 C  CG    . LYS A 1 167 ? -14.036 -6.333  -7.693  1.00 50.07 ? 196  LYS A CG    1 
ATOM   1055 C  CD    . LYS A 1 167 ? -14.882 -7.337  -6.926  1.00 65.37 ? 196  LYS A CD    1 
ATOM   1056 N  N     . ALA A 1 168 ? -10.616 -5.265  -4.343  1.00 44.70 ? 197  ALA A N     1 
ATOM   1057 C  CA    . ALA A 1 168 ? -9.445  -5.529  -3.528  1.00 44.56 ? 197  ALA A CA    1 
ATOM   1058 C  C     . ALA A 1 168 ? -9.708  -6.763  -2.661  1.00 47.04 ? 197  ALA A C     1 
ATOM   1059 O  O     . ALA A 1 168 ? -10.854 -7.021  -2.282  1.00 48.45 ? 197  ALA A O     1 
ATOM   1060 C  CB    . ALA A 1 168 ? -9.170  -4.329  -2.662  1.00 42.74 ? 197  ALA A CB    1 
ATOM   1061 N  N     . ALA A 1 169 ? -8.653  -7.515  -2.324  1.00 41.58 ? 198  ALA A N     1 
ATOM   1062 C  CA    . ALA A 1 169 ? -8.798  -8.642  -1.396  1.00 43.23 ? 198  ALA A CA    1 
ATOM   1063 C  C     . ALA A 1 169 ? -9.316  -8.194  -0.029  1.00 46.55 ? 198  ALA A C     1 
ATOM   1064 O  O     . ALA A 1 169 ? -10.113 -8.894  0.623   1.00 42.52 ? 198  ALA A O     1 
ATOM   1065 C  CB    . ALA A 1 169 ? -7.499  -9.360  -1.239  1.00 45.03 ? 198  ALA A CB    1 
ATOM   1066 N  N     . SER A 1 170 ? -8.834  -7.032  0.399   1.00 48.28 ? 199  SER A N     1 
ATOM   1067 C  CA    . SER A 1 170 ? -9.240  -6.444  1.669   1.00 45.56 ? 199  SER A CA    1 
ATOM   1068 C  C     . SER A 1 170 ? -8.756  -5.018  1.791   1.00 40.70 ? 199  SER A C     1 
ATOM   1069 O  O     . SER A 1 170 ? -7.954  -4.541  0.966   1.00 42.29 ? 199  SER A O     1 
ATOM   1070 C  CB    . SER A 1 170 ? -8.682  -7.243  2.848   1.00 41.01 ? 199  SER A CB    1 
ATOM   1071 O  OG    . SER A 1 170 ? -7.283  -7.236  2.847   1.00 43.45 ? 199  SER A OG    1 
ATOM   1072 N  N     . TYR A 1 171 ? -9.223  -4.355  2.849   1.00 42.04 ? 200  TYR A N     1 
ATOM   1073 C  CA    . TYR A 1 171 ? -8.661  -3.059  3.295   1.00 43.87 ? 200  TYR A CA    1 
ATOM   1074 C  C     . TYR A 1 171 ? -7.963  -3.320  4.626   1.00 40.34 ? 200  TYR A C     1 
ATOM   1075 O  O     . TYR A 1 171 ? -8.538  -3.954  5.486   1.00 42.76 ? 200  TYR A O     1 
ATOM   1076 C  CB    . TYR A 1 171 ? -9.735  -1.980  3.496   1.00 41.18 ? 200  TYR A CB    1 
ATOM   1077 C  CG    . TYR A 1 171 ? -9.188  -0.745  4.214   1.00 39.11 ? 200  TYR A CG    1 
ATOM   1078 C  CD1   . TYR A 1 171 ? -8.188  0.003   3.664   1.00 43.15 ? 200  TYR A CD1   1 
ATOM   1079 C  CD2   . TYR A 1 171 ? -9.680  -0.343  5.450   1.00 41.35 ? 200  TYR A CD2   1 
ATOM   1080 C  CE1   . TYR A 1 171 ? -7.679  1.103   4.291   1.00 43.56 ? 200  TYR A CE1   1 
ATOM   1081 C  CE2   . TYR A 1 171 ? -9.170  0.810   6.115   1.00 37.65 ? 200  TYR A CE2   1 
ATOM   1082 C  CZ    . TYR A 1 171 ? -8.155  1.504   5.513   1.00 42.29 ? 200  TYR A CZ    1 
ATOM   1083 O  OH    . TYR A 1 171 ? -7.623  2.625   6.161   1.00 43.49 ? 200  TYR A OH    1 
ATOM   1084 N  N     . ILE A 1 172 ? -6.706  -2.897  4.780   1.00 42.82 ? 201  ILE A N     1 
ATOM   1085 C  CA    . ILE A 1 172 ? -5.978  -3.066  6.049   1.00 41.82 ? 201  ILE A CA    1 
ATOM   1086 C  C     . ILE A 1 172 ? -5.364  -1.705  6.355   1.00 40.94 ? 201  ILE A C     1 
ATOM   1087 O  O     . ILE A 1 172 ? -4.775  -1.075  5.482   1.00 42.86 ? 201  ILE A O     1 
ATOM   1088 C  CB    . ILE A 1 172 ? -4.834  -4.099  5.911   1.00 44.83 ? 201  ILE A CB    1 
ATOM   1089 C  CG1   . ILE A 1 172 ? -5.396  -5.442  5.475   1.00 49.20 ? 201  ILE A CG1   1 
ATOM   1090 C  CG2   . ILE A 1 172 ? -4.143  -4.325  7.228   1.00 44.97 ? 201  ILE A CG2   1 
ATOM   1091 C  CD1   . ILE A 1 172 ? -4.357  -6.522  5.342   1.00 46.80 ? 201  ILE A CD1   1 
ATOM   1092 N  N     . GLU A 1 173 ? -5.539  -1.260  7.584   1.00 39.89 ? 202  GLU A N     1 
ATOM   1093 C  CA    . GLU A 1 173 ? -5.076  0.067   8.019   1.00 42.74 ? 202  GLU A CA    1 
ATOM   1094 C  C     . GLU A 1 173 ? -3.936  -0.110  8.972   1.00 43.79 ? 202  GLU A C     1 
ATOM   1095 O  O     . GLU A 1 173 ? -3.983  -0.947  9.895   1.00 42.94 ? 202  GLU A O     1 
ATOM   1096 C  CB    . GLU A 1 173 ? -6.202  0.819   8.696   1.00 42.22 ? 202  GLU A CB    1 
ATOM   1097 C  CG    . GLU A 1 173 ? -5.834  2.241   9.001   1.00 42.47 ? 202  GLU A CG    1 
ATOM   1098 C  CD    . GLU A 1 173 ? -6.985  3.076   9.453   1.00 48.54 ? 202  GLU A CD    1 
ATOM   1099 O  OE1   . GLU A 1 173 ? -8.016  3.176   8.768   1.00 43.39 ? 202  GLU A OE1   1 
ATOM   1100 O  OE2   . GLU A 1 173 ? -6.831  3.743   10.482  1.00 49.15 ? 202  GLU A OE2   1 
ATOM   1101 N  N     . CYS A 1 174 ? -2.889  0.679   8.774   1.00 39.44 ? 203  CYS A N     1 
ATOM   1102 C  CA    . CYS A 1 174 ? -1.674  0.435   9.565   1.00 40.30 ? 203  CYS A CA    1 
ATOM   1103 C  C     . CYS A 1 174 ? -0.911  1.712   9.897   1.00 43.75 ? 203  CYS A C     1 
ATOM   1104 O  O     . CYS A 1 174 ? -1.237  2.758   9.406   1.00 41.13 ? 203  CYS A O     1 
ATOM   1105 C  CB    . CYS A 1 174 ? -0.761  -0.536  8.814   1.00 40.98 ? 203  CYS A CB    1 
ATOM   1106 S  SG    . CYS A 1 174 ? 0.041   0.124   7.335   1.00 44.78 ? 203  CYS A SG    1 
ATOM   1107 N  N     . SER A 1 175 ? 0.106   1.569   10.745  1.00 39.42 ? 204  SER A N     1 
ATOM   1108 C  CA    . SER A 1 175 ? 1.055   2.655   11.087  1.00 40.60 ? 204  SER A CA    1 
ATOM   1109 C  C     . SER A 1 175 ? 2.454   2.108   11.124  1.00 44.14 ? 204  SER A C     1 
ATOM   1110 O  O     . SER A 1 175 ? 2.738   1.189   11.877  1.00 40.85 ? 204  SER A O     1 
ATOM   1111 C  CB    . SER A 1 175 ? 0.759   3.264   12.435  1.00 42.66 ? 204  SER A CB    1 
ATOM   1112 O  OG    . SER A 1 175 ? 1.768   4.184   12.795  1.00 39.95 ? 204  SER A OG    1 
ATOM   1113 N  N     . ALA A 1 176 ? 3.342   2.667   10.294  1.00 41.56 ? 205  ALA A N     1 
ATOM   1114 C  CA    . ALA A 1 176 ? 4.753   2.318   10.367  1.00 38.81 ? 205  ALA A CA    1 
ATOM   1115 C  C     . ALA A 1 176 ? 5.378   2.842   11.672  1.00 39.83 ? 205  ALA A C     1 
ATOM   1116 O  O     . ALA A 1 176 ? 6.410   2.297   12.125  1.00 42.37 ? 205  ALA A O     1 
ATOM   1117 C  CB    . ALA A 1 176 ? 5.509   2.932   9.162   1.00 41.08 ? 205  ALA A CB    1 
ATOM   1118 N  N     . LEU A 1 177 ? 4.814   3.916   12.242  1.00 39.74 ? 206  LEU A N     1 
ATOM   1119 C  CA    . LEU A 1 177 ? 5.336   4.487   13.495  1.00 37.79 ? 206  LEU A CA    1 
ATOM   1120 C  C     . LEU A 1 177 ? 5.037   3.556   14.671  1.00 42.08 ? 206  LEU A C     1 
ATOM   1121 O  O     . LEU A 1 177 ? 5.935   3.176   15.380  1.00 42.19 ? 206  LEU A O     1 
ATOM   1122 C  CB    . LEU A 1 177 ? 4.744   5.853   13.734  1.00 38.70 ? 206  LEU A CB    1 
ATOM   1123 C  CG    . LEU A 1 177 ? 5.177   6.507   15.033  1.00 36.59 ? 206  LEU A CG    1 
ATOM   1124 C  CD1   . LEU A 1 177 ? 6.713   6.743   15.144  1.00 40.26 ? 206  LEU A CD1   1 
ATOM   1125 C  CD2   . LEU A 1 177 ? 4.400   7.779   15.217  1.00 40.39 ? 206  LEU A CD2   1 
ATOM   1126 N  N     . THR A 1 178 ? 3.752   3.221   14.886  1.00 38.26 ? 207  THR A N     1 
ATOM   1127 C  CA    . THR A 1 178 ? 3.404   2.434   16.037  1.00 38.50 ? 207  THR A CA    1 
ATOM   1128 C  C     . THR A 1 178 ? 3.485   0.917   15.723  1.00 45.74 ? 207  THR A C     1 
ATOM   1129 O  O     . THR A 1 178 ? 3.435   0.089   16.652  1.00 43.07 ? 207  THR A O     1 
ATOM   1130 C  CB    . THR A 1 178 ? 1.984   2.742   16.521  1.00 43.16 ? 207  THR A CB    1 
ATOM   1131 O  OG1   . THR A 1 178 ? 1.069   2.242   15.513  1.00 41.02 ? 207  THR A OG1   1 
ATOM   1132 C  CG2   . THR A 1 178 ? 1.773   4.250   16.832  1.00 45.75 ? 207  THR A CG2   1 
ATOM   1133 N  N     . GLN A 1 179 ? 3.634   0.563   14.443  1.00 42.12 ? 208  GLN A N     1 
ATOM   1134 C  CA    . GLN A 1 179 ? 3.637   -0.807  13.908  1.00 42.16 ? 208  GLN A CA    1 
ATOM   1135 C  C     . GLN A 1 179 ? 2.280   -1.513  13.961  1.00 43.31 ? 208  GLN A C     1 
ATOM   1136 O  O     . GLN A 1 179 ? 2.205   -2.709  13.693  1.00 44.28 ? 208  GLN A O     1 
ATOM   1137 C  CB    . GLN A 1 179 ? 4.739   -1.648  14.515  1.00 48.13 ? 208  GLN A CB    1 
ATOM   1138 C  CG    . GLN A 1 179 ? 6.157   -1.043  14.256  1.00 50.37 ? 208  GLN A CG    1 
ATOM   1139 C  CD    . GLN A 1 179 ? 7.218   -2.092  14.362  1.00 63.54 ? 208  GLN A CD    1 
ATOM   1140 O  OE1   . GLN A 1 179 ? 7.267   -2.814  15.354  1.00 57.65 ? 208  GLN A OE1   1 
ATOM   1141 N  NE2   . GLN A 1 179 ? 8.066   -2.212  13.340  1.00 62.39 ? 208  GLN A NE2   1 
ATOM   1142 N  N     . LYS A 1 180 ? 1.232   -0.744  14.227  1.00 40.67 ? 209  LYS A N     1 
ATOM   1143 C  CA    . LYS A 1 180 ? -0.125  -1.273  14.252  1.00 45.28 ? 209  LYS A CA    1 
ATOM   1144 C  C     . LYS A 1 180 ? -0.433  -1.922  12.897  1.00 43.28 ? 209  LYS A C     1 
ATOM   1145 O  O     . LYS A 1 180 ? -0.359  -1.266  11.873  1.00 43.03 ? 209  LYS A O     1 
ATOM   1146 C  CB    . LYS A 1 180 ? -1.146  -0.184  14.552  1.00 44.31 ? 209  LYS A CB    1 
ATOM   1147 C  CG    . LYS A 1 180 ? -2.616  -0.678  14.525  1.00 53.76 ? 209  LYS A CG    1 
ATOM   1148 C  CD    . LYS A 1 180 ? -3.606  0.286   15.214  1.00 55.09 ? 209  LYS A CD    1 
ATOM   1149 C  CE    . LYS A 1 180 ? -3.880  1.606   14.361  1.00 57.24 ? 209  LYS A CE    1 
ATOM   1150 N  NZ    . LYS A 1 180 ? -4.997  2.612   14.913  1.00 52.62 ? 209  LYS A NZ    1 
ATOM   1151 N  N     . ASN A 1 181 ? -0.798  -3.198  12.925  1.00 44.48 ? 210  ASN A N     1 
ATOM   1152 C  CA    . ASN A 1 181 ? -1.148  -3.952  11.735  1.00 41.89 ? 210  ASN A CA    1 
ATOM   1153 C  C     . ASN A 1 181 ? -0.115  -4.098  10.643  1.00 43.36 ? 210  ASN A C     1 
ATOM   1154 O  O     . ASN A 1 181 ? -0.398  -4.586  9.543   1.00 44.34 ? 210  ASN A O     1 
ATOM   1155 C  CB    . ASN A 1 181 ? -2.440  -3.394  11.095  1.00 44.49 ? 210  ASN A CB    1 
ATOM   1156 C  CG    . ASN A 1 181 ? -3.656  -3.729  11.893  1.00 49.50 ? 210  ASN A CG    1 
ATOM   1157 O  OD1   . ASN A 1 181 ? -3.623  -4.694  12.650  1.00 55.11 ? 210  ASN A OD1   1 
ATOM   1158 N  ND2   . ASN A 1 181 ? -4.735  -2.944  11.745  1.00 46.46 ? 210  ASN A ND2   1 
ATOM   1159 N  N     . LEU A 1 182 ? 1.118   -3.804  10.977  1.00 44.07 ? 211  LEU A N     1 
ATOM   1160 C  CA    . LEU A 1 182 ? 2.149   -3.897  9.978   1.00 46.86 ? 211  LEU A CA    1 
ATOM   1161 C  C     . LEU A 1 182 ? 2.407   -5.337  9.607   1.00 43.32 ? 211  LEU A C     1 
ATOM   1162 O  O     . LEU A 1 182 ? 2.454   -5.657  8.437   1.00 46.63 ? 211  LEU A O     1 
ATOM   1163 C  CB    . LEU A 1 182 ? 3.426   -3.261  10.523  1.00 48.32 ? 211  LEU A CB    1 
ATOM   1164 C  CG    . LEU A 1 182 ? 4.513   -2.730  9.574   1.00 55.80 ? 211  LEU A CG    1 
ATOM   1165 C  CD1   . LEU A 1 182 ? 4.007   -1.780  8.515   1.00 53.41 ? 211  LEU A CD1   1 
ATOM   1166 C  CD2   . LEU A 1 182 ? 5.570   -2.047  10.443  1.00 46.01 ? 211  LEU A CD2   1 
ATOM   1167 N  N     . LYS A 1 183 ? 2.593   -6.217  10.598  1.00 43.15 ? 212  LYS A N     1 
ATOM   1168 C  CA    . LYS A 1 183 ? 2.659   -7.658  10.346  1.00 46.39 ? 212  LYS A CA    1 
ATOM   1169 C  C     . LYS A 1 183 ? 1.466   -8.175  9.534   1.00 45.18 ? 212  LYS A C     1 
ATOM   1170 O  O     . LYS A 1 183 ? 1.638   -8.940  8.607   1.00 44.47 ? 212  LYS A O     1 
ATOM   1171 C  CB    . LYS A 1 183 ? 2.724   -8.450  11.649  1.00 48.04 ? 212  LYS A CB    1 
ATOM   1172 C  CG    . LYS A 1 183 ? 2.407   -9.947  11.496  1.00 62.11 ? 212  LYS A CG    1 
ATOM   1173 N  N     . GLU A 1 184 ? 0.263   -7.730  9.874   1.00 43.55 ? 213  GLU A N     1 
ATOM   1174 C  CA    . GLU A 1 184 ? -0.939  -8.137  9.190   1.00 44.57 ? 213  GLU A CA    1 
ATOM   1175 C  C     . GLU A 1 184 ? -0.966  -7.774  7.729   1.00 45.63 ? 213  GLU A C     1 
ATOM   1176 O  O     . GLU A 1 184 ? -1.464  -8.547  6.922   1.00 42.93 ? 213  GLU A O     1 
ATOM   1177 C  CB    . GLU A 1 184 ? -2.152  -7.533  9.900   1.00 46.64 ? 213  GLU A CB    1 
ATOM   1178 C  CG    . GLU A 1 184 ? -2.478  -8.235  11.194  1.00 56.83 ? 213  GLU A CG    1 
ATOM   1179 C  CD    . GLU A 1 184 ? -1.657  -7.814  12.408  1.00 53.23 ? 213  GLU A CD    1 
ATOM   1180 O  OE1   . GLU A 1 184 ? -0.681  -6.997  12.349  1.00 50.91 ? 213  GLU A OE1   1 
ATOM   1181 O  OE2   . GLU A 1 184 ? -2.021  -8.316  13.488  1.00 56.36 ? 213  GLU A OE2   1 
ATOM   1182 N  N     . VAL A 1 185 ? -0.465  -6.571  7.390   1.00 41.71 ? 214  VAL A N     1 
ATOM   1183 C  CA    . VAL A 1 185 ? -0.430  -6.104  6.001   1.00 41.43 ? 214  VAL A CA    1 
ATOM   1184 C  C     . VAL A 1 185 ? 0.367   -7.114  5.122   1.00 41.96 ? 214  VAL A C     1 
ATOM   1185 O  O     . VAL A 1 185 ? -0.076  -7.605  4.067   1.00 44.06 ? 214  VAL A O     1 
ATOM   1186 C  CB    . VAL A 1 185 ? 0.193   -4.684  5.890   1.00 45.78 ? 214  VAL A CB    1 
ATOM   1187 C  CG1   . VAL A 1 185 ? 0.520   -4.349  4.392   1.00 43.79 ? 214  VAL A CG1   1 
ATOM   1188 C  CG2   . VAL A 1 185 ? -0.772  -3.620  6.458   1.00 41.70 ? 214  VAL A CG2   1 
ATOM   1189 N  N     . PHE A 1 186 ? 1.535   -7.456  5.594   1.00 42.50 ? 215  PHE A N     1 
ATOM   1190 C  CA    . PHE A 1 186 ? 2.437   -8.329  4.846   1.00 41.07 ? 215  PHE A CA    1 
ATOM   1191 C  C     . PHE A 1 186 ? 2.063   -9.799  4.912   1.00 43.28 ? 215  PHE A C     1 
ATOM   1192 O  O     . PHE A 1 186 ? 2.253   -10.553 3.927   1.00 42.74 ? 215  PHE A O     1 
ATOM   1193 C  CB    . PHE A 1 186 ? 3.871   -8.039  5.240   1.00 43.42 ? 215  PHE A CB    1 
ATOM   1194 C  CG    . PHE A 1 186 ? 4.300   -6.645  4.850   1.00 44.15 ? 215  PHE A CG    1 
ATOM   1195 C  CD1   . PHE A 1 186 ? 4.511   -6.333  3.503   1.00 45.89 ? 215  PHE A CD1   1 
ATOM   1196 C  CD2   . PHE A 1 186 ? 4.445   -5.638  5.793   1.00 44.62 ? 215  PHE A CD2   1 
ATOM   1197 C  CE1   . PHE A 1 186 ? 4.897   -5.064  3.114   1.00 48.49 ? 215  PHE A CE1   1 
ATOM   1198 C  CE2   . PHE A 1 186 ? 4.840   -4.371  5.409   1.00 46.95 ? 215  PHE A CE2   1 
ATOM   1199 C  CZ    . PHE A 1 186 ? 5.089   -4.088  4.062   1.00 44.19 ? 215  PHE A CZ    1 
ATOM   1200 N  N     . ASP A 1 187 ? 1.492   -10.238 6.023   1.00 41.91 ? 216  ASP A N     1 
ATOM   1201 C  CA    . ASP A 1 187 ? 0.905   -11.578 6.059   1.00 40.59 ? 216  ASP A CA    1 
ATOM   1202 C  C     . ASP A 1 187 ? -0.167  -11.678 4.981   1.00 43.16 ? 216  ASP A C     1 
ATOM   1203 O  O     . ASP A 1 187 ? -0.130  -12.585 4.152   1.00 45.19 ? 216  ASP A O     1 
ATOM   1204 C  CB    . ASP A 1 187 ? 0.316   -11.896 7.440   1.00 41.63 ? 216  ASP A CB    1 
ATOM   1205 C  CG    . ASP A 1 187 ? -0.061  -13.358 7.605   1.00 49.71 ? 216  ASP A CG    1 
ATOM   1206 O  OD1   . ASP A 1 187 ? -1.208  -13.745 7.272   1.00 57.79 ? 216  ASP A OD1   1 
ATOM   1207 O  OD2   . ASP A 1 187 ? 0.783   -14.141 8.106   1.00 60.99 ? 216  ASP A OD2   1 
ATOM   1208 N  N     . ALA A 1 188 ? -1.123  -10.746 4.990   1.00 39.96 ? 217  ALA A N     1 
ATOM   1209 C  CA    . ALA A 1 188 ? -2.184  -10.693 3.970   1.00 42.28 ? 217  ALA A CA    1 
ATOM   1210 C  C     . ALA A 1 188 ? -1.628  -10.633 2.547   1.00 43.87 ? 217  ALA A C     1 
ATOM   1211 O  O     . ALA A 1 188 ? -2.137  -11.317 1.660   1.00 43.73 ? 217  ALA A O     1 
ATOM   1212 C  CB    . ALA A 1 188 ? -3.086  -9.485  4.215   1.00 41.51 ? 217  ALA A CB    1 
ATOM   1213 N  N     . ALA A 1 189 ? -0.579  -9.836  2.328   1.00 42.83 ? 218  ALA A N     1 
ATOM   1214 C  CA    . ALA A 1 189 ? 0.051   -9.739  1.006   1.00 42.56 ? 218  ALA A CA    1 
ATOM   1215 C  C     . ALA A 1 189 ? 0.573   -11.105 0.554   1.00 40.56 ? 218  ALA A C     1 
ATOM   1216 O  O     . ALA A 1 189 ? 0.406   -11.493 -0.589  1.00 42.29 ? 218  ALA A O     1 
ATOM   1217 C  CB    . ALA A 1 189 ? 1.194   -8.728  1.004   1.00 44.93 ? 218  ALA A CB    1 
ATOM   1218 N  N     . ILE A 1 190 ? 1.249   -11.803 1.451   1.00 41.44 ? 219  ILE A N     1 
ATOM   1219 C  CA    . ILE A 1 190 ? 1.784   -13.106 1.101   1.00 40.33 ? 219  ILE A CA    1 
ATOM   1220 C  C     . ILE A 1 190 ? 0.665   -14.097 0.817   1.00 40.03 ? 219  ILE A C     1 
ATOM   1221 O  O     . ILE A 1 190 ? 0.738   -14.829 -0.178  1.00 42.71 ? 219  ILE A O     1 
ATOM   1222 C  CB    . ILE A 1 190 ? 2.792   -13.622 2.155   1.00 40.86 ? 219  ILE A CB    1 
ATOM   1223 C  CG1   . ILE A 1 190 ? 4.084   -12.792 2.064   1.00 44.73 ? 219  ILE A CG1   1 
ATOM   1224 C  CG2   . ILE A 1 190 ? 3.071   -15.111 1.941   1.00 39.88 ? 219  ILE A CG2   1 
ATOM   1225 C  CD1   . ILE A 1 190 ? 5.005   -12.842 3.349   1.00 42.80 ? 219  ILE A CD1   1 
ATOM   1226 N  N     . VAL A 1 191 ? -0.373  -14.121 1.655   1.00 39.42 ? 220  VAL A N     1 
ATOM   1227 C  CA    . VAL A 1 191 ? -1.464  -15.075 1.463   1.00 39.54 ? 220  VAL A CA    1 
ATOM   1228 C  C     . VAL A 1 191 ? -2.125  -14.898 0.095   1.00 42.22 ? 220  VAL A C     1 
ATOM   1229 O  O     . VAL A 1 191 ? -2.350  -15.870 -0.635  1.00 41.72 ? 220  VAL A O     1 
ATOM   1230 C  CB    . VAL A 1 191 ? -2.501  -14.991 2.594   1.00 48.92 ? 220  VAL A CB    1 
ATOM   1231 C  CG1   . VAL A 1 191 ? -3.808  -15.703 2.209   1.00 46.54 ? 220  VAL A CG1   1 
ATOM   1232 C  CG2   . VAL A 1 191 ? -1.924  -15.532 3.913   1.00 43.44 ? 220  VAL A CG2   1 
ATOM   1233 N  N     . ALA A 1 192 ? -2.403  -13.653 -0.251  1.00 44.69 ? 221  ALA A N     1 
ATOM   1234 C  CA    . ALA A 1 192 ? -3.017  -13.271 -1.522  1.00 42.07 ? 221  ALA A CA    1 
ATOM   1235 C  C     . ALA A 1 192 ? -2.054  -13.596 -2.658  1.00 41.92 ? 221  ALA A C     1 
ATOM   1236 O  O     . ALA A 1 192 ? -2.432  -14.136 -3.701  1.00 44.26 ? 221  ALA A O     1 
ATOM   1237 C  CB    . ALA A 1 192 ? -3.336  -11.737 -1.512  1.00 39.28 ? 221  ALA A CB    1 
ATOM   1238 N  N     . GLY A 1 193 ? -0.781  -13.293 -2.437  1.00 41.81 ? 222  GLY A N     1 
ATOM   1239 C  CA    . GLY A 1 193 ? 0.253   -13.500 -3.458  1.00 39.96 ? 222  GLY A CA    1 
ATOM   1240 C  C     . GLY A 1 193 ? 0.522   -14.944 -3.795  1.00 41.55 ? 222  GLY A C     1 
ATOM   1241 O  O     . GLY A 1 193 ? 0.743   -15.270 -4.964  1.00 48.24 ? 222  GLY A O     1 
ATOM   1242 N  N     . ILE A 1 194 ? 0.539   -15.823 -2.789  1.00 43.02 ? 223  ILE A N     1 
ATOM   1243 C  CA    . ILE A 1 194 ? 0.694   -17.279 -3.027  1.00 43.71 ? 223  ILE A CA    1 
ATOM   1244 C  C     . ILE A 1 194 ? -0.515  -17.836 -3.752  1.00 48.12 ? 223  ILE A C     1 
ATOM   1245 O  O     . ILE A 1 194 ? -0.386  -18.610 -4.710  1.00 48.38 ? 223  ILE A O     1 
ATOM   1246 C  CB    . ILE A 1 194 ? 0.893   -18.051 -1.693  1.00 45.63 ? 223  ILE A CB    1 
ATOM   1247 C  CG1   . ILE A 1 194 ? 2.256   -17.707 -1.108  1.00 42.73 ? 223  ILE A CG1   1 
ATOM   1248 C  CG2   . ILE A 1 194 ? 0.751   -19.568 -1.869  1.00 38.74 ? 223  ILE A CG2   1 
ATOM   1249 C  CD1   . ILE A 1 194 ? 2.432   -18.141 0.322   1.00 47.44 ? 223  ILE A CD1   1 
ATOM   1250 N  N     . GLN A 1 195 ? -1.701  -17.457 -3.297  1.00 46.94 ? 224  GLN A N     1 
ATOM   1251 C  CA    . GLN A 1 195 ? -2.940  -17.910 -3.947  1.00 48.07 ? 224  GLN A CA    1 
ATOM   1252 C  C     . GLN A 1 195 ? -2.928  -17.547 -5.433  1.00 46.95 ? 224  GLN A C     1 
ATOM   1253 O  O     . GLN A 1 195 ? -3.158  -18.401 -6.299  1.00 49.01 ? 224  GLN A O     1 
ATOM   1254 C  CB    . GLN A 1 195 ? -4.162  -17.286 -3.256  1.00 49.82 ? 224  GLN A CB    1 
ATOM   1255 C  CG    . GLN A 1 195 ? -5.513  -17.924 -3.644  1.00 50.95 ? 224  GLN A CG    1 
ATOM   1256 C  CD    . GLN A 1 195 ? -6.703  -17.090 -3.191  1.00 55.75 ? 224  GLN A CD    1 
ATOM   1257 O  OE1   . GLN A 1 195 ? -6.621  -16.350 -2.209  1.00 86.10 ? 224  GLN A OE1   1 
ATOM   1258 N  NE2   . GLN A 1 195 ? -7.814  -17.204 -3.912  1.00 85.13 ? 224  GLN A NE2   1 
ATOM   1259 N  N     . TYR A 1 196 ? -2.644  -16.284 -5.735  1.00 43.59 ? 225  TYR A N     1 
ATOM   1260 C  CA    . TYR A 1 196 ? -2.507  -15.851 -7.121  1.00 43.13 ? 225  TYR A CA    1 
ATOM   1261 C  C     . TYR A 1 196 ? -1.414  -16.647 -7.828  1.00 47.23 ? 225  TYR A C     1 
ATOM   1262 O  O     . TYR A 1 196 ? -1.682  -17.319 -8.824  1.00 45.46 ? 225  TYR A O     1 
ATOM   1263 C  CB    . TYR A 1 196 ? -2.243  -14.341 -7.212  1.00 43.64 ? 225  TYR A CB    1 
ATOM   1264 C  CG    . TYR A 1 196 ? -2.035  -13.848 -8.639  1.00 46.34 ? 225  TYR A CG    1 
ATOM   1265 C  CD1   . TYR A 1 196 ? -3.045  -13.952 -9.595  1.00 48.47 ? 225  TYR A CD1   1 
ATOM   1266 C  CD2   . TYR A 1 196 ? -0.820  -13.298 -9.030  1.00 52.83 ? 225  TYR A CD2   1 
ATOM   1267 C  CE1   . TYR A 1 196 ? -2.839  -13.502 -10.901 1.00 58.35 ? 225  TYR A CE1   1 
ATOM   1268 C  CE2   . TYR A 1 196 ? -0.608  -12.840 -10.312 1.00 57.72 ? 225  TYR A CE2   1 
ATOM   1269 C  CZ    . TYR A 1 196 ? -1.612  -12.947 -11.251 1.00 58.38 ? 225  TYR A CZ    1 
ATOM   1270 O  OH    . TYR A 1 196 ? -1.379  -12.489 -12.527 1.00 61.80 ? 225  TYR A OH    1 
ATOM   1271 N  N     . SER A 1 197 ? -0.188  -16.614 -7.307  1.00 46.59 ? 226  SER A N     1 
ATOM   1272 C  CA    . SER A 1 197 ? 0.921   -17.346 -7.938  1.00 56.43 ? 226  SER A CA    1 
ATOM   1273 C  C     . SER A 1 197 ? 0.538   -18.789 -8.255  1.00 53.47 ? 226  SER A C     1 
ATOM   1274 O  O     . SER A 1 197 ? 0.813   -19.291 -9.352  1.00 50.62 ? 226  SER A O     1 
ATOM   1275 C  CB    . SER A 1 197 ? 2.188   -17.325 -7.066  1.00 62.14 ? 226  SER A CB    1 
ATOM   1276 O  OG    . SER A 1 197 ? 3.277   -16.717 -7.750  1.00 80.15 ? 226  SER A OG    1 
ATOM   1277 N  N     . ASP A 1 198 ? -0.099  -19.448 -7.294  1.00 54.46 ? 227  ASP A N     1 
ATOM   1278 C  CA    . ASP A 1 198 ? -0.544  -20.828 -7.462  1.00 56.16 ? 227  ASP A CA    1 
ATOM   1279 C  C     . ASP A 1 198 ? -1.745  -20.871 -8.401  1.00 56.09 ? 227  ASP A C     1 
ATOM   1280 O  O     . ASP A 1 198 ? -1.915  -21.849 -9.135  1.00 56.97 ? 227  ASP A O     1 
ATOM   1281 C  CB    . ASP A 1 198 ? -0.915  -21.444 -6.104  1.00 57.65 ? 227  ASP A CB    1 
ATOM   1282 C  CG    . ASP A 1 198 ? 0.304   -21.700 -5.206  1.00 63.57 ? 227  ASP A CG    1 
ATOM   1283 O  OD1   . ASP A 1 198 ? 1.462   -21.563 -5.676  1.00 52.14 ? 227  ASP A OD1   1 
ATOM   1284 O  OD2   . ASP A 1 198 ? 0.099   -22.052 -4.020  1.00 53.60 ? 227  ASP A OD2   1 
HETATM 1285 MG MG    . MG  B 2 .   ? 9.663   6.557   -0.455  1.00 40.13 ? 1    MG  A MG    1 
HETATM 1286 P  PB    . GDP C 3 .   ? 6.560   7.478   0.533   1.00 37.44 ? 3444 GDP A PB    1 
HETATM 1287 O  O1B   . GDP C 3 .   ? 5.235   6.977   0.168   1.00 33.41 ? 3444 GDP A O1B   1 
HETATM 1288 O  O2B   . GDP C 3 .   ? 7.655   6.464   0.385   1.00 37.00 ? 3444 GDP A O2B   1 
HETATM 1289 O  O3B   . GDP C 3 .   ? 6.917   8.751   -0.247  1.00 39.98 ? 3444 GDP A O3B   1 
HETATM 1290 O  O3A   . GDP C 3 .   ? 6.648   7.889   2.098   1.00 32.37 ? 3444 GDP A O3A   1 
HETATM 1291 P  PA    . GDP C 3 .   ? 7.760   7.933   3.162   1.00 36.80 ? 3444 GDP A PA    1 
HETATM 1292 O  O1A   . GDP C 3 .   ? 8.974   8.697   2.593   1.00 42.26 ? 3444 GDP A O1A   1 
HETATM 1293 O  O2A   . GDP C 3 .   ? 8.211   6.617   3.726   1.00 39.21 ? 3444 GDP A O2A   1 
HETATM 1294 O  "O5'" . GDP C 3 .   ? 7.112   8.768   4.383   1.00 38.26 ? 3444 GDP A "O5'" 1 
HETATM 1295 C  "C5'" . GDP C 3 .   ? 6.563   10.066  4.204   1.00 36.35 ? 3444 GDP A "C5'" 1 
HETATM 1296 C  "C4'" . GDP C 3 .   ? 6.658   10.849  5.487   1.00 38.93 ? 3444 GDP A "C4'" 1 
HETATM 1297 O  "O4'" . GDP C 3 .   ? 5.688   10.297  6.399   1.00 36.37 ? 3444 GDP A "O4'" 1 
HETATM 1298 C  "C3'" . GDP C 3 .   ? 7.968   10.758  6.222   1.00 38.23 ? 3444 GDP A "C3'" 1 
HETATM 1299 O  "O3'" . GDP C 3 .   ? 8.151   11.936  7.010   1.00 39.51 ? 3444 GDP A "O3'" 1 
HETATM 1300 C  "C2'" . GDP C 3 .   ? 7.800   9.568   7.200   1.00 29.88 ? 3444 GDP A "C2'" 1 
HETATM 1301 O  "O2'" . GDP C 3 .   ? 8.575   9.633   8.360   1.00 33.19 ? 3444 GDP A "O2'" 1 
HETATM 1302 C  "C1'" . GDP C 3 .   ? 6.363   9.801   7.569   1.00 32.46 ? 3444 GDP A "C1'" 1 
HETATM 1303 N  N9    . GDP C 3 .   ? 5.650   8.517   7.928   1.00 31.46 ? 3444 GDP A N9    1 
HETATM 1304 C  C8    . GDP C 3 .   ? 5.578   7.375   7.201   1.00 32.47 ? 3444 GDP A C8    1 
HETATM 1305 N  N7    . GDP C 3 .   ? 4.739   6.431   7.797   1.00 32.32 ? 3444 GDP A N7    1 
HETATM 1306 C  C5    . GDP C 3 .   ? 4.294   7.076   8.904   1.00 31.02 ? 3444 GDP A C5    1 
HETATM 1307 C  C6    . GDP C 3 .   ? 3.364   6.697   9.962   1.00 36.23 ? 3444 GDP A C6    1 
HETATM 1308 O  O6    . GDP C 3 .   ? 2.835   5.548   9.948   1.00 30.28 ? 3444 GDP A O6    1 
HETATM 1309 N  N1    . GDP C 3 .   ? 3.099   7.590   10.881  1.00 27.08 ? 3444 GDP A N1    1 
HETATM 1310 C  C2    . GDP C 3 .   ? 3.632   8.856   10.934  1.00 32.23 ? 3444 GDP A C2    1 
HETATM 1311 N  N2    . GDP C 3 .   ? 3.271   9.689   11.913  1.00 30.70 ? 3444 GDP A N2    1 
HETATM 1312 N  N3    . GDP C 3 .   ? 4.476   9.270   9.997   1.00 30.73 ? 3444 GDP A N3    1 
HETATM 1313 C  C4    . GDP C 3 .   ? 4.837   8.435   8.974   1.00 33.49 ? 3444 GDP A C4    1 
HETATM 1314 O  O     . HOH D 4 .   ? -7.685  6.574   15.839  1.00 32.56 ? 3445 HOH A O     1 
HETATM 1315 O  O     . HOH D 4 .   ? -9.851  17.558  10.342  1.00 33.49 ? 3446 HOH A O     1 
HETATM 1316 O  O     . HOH D 4 .   ? -1.947  22.512  12.192  1.00 44.67 ? 3447 HOH A O     1 
HETATM 1317 O  O     . HOH D 4 .   ? -7.421  -2.711  9.492   1.00 34.52 ? 3448 HOH A O     1 
HETATM 1318 O  O     . HOH D 4 .   ? -1.662  3.648   15.511  1.00 33.93 ? 3449 HOH A O     1 
HETATM 1319 O  O     . HOH D 4 .   ? 3.771   4.147   6.468   1.00 30.58 ? 3450 HOH A O     1 
HETATM 1320 O  O     . HOH D 4 .   ? 1.602   3.324   7.873   1.00 29.90 ? 3451 HOH A O     1 
HETATM 1321 O  O     . HOH D 4 .   ? 7.778   -22.908 3.700   1.00 40.96 ? 3452 HOH A O     1 
HETATM 1322 O  O     . HOH D 4 .   ? 4.181   -10.498 8.585   1.00 40.88 ? 3453 HOH A O     1 
HETATM 1323 O  O     . HOH D 4 .   ? 7.827   -20.087 9.693   1.00 37.65 ? 3454 HOH A O     1 
HETATM 1324 O  O     . HOH D 4 .   ? -11.060 6.692   -4.525  1.00 48.92 ? 3455 HOH A O     1 
HETATM 1325 O  O     . HOH D 4 .   ? -12.344 9.265   9.920   1.00 36.71 ? 3456 HOH A O     1 
HETATM 1326 O  O     . HOH D 4 .   ? -1.739  15.589  18.948  1.00 43.05 ? 3457 HOH A O     1 
HETATM 1327 O  O     . HOH D 4 .   ? 3.287   12.435  4.799   1.00 41.77 ? 3458 HOH A O     1 
HETATM 1328 O  O     . HOH D 4 .   ? 9.215   -18.716 -0.653  1.00 37.86 ? 3459 HOH A O     1 
HETATM 1329 O  O     . HOH D 4 .   ? 3.478   -18.087 11.498  1.00 42.47 ? 3460 HOH A O     1 
HETATM 1330 O  O     . HOH D 4 .   ? 2.768   -5.415  13.503  1.00 35.72 ? 3461 HOH A O     1 
HETATM 1331 O  O     . HOH D 4 .   ? -6.772  -9.806  2.282   1.00 43.66 ? 3462 HOH A O     1 
HETATM 1332 O  O     . HOH D 4 .   ? -13.012 5.713   10.851  1.00 42.94 ? 3463 HOH A O     1 
HETATM 1333 O  O     . HOH D 4 .   ? -0.746  10.737  16.917  1.00 42.69 ? 3464 HOH A O     1 
HETATM 1334 O  O     . HOH D 4 .   ? 4.123   12.484  11.690  1.00 37.11 ? 3465 HOH A O     1 
HETATM 1335 O  O     . HOH D 4 .   ? 10.997  6.615   4.522   1.00 42.58 ? 3466 HOH A O     1 
HETATM 1336 O  O     . HOH D 4 .   ? -12.396 15.078  3.808   1.00 39.17 ? 3467 HOH A O     1 
HETATM 1337 O  O     . HOH D 4 .   ? 1.514   10.194  15.904  1.00 35.07 ? 3468 HOH A O     1 
HETATM 1338 O  O     . HOH D 4 .   ? 2.076   16.474  13.248  1.00 53.27 ? 3469 HOH A O     1 
HETATM 1339 O  O     . HOH D 4 .   ? 2.988   -13.054 8.815   1.00 52.27 ? 3470 HOH A O     1 
HETATM 1340 O  O     . HOH D 4 .   ? -10.744 -11.287 -0.271  1.00 56.07 ? 3471 HOH A O     1 
HETATM 1341 O  O     . HOH D 4 .   ? -13.181 19.407  8.585   1.00 39.83 ? 3472 HOH A O     1 
HETATM 1342 O  O     . HOH D 4 .   ? 8.051   -13.516 10.235  1.00 46.13 ? 3473 HOH A O     1 
HETATM 1343 O  O     . HOH D 4 .   ? 4.047   4.569   -6.448  1.00 48.10 ? 3474 HOH A O     1 
HETATM 1344 O  O     . HOH D 4 .   ? -2.378  7.023   -2.874  1.00 38.42 ? 3475 HOH A O     1 
HETATM 1345 O  O     . HOH D 4 .   ? 2.464   12.951  15.449  1.00 46.80 ? 3476 HOH A O     1 
HETATM 1346 O  O     . HOH D 4 .   ? 0.585   12.577  5.414   1.00 43.22 ? 3477 HOH A O     1 
HETATM 1347 O  O     . HOH D 4 .   ? 2.613   8.705   -13.424 1.00 67.21 ? 3478 HOH A O     1 
HETATM 1348 O  O     . HOH D 4 .   ? -5.441  5.673   14.914  1.00 42.90 ? 3479 HOH A O     1 
HETATM 1349 O  O     . HOH D 4 .   ? 3.877   -9.736  -15.155 1.00 69.42 ? 3480 HOH A O     1 
HETATM 1350 O  O     . HOH D 4 .   ? -11.935 17.684  12.074  1.00 41.10 ? 3481 HOH A O     1 
HETATM 1351 O  O     . HOH D 4 .   ? 10.918  -15.730 9.097   1.00 55.68 ? 3482 HOH A O     1 
HETATM 1352 O  O     . HOH D 4 .   ? -12.747 -6.060  -0.160  1.00 55.42 ? 3483 HOH A O     1 
HETATM 1353 O  O     . HOH D 4 .   ? 2.303   11.422  -5.957  1.00 46.17 ? 3484 HOH A O     1 
HETATM 1354 O  O     . HOH D 4 .   ? -14.748 16.564  4.806   1.00 59.72 ? 3485 HOH A O     1 
HETATM 1355 O  O     . HOH D 4 .   ? -3.467  -10.263 7.917   1.00 40.83 ? 3486 HOH A O     1 
HETATM 1356 O  O     . HOH D 4 .   ? -4.778  -11.936 1.887   1.00 48.53 ? 3487 HOH A O     1 
HETATM 1357 O  O     . HOH D 4 .   ? -15.687 4.289   9.690   1.00 45.73 ? 3488 HOH A O     1 
HETATM 1358 O  O     . HOH D 4 .   ? -9.043  -11.264 2.552   1.00 64.37 ? 3489 HOH A O     1 
HETATM 1359 O  O     . HOH D 4 .   ? -15.716 4.868   -0.519  1.00 51.97 ? 3490 HOH A O     1 
HETATM 1360 O  O     . HOH D 4 .   ? 8.305   -6.338  11.680  1.00 53.80 ? 3491 HOH A O     1 
HETATM 1361 O  O     . HOH D 4 .   ? -2.528  -15.775 7.768   1.00 57.91 ? 3492 HOH A O     1 
HETATM 1362 O  O     . HOH D 4 .   ? -12.283 15.066  12.730  1.00 39.33 ? 3493 HOH A O     1 
HETATM 1363 O  O     . HOH D 4 .   ? -3.578  -12.635 6.612   1.00 44.83 ? 3494 HOH A O     1 
HETATM 1364 O  O     . HOH D 4 .   ? -13.094 12.733  11.522  1.00 36.51 ? 3495 HOH A O     1 
HETATM 1365 O  O     . HOH D 4 .   ? -5.353  -13.056 4.463   1.00 48.12 ? 3496 HOH A O     1 
HETATM 1366 O  O     . HOH D 4 .   ? -15.501 8.471   -0.205  1.00 54.79 ? 3497 HOH A O     1 
HETATM 1367 O  O     . HOH D 4 .   ? 5.630   -23.667 2.490   1.00 51.43 ? 3498 HOH A O     1 
HETATM 1368 O  O     . HOH D 4 .   ? 8.855   5.646   -1.505  1.00 34.85 ? 3499 HOH A O     1 
HETATM 1369 O  O     . HOH D 4 .   ? 10.494  7.571   0.641   1.00 42.02 ? 3500 HOH A O     1 
HETATM 1370 O  O     . HOH D 4 .   ? 8.660   7.943   -1.954  1.00 40.68 ? 3501 HOH A O     1 
HETATM 1371 O  O     . HOH D 4 .   ? 0.258   12.392  0.398   1.00 54.47 ? 3502 HOH A O     1 
HETATM 1372 O  O     . HOH D 4 .   ? 6.939   8.110   -3.740  1.00 45.31 ? 3503 HOH A O     1 
HETATM 1373 O  O     . HOH D 4 .   ? 11.130  6.269   -1.980  1.00 43.15 ? 3504 HOH A O     1 
HETATM 1374 O  O     . HOH D 4 .   ? 14.764  -12.449 6.509   1.00 47.56 ? 3505 HOH A O     1 
HETATM 1375 O  O     . HOH D 4 .   ? 9.532   -10.434 9.232   1.00 59.46 ? 3506 HOH A O     1 
HETATM 1376 O  O     . HOH D 4 .   ? 0.367   -15.960 9.766   1.00 49.89 ? 3507 HOH A O     1 
HETATM 1377 O  O     . HOH D 4 .   ? -5.955  15.749  1.015   1.00 45.94 ? 3508 HOH A O     1 
HETATM 1378 O  O     . HOH D 4 .   ? -11.489 11.519  -0.198  1.00 52.75 ? 3509 HOH A O     1 
HETATM 1379 O  O     . HOH D 4 .   ? -12.277 10.690  2.203   1.00 45.86 ? 3510 HOH A O     1 
HETATM 1380 O  O     . HOH D 4 .   ? -12.386 12.468  4.532   1.00 39.57 ? 3511 HOH A O     1 
HETATM 1381 O  O     . HOH D 4 .   ? -17.492 5.901   11.236  1.00 53.87 ? 3512 HOH A O     1 
HETATM 1382 O  O     . HOH D 4 .   ? -7.928  -8.305  -5.612  1.00 49.15 ? 3513 HOH A O     1 
HETATM 1383 O  O     . HOH D 4 .   ? -11.757 -5.296  4.036   1.00 44.40 ? 3514 HOH A O     1 
HETATM 1384 O  O     . HOH D 4 .   ? -8.590  -6.096  7.223   1.00 45.87 ? 3515 HOH A O     1 
HETATM 1385 O  O     A HOH D 4 .   ? -1.025  -19.436 4.371   0.50 39.77 ? 3516 HOH A O     1 
HETATM 1386 O  O     B HOH D 4 .   ? -0.682  -19.291 2.295   0.50 52.62 ? 3516 HOH A O     1 
HETATM 1387 O  O     . HOH D 4 .   ? 15.499  -13.430 1.360   1.00 54.36 ? 3517 HOH A O     1 
HETATM 1388 O  O     . HOH D 4 .   ? 6.886   -13.178 -9.172  1.00 59.56 ? 3518 HOH A O     1 
HETATM 1389 O  O     . HOH D 4 .   ? -2.801  15.553  5.938   1.00 45.74 ? 3519 HOH A O     1 
HETATM 1390 O  O     . HOH D 4 .   ? -1.606  12.897  -2.671  1.00 43.51 ? 3520 HOH A O     1 
HETATM 1391 O  O     . HOH D 4 .   ? -0.198  13.332  18.226  1.00 44.47 ? 3521 HOH A O     1 
HETATM 1392 O  O     . HOH D 4 .   ? -0.218  17.623  17.107  1.00 41.76 ? 3522 HOH A O     1 
HETATM 1393 O  O     . HOH D 4 .   ? -15.697 19.255  7.194   1.00 66.76 ? 3523 HOH A O     1 
HETATM 1394 O  O     . HOH D 4 .   ? -0.966  -4.613  15.515  1.00 40.17 ? 3524 HOH A O     1 
HETATM 1395 O  O     . HOH D 4 .   ? -4.481  -16.771 9.592   1.00 66.97 ? 3525 HOH A O     1 
HETATM 1396 O  O     . HOH D 4 .   ? 11.198  10.001  4.498   1.00 61.00 ? 3526 HOH A O     1 
HETATM 1397 O  O     . HOH D 4 .   ? -13.611 11.501  9.045   1.00 47.07 ? 3527 HOH A O     1 
HETATM 1398 O  O     . HOH D 4 .   ? -2.902  6.230   17.460  1.00 60.40 ? 3528 HOH A O     1 
HETATM 1399 O  O     . HOH D 4 .   ? -6.256  -13.635 0.250   1.00 49.48 ? 3529 HOH A O     1 
HETATM 1400 O  O     . HOH D 4 .   ? 3.270   13.683  9.029   1.00 55.11 ? 3530 HOH A O     1 
HETATM 1401 O  O     . HOH D 4 .   ? -11.330 2.225   -10.361 1.00 63.20 ? 3531 HOH A O     1 
HETATM 1402 O  O     . HOH D 4 .   ? -6.627  0.898   -16.801 1.00 54.64 ? 3532 HOH A O     1 
HETATM 1403 O  O     . HOH D 4 .   ? 7.964   11.201  0.332   1.00 52.71 ? 3533 HOH A O     1 
HETATM 1404 O  O     . HOH D 4 .   ? -11.116 5.167   12.620  1.00 50.30 ? 3534 HOH A O     1 
HETATM 1405 O  O     . HOH D 4 .   ? 13.362  -11.633 -2.569  1.00 57.48 ? 3535 HOH A O     1 
HETATM 1406 O  O     . HOH D 4 .   ? -6.373  19.305  3.182   1.00 55.05 ? 3536 HOH A O     1 
HETATM 1407 O  O     . HOH D 4 .   ? -11.310 -3.858  6.603   1.00 54.92 ? 3537 HOH A O     1 
HETATM 1408 O  O     . HOH D 4 .   ? -6.990  -7.269  -8.811  1.00 58.25 ? 3538 HOH A O     1 
HETATM 1409 O  O     . HOH D 4 .   ? 0.550   -6.497  14.484  1.00 55.96 ? 3539 HOH A O     1 
HETATM 1410 O  O     . HOH D 4 .   ? -5.500  -14.378 -4.036  1.00 59.09 ? 3540 HOH A O     1 
HETATM 1411 O  O     . HOH D 4 .   ? -1.305  -19.106 -11.265 1.00 72.24 ? 3541 HOH A O     1 
HETATM 1412 O  O     . HOH D 4 .   ? -9.824  3.219   11.929  1.00 47.11 ? 3542 HOH A O     1 
HETATM 1413 O  O     . HOH D 4 .   ? -7.766  -0.948  12.008  1.00 58.91 ? 3543 HOH A O     1 
HETATM 1414 O  O     . HOH D 4 .   ? -7.216  -5.316  9.626   1.00 54.94 ? 3544 HOH A O     1 
HETATM 1415 O  O     . HOH D 4 .   ? -10.340 -2.274  8.574   1.00 56.60 ? 3545 HOH A O     1 
HETATM 1416 O  O     . HOH D 4 .   ? -18.733 7.348   8.753   1.00 67.04 ? 3546 HOH A O     1 
HETATM 1417 O  O     . HOH D 4 .   ? -18.007 6.278   5.991   1.00 59.29 ? 3547 HOH A O     1 
HETATM 1418 O  O     . HOH D 4 .   ? -17.099 9.100   3.677   1.00 59.71 ? 3548 HOH A O     1 
HETATM 1419 O  O     . HOH D 4 .   ? -14.518 9.374   2.066   1.00 56.81 ? 3549 HOH A O     1 
HETATM 1420 O  O     . HOH D 4 .   ? 6.261   12.664  10.314  1.00 61.74 ? 3550 HOH A O     1 
HETATM 1421 O  O     . HOH D 4 .   ? 3.577   14.232  13.450  1.00 46.73 ? 3551 HOH A O     1 
HETATM 1422 O  O     . HOH D 4 .   ? -0.328  14.516  6.966   1.00 53.35 ? 3552 HOH A O     1 
HETATM 1423 O  O     . HOH D 4 .   ? 1.484   14.939  8.081   1.00 56.99 ? 3553 HOH A O     1 
HETATM 1424 O  O     . HOH D 4 .   ? -3.337  18.943  4.752   1.00 61.74 ? 3554 HOH A O     1 
HETATM 1425 O  O     . HOH D 4 .   ? -2.992  17.752  7.559   1.00 44.78 ? 3555 HOH A O     1 
HETATM 1426 O  O     A HOH D 4 .   ? -2.112  -16.522 10.182  0.50 44.12 ? 3556 HOH A O     1 
HETATM 1427 O  O     B HOH D 4 .   ? -2.796  -14.739 10.239  0.50 45.18 ? 3556 HOH A O     1 
HETATM 1428 O  O     . HOH D 4 .   ? -8.625  -12.699 0.393   1.00 70.75 ? 3557 HOH A O     1 
HETATM 1429 O  O     . HOH D 4 .   ? 13.205  7.278   3.274   1.00 54.35 ? 3558 HOH A O     1 
HETATM 1430 O  O     . HOH D 4 .   ? -2.279  -11.954 10.148  1.00 56.64 ? 3559 HOH A O     1 
HETATM 1431 O  O     . HOH D 4 .   ? -12.366 25.631  9.481   1.00 70.68 ? 3560 HOH A O     1 
HETATM 1432 O  O     . HOH D 4 .   ? -8.405  28.222  5.658   1.00 71.54 ? 3561 HOH A O     1 
HETATM 1433 O  O     . HOH D 4 .   ? 10.965  9.553   -3.003  1.00 55.19 ? 3562 HOH A O     1 
HETATM 1434 O  O     . HOH D 4 .   ? 8.570   13.057  2.692   1.00 60.11 ? 3563 HOH A O     1 
HETATM 1435 O  O     . HOH D 4 .   ? 5.300   14.438  -11.130 1.00 75.85 ? 3564 HOH A O     1 
HETATM 1436 O  O     . HOH D 4 .   ? 3.143   14.012  -9.308  1.00 56.75 ? 3565 HOH A O     1 
HETATM 1437 O  O     . HOH D 4 .   ? 16.146  -6.159  2.249   1.00 61.45 ? 3566 HOH A O     1 
HETATM 1438 O  O     . HOH D 4 .   ? -8.123  -10.591 -4.837  1.00 53.91 ? 3567 HOH A O     1 
HETATM 1439 O  O     . HOH D 4 .   ? 10.327  -11.912 -8.991  1.00 62.73 ? 3568 HOH A O     1 
# 
